data_2H88
#
_entry.id   2H88
#
_cell.length_a   119.972
_cell.length_b   199.391
_cell.length_c   68.063
_cell.angle_alpha   90.00
_cell.angle_beta   90.35
_cell.angle_gamma   90.00
#
_symmetry.space_group_name_H-M   'P 1 21 1'
#
loop_
_entity.id
_entity.type
_entity.pdbx_description
1 polymer 'SUCCINATE DEHYDROGENASE FLAVOPROTEIN SUBUNIT'
2 polymer 'Succinate dehydrogenase Ip subunit'
3 polymer 'SUCCINATE DEHYDROGENASE CYTOCHROME B, LARGE SUBUNIT'
4 polymer 'Succinate dehydrogenase cytochrome B, small subunit'
5 non-polymer 'POTASSIUM ION'
6 non-polymer 'AZIDE ION'
7 non-polymer 'FLAVIN-ADENINE DINUCLEOTIDE'
8 non-polymer 'MALATE LIKE INTERMEDIATE'
9 non-polymer 'UNKNOWN LIGAND'
10 non-polymer 'FE2/S2 (INORGANIC) CLUSTER'
11 non-polymer 'IRON/SULFUR CLUSTER'
12 non-polymer 'FE3-S4 CLUSTER'
13 non-polymer GLYCEROL
14 non-polymer 'hexyl beta-D-galactopyranoside'
15 non-polymer 'PROTOPORPHYRIN IX CONTAINING FE'
16 water water
#
loop_
_entity_poly.entity_id
_entity_poly.type
_entity_poly.pdbx_seq_one_letter_code
_entity_poly.pdbx_strand_id
1 'polypeptide(L)'
;STKVSDSISTQYPVVDHEFDAVVVGAGGAGLRAAFGLSEAGFNTACVTKLFPTRSHTVAAQGGINAALGNMEDDNWRWHF
YDTVKGSDWLGDQDAIHYMTEQAPAAVIELENYGMPFSRTEEGKIYQRAFGGQSLQFGKGGQAHRCCCVADRTGHSLLHT
LYGRSLRYDTSYFVEYFALDLLMENGECRGVIALCIEDGTIHRFRAKNTVIATGGYGRTYFSCTSAHTSTGDGTAMVTRA
GLPCQDLEFVQFHPTGIYGAGCLITEGCRGEGGILINSQGERFMERYAPVAKDLASRDVVSRSMTIEIREGRGCGPEKDH
VYLQLHHLPPQQLATRLPGISETAMIFAGVDVTKEPIPVLPTVHYNMGGIPTNYKGQVITHVNGEDKVVPGLYACGEAAS
ASVHGANRLGANSLLDLVVFGRACALTIAETCKPGEPVPSIKPNAGEESVANLDKLRFADGTIRTSEARLNMQKTMQSHA
AVFRTGSILQEGCEKLSQIYRDLAHLKTFDRGIVWNTDLVETLELQNLMLCALQTIYGAEARKESRGAHAREDYKLRIDE
FDYSKPLQGQQKRPFEEHWRKHTLSYVDVKSGKVTLKYRPVIDRTLNEEDCSSVPPAIRSY
;
A,N
2 'polypeptide(L)'
;AQTAAAATSRIKKFSIYRWDPDKPGDKPRMQTYEVDLNKCGPMVLDALIKIKNELDSTLTFRRSCREGICGSCAMNIAGG
NTLACTKKIDPDLSKTTKIYPLPHMYVVKDLVPDLSNFYAQYKSIEPYLKKKDESKQGKEQYLQSIEDRQKLDGLYECIL
CACCSTSCPSYWWNGDKYLGPAVLMQAYRWMIDSRDDYTEERLAQLQDPFSLYRCHTIMNCTRTCPKGLNPGKAIAEIKK
MMATYKEKAAAA
;
B,O
3 'polypeptide(L)'
;MATTAKEEMARFWEKNTKSSRPLSPHISIYKWSLPMAMSITHRGTGVALSLGVSLFSLAALLLPEQFPHYVAVVKSLSLS
PALIYSAKFALVFPLSYHTWNGIRHLVWDMGKGFKLSQVEQSGVVVLILTLLSSAAIASE
;
C,P
4 'polypeptide(L)'
;GSSKAASLHWTSERAVSALLLGLLPAAYLYPGPAVDYSLAAALTLHGHWGLGQVITDYVHGDTPIKVANTGLYVLSAITF
TGLCYFNYYDVGICKAVAMLWSI
;
D,Q
#
# COMPACT_ATOMS: atom_id res chain seq x y z
N THR A 10 -51.46 -20.53 -48.09
CA THR A 10 -50.68 -19.46 -48.80
C THR A 10 -50.14 -18.40 -47.85
N GLN A 11 -50.69 -18.35 -46.65
CA GLN A 11 -50.23 -17.39 -45.66
C GLN A 11 -48.88 -17.88 -45.11
N TYR A 12 -48.65 -19.18 -45.15
CA TYR A 12 -47.38 -19.68 -44.67
C TYR A 12 -46.67 -20.43 -45.79
N PRO A 13 -45.57 -19.87 -46.28
CA PRO A 13 -44.83 -20.53 -47.36
C PRO A 13 -44.20 -21.81 -46.76
N VAL A 14 -44.31 -22.92 -47.46
CA VAL A 14 -43.76 -24.18 -47.00
C VAL A 14 -42.45 -24.54 -47.71
N VAL A 15 -41.45 -25.00 -46.94
CA VAL A 15 -40.15 -25.43 -47.51
C VAL A 15 -40.09 -26.94 -47.39
N ASP A 16 -39.84 -27.66 -48.50
CA ASP A 16 -39.81 -29.12 -48.45
C ASP A 16 -38.35 -29.63 -48.48
N HIS A 17 -38.09 -30.70 -47.72
CA HIS A 17 -36.76 -31.32 -47.64
C HIS A 17 -36.93 -32.82 -47.90
N GLU A 18 -35.97 -33.46 -48.53
CA GLU A 18 -36.05 -34.90 -48.79
C GLU A 18 -34.84 -35.56 -48.11
N PHE A 19 -35.11 -36.57 -47.30
CA PHE A 19 -34.01 -37.26 -46.61
C PHE A 19 -34.25 -38.76 -46.59
N ASP A 20 -33.20 -39.55 -46.30
CA ASP A 20 -33.42 -41.00 -46.17
C ASP A 20 -34.15 -41.23 -44.84
N ALA A 21 -33.74 -40.48 -43.81
CA ALA A 21 -34.36 -40.66 -42.48
C ALA A 21 -34.42 -39.35 -41.69
N VAL A 22 -35.43 -39.20 -40.82
CA VAL A 22 -35.52 -37.99 -40.01
C VAL A 22 -35.66 -38.42 -38.51
N VAL A 23 -34.87 -37.83 -37.65
CA VAL A 23 -34.96 -38.16 -36.19
C VAL A 23 -35.48 -36.88 -35.50
N VAL A 24 -36.54 -36.99 -34.68
CA VAL A 24 -37.06 -35.83 -33.94
C VAL A 24 -36.59 -35.97 -32.47
N GLY A 25 -35.65 -35.12 -32.06
CA GLY A 25 -35.11 -35.22 -30.72
C GLY A 25 -33.59 -35.29 -30.78
N ALA A 26 -32.93 -34.54 -29.89
CA ALA A 26 -31.48 -34.51 -29.83
C ALA A 26 -30.97 -34.66 -28.39
N GLY A 27 -31.70 -35.45 -27.60
CA GLY A 27 -31.23 -35.87 -26.29
C GLY A 27 -30.33 -37.13 -26.50
N GLY A 28 -30.08 -37.92 -25.44
CA GLY A 28 -29.21 -39.07 -25.63
C GLY A 28 -29.73 -40.09 -26.65
N ALA A 29 -31.05 -40.32 -26.67
CA ALA A 29 -31.58 -41.32 -27.63
C ALA A 29 -31.52 -40.80 -29.07
N GLY A 30 -32.00 -39.57 -29.27
CA GLY A 30 -31.98 -39.01 -30.62
C GLY A 30 -30.62 -38.87 -31.25
N LEU A 31 -29.63 -38.37 -30.48
CA LEU A 31 -28.30 -38.23 -31.05
C LEU A 31 -27.74 -39.60 -31.40
N ARG A 32 -27.91 -40.60 -30.53
CA ARG A 32 -27.35 -41.92 -30.83
C ARG A 32 -28.01 -42.51 -32.09
N ALA A 33 -29.33 -42.34 -32.22
CA ALA A 33 -30.00 -42.82 -33.41
C ALA A 33 -29.53 -42.03 -34.66
N ALA A 34 -29.44 -40.70 -34.55
CA ALA A 34 -29.09 -39.90 -35.76
C ALA A 34 -27.69 -40.16 -36.29
N PHE A 35 -26.67 -40.14 -35.42
CA PHE A 35 -25.37 -40.43 -36.01
C PHE A 35 -25.21 -41.93 -36.30
N GLY A 36 -26.02 -42.75 -35.64
CA GLY A 36 -26.00 -44.20 -35.92
C GLY A 36 -26.48 -44.38 -37.40
N LEU A 37 -27.53 -43.65 -37.82
CA LEU A 37 -28.00 -43.72 -39.22
C LEU A 37 -26.95 -43.15 -40.18
N SER A 38 -26.35 -41.99 -39.84
CA SER A 38 -25.33 -41.41 -40.71
C SER A 38 -24.11 -42.34 -40.84
N GLU A 39 -23.69 -43.00 -39.75
CA GLU A 39 -22.55 -43.91 -39.83
C GLU A 39 -22.85 -45.17 -40.68
N ALA A 40 -24.13 -45.46 -40.91
CA ALA A 40 -24.53 -46.57 -41.76
C ALA A 40 -24.75 -46.09 -43.25
N GLY A 41 -24.42 -44.84 -43.55
CA GLY A 41 -24.62 -44.32 -44.90
C GLY A 41 -25.94 -43.61 -45.23
N PHE A 42 -26.86 -43.47 -44.26
CA PHE A 42 -28.14 -42.82 -44.58
C PHE A 42 -28.03 -41.31 -44.47
N ASN A 43 -28.60 -40.59 -45.45
CA ASN A 43 -28.65 -39.13 -45.46
C ASN A 43 -29.76 -38.81 -44.41
N THR A 44 -29.32 -38.31 -43.26
CA THR A 44 -30.24 -38.14 -42.12
C THR A 44 -30.46 -36.70 -41.58
N ALA A 45 -31.70 -36.38 -41.17
CA ALA A 45 -31.93 -35.07 -40.57
C ALA A 45 -32.28 -35.26 -39.08
N CYS A 46 -31.79 -34.37 -38.24
CA CYS A 46 -32.14 -34.40 -36.79
C CYS A 46 -32.82 -33.02 -36.47
N VAL A 47 -34.11 -33.08 -36.19
CA VAL A 47 -34.94 -31.89 -35.91
C VAL A 47 -35.12 -31.78 -34.38
N THR A 48 -34.75 -30.65 -33.77
CA THR A 48 -34.86 -30.52 -32.29
C THR A 48 -35.27 -29.10 -31.90
N LYS A 49 -36.16 -28.98 -30.92
CA LYS A 49 -36.61 -27.64 -30.52
C LYS A 49 -35.59 -26.91 -29.65
N LEU A 50 -34.60 -27.64 -29.14
CA LEU A 50 -33.51 -27.05 -28.33
C LEU A 50 -32.16 -27.34 -28.99
N PHE A 51 -31.16 -26.50 -28.70
CA PHE A 51 -29.77 -26.83 -29.11
C PHE A 51 -29.57 -28.19 -28.38
N PRO A 52 -28.89 -29.17 -29.01
CA PRO A 52 -28.79 -30.49 -28.36
C PRO A 52 -28.37 -30.65 -26.91
N THR A 53 -27.32 -29.90 -26.50
CA THR A 53 -26.87 -30.12 -25.14
C THR A 53 -27.76 -29.48 -24.05
N ARG A 54 -28.89 -28.88 -24.44
CA ARG A 54 -29.80 -28.30 -23.42
C ARG A 54 -30.89 -29.33 -23.07
N SER A 55 -30.92 -30.49 -23.75
CA SER A 55 -31.96 -31.53 -23.53
C SER A 55 -31.96 -32.04 -22.08
N HIS A 56 -33.09 -32.60 -21.62
CA HIS A 56 -33.15 -33.04 -20.22
C HIS A 56 -32.04 -34.08 -19.84
N THR A 57 -31.58 -34.86 -20.82
CA THR A 57 -30.52 -35.84 -20.58
C THR A 57 -29.30 -35.17 -19.87
N VAL A 58 -29.01 -33.93 -20.20
CA VAL A 58 -27.86 -33.18 -19.64
C VAL A 58 -27.98 -33.05 -18.08
N ALA A 59 -29.20 -33.16 -17.56
CA ALA A 59 -29.43 -33.08 -16.07
C ALA A 59 -29.29 -34.45 -15.34
N ALA A 60 -29.09 -35.54 -16.06
CA ALA A 60 -29.01 -36.82 -15.38
C ALA A 60 -27.74 -36.90 -14.53
N GLN A 61 -27.89 -37.58 -13.40
CA GLN A 61 -26.83 -37.63 -12.38
C GLN A 61 -26.16 -38.92 -12.03
N GLY A 62 -26.93 -39.85 -11.42
CA GLY A 62 -26.41 -41.10 -10.82
C GLY A 62 -25.58 -42.04 -11.70
N GLY A 63 -26.02 -42.30 -12.93
CA GLY A 63 -25.26 -43.18 -13.81
C GLY A 63 -26.00 -44.03 -14.80
N ILE A 64 -25.27 -45.00 -15.36
CA ILE A 64 -25.81 -45.88 -16.36
C ILE A 64 -25.39 -47.30 -16.01
N ASN A 65 -26.32 -48.24 -15.98
CA ASN A 65 -26.01 -49.64 -15.58
C ASN A 65 -25.42 -50.55 -16.68
N ALA A 66 -24.42 -51.37 -16.30
CA ALA A 66 -23.89 -52.35 -17.23
C ALA A 66 -23.07 -53.37 -16.36
N ALA A 67 -23.27 -54.65 -16.62
CA ALA A 67 -22.53 -55.68 -15.86
C ALA A 67 -21.09 -55.85 -16.36
N LEU A 68 -20.29 -54.80 -16.17
CA LEU A 68 -18.89 -54.84 -16.59
C LEU A 68 -18.05 -55.68 -15.59
N GLY A 69 -18.50 -55.78 -14.33
CA GLY A 69 -17.78 -56.57 -13.32
C GLY A 69 -16.50 -55.89 -12.89
N ASN A 70 -16.45 -54.58 -12.86
CA ASN A 70 -15.23 -53.89 -12.46
C ASN A 70 -15.04 -53.82 -10.93
N MET A 71 -16.11 -53.97 -10.18
CA MET A 71 -16.03 -53.87 -8.69
C MET A 71 -16.08 -55.25 -8.04
N GLU A 72 -16.79 -56.19 -8.66
CA GLU A 72 -16.92 -57.56 -8.20
C GLU A 72 -17.38 -58.38 -9.41
N ASP A 73 -17.36 -59.70 -9.31
CA ASP A 73 -17.87 -60.45 -10.45
C ASP A 73 -19.37 -60.18 -10.66
N ASP A 74 -19.77 -60.08 -11.92
CA ASP A 74 -21.19 -59.77 -12.25
C ASP A 74 -21.62 -60.65 -13.41
N ASN A 75 -22.88 -60.56 -13.82
CA ASN A 75 -23.41 -61.34 -14.91
C ASN A 75 -24.58 -60.49 -15.45
N TRP A 76 -24.64 -60.27 -16.76
CA TRP A 76 -25.73 -59.46 -17.30
C TRP A 76 -27.09 -60.10 -17.04
N ARG A 77 -27.14 -61.44 -16.88
CA ARG A 77 -28.44 -62.07 -16.60
C ARG A 77 -28.95 -61.70 -15.15
N TRP A 78 -28.07 -61.26 -14.26
CA TRP A 78 -28.51 -60.86 -12.89
C TRP A 78 -29.20 -59.43 -13.04
N HIS A 79 -28.65 -58.63 -13.97
CA HIS A 79 -29.18 -57.26 -14.30
C HIS A 79 -30.56 -57.46 -14.95
N PHE A 80 -30.65 -58.43 -15.87
CA PHE A 80 -31.92 -58.84 -16.50
C PHE A 80 -32.95 -59.18 -15.40
N TYR A 81 -32.57 -60.04 -14.46
CA TYR A 81 -33.51 -60.41 -13.40
C TYR A 81 -33.96 -59.19 -12.56
N ASP A 82 -33.00 -58.35 -12.12
CA ASP A 82 -33.36 -57.16 -11.32
C ASP A 82 -34.36 -56.26 -12.07
N THR A 83 -34.17 -56.13 -13.38
CA THR A 83 -35.02 -55.29 -14.22
C THR A 83 -36.44 -55.87 -14.39
N VAL A 84 -36.56 -57.19 -14.58
CA VAL A 84 -37.87 -57.82 -14.70
C VAL A 84 -38.61 -57.68 -13.34
N LYS A 85 -37.96 -58.03 -12.24
CA LYS A 85 -38.63 -57.90 -10.92
C LYS A 85 -38.97 -56.44 -10.64
N GLY A 86 -38.05 -55.54 -10.97
CA GLY A 86 -38.30 -54.11 -10.76
C GLY A 86 -39.55 -53.65 -11.51
N SER A 87 -39.77 -54.16 -12.72
CA SER A 87 -40.92 -53.75 -13.55
C SER A 87 -42.25 -54.30 -13.06
N ASP A 88 -42.22 -55.11 -12.00
CA ASP A 88 -43.41 -55.77 -11.41
C ASP A 88 -44.15 -56.59 -12.45
N TRP A 89 -43.36 -57.23 -13.31
CA TRP A 89 -43.83 -58.09 -14.37
C TRP A 89 -44.75 -57.46 -15.40
N LEU A 90 -44.58 -56.15 -15.58
CA LEU A 90 -45.30 -55.53 -16.66
C LEU A 90 -44.24 -55.26 -17.79
N GLY A 91 -42.95 -55.53 -17.51
CA GLY A 91 -41.92 -55.28 -18.52
C GLY A 91 -41.89 -56.41 -19.56
N ASP A 92 -41.60 -56.08 -20.81
CA ASP A 92 -41.51 -57.12 -21.86
C ASP A 92 -40.11 -57.75 -21.80
N GLN A 93 -40.08 -59.05 -21.52
CA GLN A 93 -38.79 -59.70 -21.32
C GLN A 93 -37.90 -59.84 -22.58
N ASP A 94 -38.46 -59.79 -23.78
CA ASP A 94 -37.57 -59.81 -24.94
C ASP A 94 -36.77 -58.50 -25.02
N ALA A 95 -37.41 -57.37 -24.74
CA ALA A 95 -36.67 -56.08 -24.78
C ALA A 95 -35.67 -55.99 -23.62
N ILE A 96 -36.07 -56.45 -22.44
CA ILE A 96 -35.17 -56.38 -21.28
C ILE A 96 -33.92 -57.27 -21.51
N HIS A 97 -34.15 -58.42 -22.14
CA HIS A 97 -33.02 -59.31 -22.49
C HIS A 97 -32.06 -58.55 -23.42
N TYR A 98 -32.58 -57.93 -24.48
CA TYR A 98 -31.74 -57.19 -25.43
C TYR A 98 -30.97 -56.07 -24.73
N MET A 99 -31.66 -55.30 -23.88
CA MET A 99 -30.96 -54.16 -23.27
C MET A 99 -29.85 -54.55 -22.27
N THR A 100 -30.14 -55.53 -21.40
CA THR A 100 -29.12 -55.91 -20.38
C THR A 100 -27.96 -56.65 -20.99
N GLU A 101 -28.23 -57.49 -21.99
CA GLU A 101 -27.09 -58.21 -22.64
C GLU A 101 -26.17 -57.26 -23.46
N GLN A 102 -26.78 -56.23 -24.09
CA GLN A 102 -26.05 -55.25 -24.86
C GLN A 102 -25.41 -54.16 -23.97
N ALA A 103 -25.73 -54.11 -22.67
CA ALA A 103 -25.20 -53.01 -21.86
C ALA A 103 -23.70 -52.87 -21.73
N PRO A 104 -22.99 -53.98 -21.51
CA PRO A 104 -21.53 -53.79 -21.39
C PRO A 104 -20.93 -53.16 -22.67
N ALA A 105 -21.36 -53.64 -23.84
CA ALA A 105 -20.80 -53.11 -25.12
C ALA A 105 -21.20 -51.65 -25.30
N ALA A 106 -22.41 -51.31 -24.86
CA ALA A 106 -22.87 -49.92 -25.01
C ALA A 106 -22.09 -48.98 -24.13
N VAL A 107 -21.76 -49.35 -22.88
CA VAL A 107 -21.03 -48.43 -22.02
C VAL A 107 -19.57 -48.36 -22.53
N ILE A 108 -19.01 -49.50 -22.96
CA ILE A 108 -17.62 -49.46 -23.50
C ILE A 108 -17.54 -48.52 -24.76
N GLU A 109 -18.58 -48.55 -25.59
CA GLU A 109 -18.61 -47.64 -26.76
C GLU A 109 -18.52 -46.18 -26.30
N LEU A 110 -19.26 -45.81 -25.24
CA LEU A 110 -19.29 -44.42 -24.76
C LEU A 110 -17.94 -44.05 -24.17
N GLU A 111 -17.35 -44.97 -23.40
CA GLU A 111 -16.03 -44.65 -22.82
C GLU A 111 -15.02 -44.46 -23.98
N ASN A 112 -15.06 -45.35 -24.99
CA ASN A 112 -14.11 -45.21 -26.11
C ASN A 112 -14.43 -43.92 -26.94
N TYR A 113 -15.60 -43.27 -26.73
CA TYR A 113 -15.84 -42.01 -27.41
C TYR A 113 -15.17 -40.89 -26.58
N GLY A 114 -14.66 -41.25 -25.40
CA GLY A 114 -14.03 -40.22 -24.56
C GLY A 114 -14.89 -39.78 -23.33
N MET A 115 -16.00 -40.47 -23.05
CA MET A 115 -16.83 -40.06 -21.89
C MET A 115 -15.89 -40.17 -20.65
N PRO A 116 -15.77 -39.11 -19.84
CA PRO A 116 -14.85 -39.15 -18.66
C PRO A 116 -15.30 -39.82 -17.40
N PHE A 117 -15.59 -41.11 -17.53
CA PHE A 117 -16.01 -41.90 -16.35
C PHE A 117 -15.00 -41.78 -15.20
N SER A 118 -15.53 -41.85 -13.99
CA SER A 118 -14.70 -41.91 -12.80
C SER A 118 -13.97 -43.26 -12.86
N ARG A 119 -12.86 -43.36 -12.16
CA ARG A 119 -12.02 -44.57 -12.23
C ARG A 119 -11.69 -45.34 -10.94
N THR A 120 -11.41 -46.64 -11.10
CA THR A 120 -11.03 -47.53 -9.99
C THR A 120 -9.49 -47.55 -9.93
N GLU A 121 -8.94 -48.20 -8.90
CA GLU A 121 -7.49 -48.29 -8.74
C GLU A 121 -6.81 -49.03 -9.92
N GLU A 122 -7.56 -49.81 -10.69
CA GLU A 122 -7.02 -50.55 -11.85
C GLU A 122 -7.16 -49.72 -13.16
N GLY A 123 -7.76 -48.53 -13.06
CA GLY A 123 -7.91 -47.68 -14.23
C GLY A 123 -9.19 -47.99 -15.04
N LYS A 124 -10.05 -48.83 -14.50
CA LYS A 124 -11.31 -49.17 -15.23
C LYS A 124 -12.47 -48.26 -14.75
N ILE A 125 -13.65 -48.42 -15.35
CA ILE A 125 -14.77 -47.55 -14.98
C ILE A 125 -15.35 -47.84 -13.56
N TYR A 126 -15.41 -46.84 -12.71
CA TYR A 126 -15.98 -46.95 -11.34
C TYR A 126 -17.50 -47.15 -11.43
N GLN A 127 -18.03 -48.10 -10.66
CA GLN A 127 -19.47 -48.39 -10.63
C GLN A 127 -19.95 -48.32 -9.16
N ARG A 128 -21.11 -47.68 -8.93
CA ARG A 128 -21.68 -47.58 -7.57
C ARG A 128 -22.90 -48.44 -7.35
N ALA A 129 -23.29 -48.62 -6.09
CA ALA A 129 -24.55 -49.33 -5.77
C ALA A 129 -25.68 -48.38 -6.17
N PHE A 130 -26.87 -48.94 -6.44
CA PHE A 130 -28.05 -48.17 -6.81
C PHE A 130 -29.29 -49.03 -6.42
N GLY A 131 -30.46 -48.38 -6.29
CA GLY A 131 -31.61 -49.10 -5.80
C GLY A 131 -32.19 -50.23 -6.60
N GLY A 132 -32.47 -51.34 -5.92
CA GLY A 132 -33.09 -52.50 -6.52
C GLY A 132 -32.20 -53.38 -7.38
N GLN A 133 -30.88 -53.31 -7.20
CA GLN A 133 -29.99 -54.18 -7.97
C GLN A 133 -29.24 -55.17 -7.06
N SER A 134 -29.19 -56.42 -7.49
CA SER A 134 -28.57 -57.46 -6.68
C SER A 134 -27.70 -58.42 -7.48
N LEU A 135 -26.96 -59.25 -6.74
CA LEU A 135 -26.12 -60.29 -7.31
C LEU A 135 -26.88 -61.61 -7.19
N GLN A 136 -26.55 -62.55 -8.07
CA GLN A 136 -27.10 -63.91 -8.02
C GLN A 136 -28.62 -64.02 -8.04
N PHE A 137 -29.27 -63.38 -9.02
CA PHE A 137 -30.73 -63.48 -9.14
C PHE A 137 -31.52 -63.12 -7.88
N GLY A 138 -31.10 -62.05 -7.23
CA GLY A 138 -31.75 -61.56 -6.02
C GLY A 138 -31.34 -62.22 -4.68
N LYS A 139 -30.48 -63.22 -4.74
CA LYS A 139 -30.12 -63.96 -3.53
C LYS A 139 -28.81 -63.55 -2.93
N GLY A 140 -27.97 -62.89 -3.72
CA GLY A 140 -26.64 -62.56 -3.25
C GLY A 140 -26.13 -61.24 -2.77
N GLY A 141 -26.99 -60.31 -2.34
CA GLY A 141 -26.46 -59.05 -1.85
C GLY A 141 -26.49 -57.93 -2.91
N GLN A 142 -26.16 -56.72 -2.47
CA GLN A 142 -26.16 -55.50 -3.30
C GLN A 142 -25.16 -55.53 -4.49
N ALA A 143 -25.63 -55.25 -5.70
CA ALA A 143 -24.74 -55.14 -6.84
C ALA A 143 -24.15 -53.72 -6.91
N HIS A 144 -23.00 -53.59 -7.58
CA HIS A 144 -22.36 -52.27 -7.79
C HIS A 144 -22.10 -52.22 -9.32
N ARG A 145 -23.15 -51.93 -10.09
CA ARG A 145 -22.99 -51.88 -11.57
C ARG A 145 -23.40 -50.55 -12.27
N CYS A 146 -23.68 -49.51 -11.48
CA CYS A 146 -24.04 -48.19 -12.01
C CYS A 146 -22.77 -47.39 -12.36
N CYS A 147 -22.38 -47.40 -13.64
CA CYS A 147 -21.18 -46.68 -14.09
C CYS A 147 -21.40 -45.15 -14.02
N CYS A 148 -20.43 -44.35 -13.58
CA CYS A 148 -20.73 -42.94 -13.46
C CYS A 148 -19.60 -42.01 -13.64
N VAL A 149 -19.96 -40.73 -13.83
CA VAL A 149 -18.98 -39.63 -13.94
C VAL A 149 -19.42 -38.81 -12.70
N ALA A 150 -18.84 -39.13 -11.54
CA ALA A 150 -19.26 -38.46 -10.26
C ALA A 150 -20.79 -38.42 -10.21
N ASP A 151 -21.41 -37.25 -10.02
CA ASP A 151 -22.88 -37.22 -10.08
C ASP A 151 -23.37 -36.29 -11.20
N ARG A 152 -22.66 -36.32 -12.33
CA ARG A 152 -22.97 -35.52 -13.52
C ARG A 152 -22.92 -36.46 -14.71
N THR A 153 -23.40 -37.69 -14.55
CA THR A 153 -23.25 -38.65 -15.64
C THR A 153 -24.02 -38.23 -16.93
N GLY A 154 -25.21 -37.67 -16.80
CA GLY A 154 -25.96 -37.28 -18.01
C GLY A 154 -25.34 -36.12 -18.76
N HIS A 155 -24.82 -35.19 -18.00
CA HIS A 155 -24.15 -34.04 -18.60
C HIS A 155 -22.98 -34.59 -19.48
N SER A 156 -22.16 -35.50 -18.93
CA SER A 156 -21.04 -36.02 -19.72
C SER A 156 -21.47 -36.91 -20.87
N LEU A 157 -22.51 -37.71 -20.66
CA LEU A 157 -22.97 -38.57 -21.75
C LEU A 157 -23.46 -37.70 -22.90
N LEU A 158 -24.30 -36.70 -22.60
CA LEU A 158 -24.83 -35.86 -23.71
C LEU A 158 -23.75 -35.06 -24.40
N HIS A 159 -22.82 -34.46 -23.63
CA HIS A 159 -21.79 -33.69 -24.30
C HIS A 159 -20.85 -34.60 -25.14
N THR A 160 -20.64 -35.84 -24.70
CA THR A 160 -19.77 -36.76 -25.45
C THR A 160 -20.48 -37.18 -26.79
N LEU A 161 -21.76 -37.54 -26.71
CA LEU A 161 -22.53 -37.91 -27.88
C LEU A 161 -22.63 -36.70 -28.83
N TYR A 162 -22.83 -35.49 -28.29
CA TYR A 162 -22.91 -34.32 -29.19
C TYR A 162 -21.58 -34.12 -29.98
N GLY A 163 -20.47 -34.14 -29.23
CA GLY A 163 -19.15 -34.05 -29.86
C GLY A 163 -18.94 -35.14 -30.91
N ARG A 164 -19.29 -36.39 -30.62
CA ARG A 164 -19.13 -37.46 -31.59
C ARG A 164 -20.00 -37.22 -32.88
N SER A 165 -21.21 -36.68 -32.68
CA SER A 165 -22.11 -36.38 -33.82
C SER A 165 -21.49 -35.38 -34.78
N LEU A 166 -20.55 -34.56 -34.32
CA LEU A 166 -19.93 -33.60 -35.20
C LEU A 166 -18.98 -34.24 -36.24
N ARG A 167 -18.69 -35.54 -36.11
CA ARG A 167 -17.80 -36.27 -37.05
C ARG A 167 -18.53 -36.87 -38.27
N TYR A 168 -19.83 -36.69 -38.33
CA TYR A 168 -20.64 -37.27 -39.40
C TYR A 168 -21.37 -36.19 -40.17
N ASP A 169 -22.01 -36.59 -41.26
CA ASP A 169 -22.68 -35.64 -42.12
C ASP A 169 -24.18 -35.43 -41.81
N THR A 170 -24.59 -35.76 -40.61
CA THR A 170 -25.99 -35.56 -40.24
C THR A 170 -26.38 -34.08 -40.41
N SER A 171 -27.58 -33.81 -40.94
CA SER A 171 -28.04 -32.41 -41.08
C SER A 171 -28.87 -32.03 -39.82
N TYR A 172 -28.43 -31.06 -39.01
CA TYR A 172 -29.22 -30.65 -37.81
C TYR A 172 -30.12 -29.44 -38.09
N PHE A 173 -31.38 -29.50 -37.64
CA PHE A 173 -32.35 -28.38 -37.78
C PHE A 173 -32.68 -28.02 -36.31
N VAL A 174 -31.95 -27.03 -35.79
CA VAL A 174 -32.03 -26.66 -34.37
C VAL A 174 -33.02 -25.55 -34.14
N GLU A 175 -33.80 -25.68 -33.05
CA GLU A 175 -34.87 -24.72 -32.72
C GLU A 175 -35.96 -24.79 -33.80
N TYR A 176 -36.31 -26.03 -34.13
CA TYR A 176 -37.41 -26.34 -35.06
C TYR A 176 -38.36 -27.13 -34.15
N PHE A 177 -39.64 -26.77 -34.16
CA PHE A 177 -40.62 -27.43 -33.33
C PHE A 177 -41.55 -28.35 -34.17
N ALA A 178 -41.44 -29.66 -33.97
CA ALA A 178 -42.25 -30.63 -34.71
C ALA A 178 -43.70 -30.53 -34.24
N LEU A 179 -44.58 -30.37 -35.22
CA LEU A 179 -46.03 -30.19 -34.99
C LEU A 179 -46.86 -31.46 -35.19
N ASP A 180 -46.50 -32.27 -36.21
CA ASP A 180 -47.24 -33.51 -36.51
C ASP A 180 -46.49 -34.46 -37.46
N LEU A 181 -46.90 -35.73 -37.45
CA LEU A 181 -46.38 -36.75 -38.36
C LEU A 181 -47.13 -36.60 -39.70
N LEU A 182 -46.47 -36.89 -40.81
CA LEU A 182 -47.12 -36.84 -42.15
C LEU A 182 -47.45 -38.32 -42.43
N MET A 183 -48.68 -38.73 -42.21
CA MET A 183 -49.11 -40.13 -42.38
C MET A 183 -49.87 -40.31 -43.68
N GLU A 184 -49.73 -41.47 -44.31
CA GLU A 184 -50.45 -41.76 -45.57
C GLU A 184 -50.60 -43.29 -45.64
N ASN A 185 -51.83 -43.80 -45.64
CA ASN A 185 -52.11 -45.25 -45.68
C ASN A 185 -51.61 -45.99 -44.44
N GLY A 186 -51.63 -45.34 -43.28
CA GLY A 186 -51.14 -45.97 -42.07
C GLY A 186 -49.61 -46.05 -42.02
N GLU A 187 -48.93 -45.34 -42.92
CA GLU A 187 -47.47 -45.31 -42.95
C GLU A 187 -46.96 -43.91 -42.64
N CYS A 188 -45.88 -43.79 -41.89
CA CYS A 188 -45.35 -42.45 -41.62
C CYS A 188 -44.40 -42.08 -42.79
N ARG A 189 -44.52 -40.85 -43.33
CA ARG A 189 -43.63 -40.47 -44.43
C ARG A 189 -42.84 -39.17 -44.09
N GLY A 190 -42.81 -38.79 -42.81
CA GLY A 190 -42.07 -37.60 -42.43
C GLY A 190 -42.72 -36.81 -41.30
N VAL A 191 -42.28 -35.57 -41.15
CA VAL A 191 -42.84 -34.70 -40.12
C VAL A 191 -42.89 -33.25 -40.63
N ILE A 192 -43.83 -32.49 -40.09
CA ILE A 192 -43.94 -31.07 -40.41
C ILE A 192 -43.59 -30.28 -39.12
N ALA A 193 -42.85 -29.21 -39.31
CA ALA A 193 -42.33 -28.41 -38.23
C ALA A 193 -42.32 -26.90 -38.46
N LEU A 194 -42.27 -26.16 -37.35
CA LEU A 194 -42.15 -24.71 -37.37
C LEU A 194 -40.70 -24.30 -37.07
N CYS A 195 -40.07 -23.48 -37.94
CA CYS A 195 -38.68 -22.98 -37.67
C CYS A 195 -38.92 -21.76 -36.76
N ILE A 196 -38.52 -21.87 -35.48
CA ILE A 196 -38.76 -20.82 -34.51
C ILE A 196 -37.98 -19.55 -34.86
N GLU A 197 -36.79 -19.69 -35.42
CA GLU A 197 -35.97 -18.51 -35.74
C GLU A 197 -36.54 -17.58 -36.81
N ASP A 198 -37.25 -18.13 -37.79
CA ASP A 198 -37.76 -17.23 -38.81
C ASP A 198 -39.21 -17.38 -39.18
N GLY A 199 -39.93 -18.17 -38.41
CA GLY A 199 -41.34 -18.37 -38.65
C GLY A 199 -41.83 -19.21 -39.80
N THR A 200 -40.95 -19.92 -40.50
CA THR A 200 -41.35 -20.70 -41.65
C THR A 200 -41.76 -22.13 -41.30
N ILE A 201 -42.58 -22.71 -42.14
CA ILE A 201 -43.07 -24.08 -42.01
C ILE A 201 -42.24 -25.00 -42.93
N HIS A 202 -41.77 -26.12 -42.36
CA HIS A 202 -40.94 -27.09 -43.10
C HIS A 202 -41.51 -28.48 -43.08
N ARG A 203 -41.45 -29.18 -44.22
CA ARG A 203 -41.92 -30.56 -44.30
C ARG A 203 -40.72 -31.43 -44.60
N PHE A 204 -40.42 -32.34 -43.69
CA PHE A 204 -39.28 -33.24 -43.87
C PHE A 204 -39.83 -34.56 -44.34
N ARG A 205 -39.59 -34.94 -45.61
CA ARG A 205 -40.07 -36.19 -46.15
C ARG A 205 -38.97 -37.24 -45.99
N ALA A 206 -39.34 -38.45 -45.66
CA ALA A 206 -38.33 -39.50 -45.48
C ALA A 206 -38.96 -40.86 -45.42
N LYS A 207 -38.19 -41.86 -45.78
CA LYS A 207 -38.74 -43.19 -45.71
C LYS A 207 -38.92 -43.71 -44.26
N ASN A 208 -38.07 -43.24 -43.33
CA ASN A 208 -38.17 -43.69 -41.91
C ASN A 208 -38.03 -42.51 -40.98
N THR A 209 -38.85 -42.51 -39.92
CA THR A 209 -38.89 -41.40 -38.92
C THR A 209 -38.74 -41.98 -37.52
N VAL A 210 -37.86 -41.39 -36.71
CA VAL A 210 -37.60 -41.86 -35.33
C VAL A 210 -38.07 -40.76 -34.36
N ILE A 211 -38.98 -41.08 -33.46
CA ILE A 211 -39.45 -40.11 -32.44
C ILE A 211 -38.63 -40.34 -31.14
N ALA A 212 -37.86 -39.33 -30.72
CA ALA A 212 -37.04 -39.43 -29.49
C ALA A 212 -37.18 -38.09 -28.69
N THR A 213 -38.42 -37.72 -28.44
CA THR A 213 -38.78 -36.46 -27.82
C THR A 213 -38.88 -36.38 -26.28
N GLY A 214 -38.49 -37.42 -25.56
CA GLY A 214 -38.56 -37.30 -24.08
C GLY A 214 -39.88 -37.52 -23.43
N GLY A 215 -39.95 -37.18 -22.13
CA GLY A 215 -41.18 -37.39 -21.36
C GLY A 215 -42.13 -36.20 -21.23
N TYR A 216 -43.06 -36.29 -20.26
CA TYR A 216 -44.05 -35.27 -20.03
C TYR A 216 -44.29 -34.95 -18.56
N GLY A 217 -43.20 -34.91 -17.77
CA GLY A 217 -43.35 -34.64 -16.36
C GLY A 217 -43.99 -33.30 -16.01
N ARG A 218 -43.94 -32.32 -16.94
CA ARG A 218 -44.54 -30.98 -16.73
C ARG A 218 -46.09 -30.96 -16.67
N THR A 219 -46.72 -32.12 -16.81
CA THR A 219 -48.13 -32.18 -16.64
C THR A 219 -48.44 -31.98 -15.11
N TYR A 220 -47.44 -32.12 -14.23
CA TYR A 220 -47.65 -31.97 -12.78
C TYR A 220 -47.18 -30.62 -12.30
N PHE A 221 -47.53 -30.26 -11.06
CA PHE A 221 -47.19 -28.98 -10.46
C PHE A 221 -45.77 -28.96 -9.93
N SER A 222 -45.33 -30.09 -9.39
CA SER A 222 -43.96 -30.22 -8.85
C SER A 222 -43.28 -31.41 -9.57
N CYS A 223 -42.14 -31.18 -10.23
CA CYS A 223 -41.47 -32.29 -10.94
C CYS A 223 -39.98 -32.01 -11.03
N THR A 224 -39.16 -33.00 -11.34
CA THR A 224 -37.72 -32.75 -11.46
C THR A 224 -37.47 -32.39 -12.93
N SER A 225 -38.48 -32.62 -13.76
CA SER A 225 -38.36 -32.43 -15.21
C SER A 225 -38.07 -31.00 -15.66
N ALA A 226 -37.44 -30.86 -16.84
CA ALA A 226 -37.19 -29.54 -17.43
C ALA A 226 -38.55 -28.89 -17.83
N HIS A 227 -38.54 -27.57 -17.99
CA HIS A 227 -39.73 -26.84 -18.48
C HIS A 227 -40.08 -27.30 -19.89
N THR A 228 -39.11 -27.91 -20.59
CA THR A 228 -39.30 -28.37 -21.96
C THR A 228 -39.80 -29.83 -22.12
N SER A 229 -40.07 -30.52 -21.03
CA SER A 229 -40.50 -31.95 -21.11
C SER A 229 -42.01 -31.93 -21.21
N THR A 230 -42.51 -31.77 -22.43
CA THR A 230 -43.93 -31.55 -22.60
C THR A 230 -44.70 -32.58 -23.42
N GLY A 231 -44.08 -33.75 -23.60
CA GLY A 231 -44.75 -34.84 -24.30
C GLY A 231 -45.08 -34.56 -25.77
N ASP A 232 -44.28 -33.74 -26.43
CA ASP A 232 -44.63 -33.40 -27.82
C ASP A 232 -44.70 -34.56 -28.82
N GLY A 233 -43.76 -35.53 -28.76
CA GLY A 233 -43.84 -36.68 -29.69
C GLY A 233 -44.96 -37.64 -29.37
N THR A 234 -45.29 -37.74 -28.10
CA THR A 234 -46.36 -38.60 -27.64
C THR A 234 -47.69 -38.05 -28.19
N ALA A 235 -47.81 -36.73 -28.14
CA ALA A 235 -49.06 -36.09 -28.59
C ALA A 235 -49.17 -36.21 -30.14
N MET A 236 -48.05 -36.15 -30.87
CA MET A 236 -48.09 -36.31 -32.34
C MET A 236 -48.65 -37.72 -32.70
N VAL A 237 -48.20 -38.74 -31.97
CA VAL A 237 -48.67 -40.12 -32.18
C VAL A 237 -50.19 -40.17 -31.85
N THR A 238 -50.59 -39.59 -30.70
CA THR A 238 -52.03 -39.53 -30.36
C THR A 238 -52.82 -38.81 -31.49
N ARG A 239 -52.33 -37.68 -31.97
CA ARG A 239 -53.04 -36.99 -33.04
C ARG A 239 -53.13 -37.78 -34.34
N ALA A 240 -52.22 -38.71 -34.57
CA ALA A 240 -52.24 -39.51 -35.81
C ALA A 240 -53.18 -40.71 -35.62
N GLY A 241 -53.86 -40.75 -34.46
CA GLY A 241 -54.80 -41.83 -34.18
C GLY A 241 -54.15 -43.14 -33.75
N LEU A 242 -52.87 -43.10 -33.40
CA LEU A 242 -52.16 -44.29 -32.94
C LEU A 242 -52.26 -44.39 -31.40
N PRO A 243 -52.10 -45.60 -30.83
CA PRO A 243 -52.19 -45.70 -29.36
C PRO A 243 -50.93 -45.33 -28.59
N CYS A 244 -51.08 -44.82 -27.36
CA CYS A 244 -49.94 -44.62 -26.44
C CYS A 244 -50.11 -45.80 -25.45
N GLN A 245 -49.12 -46.09 -24.63
CA GLN A 245 -49.17 -47.26 -23.74
C GLN A 245 -48.68 -46.98 -22.32
N ASP A 246 -49.43 -47.49 -21.31
CA ASP A 246 -49.06 -47.42 -19.89
C ASP A 246 -48.78 -46.00 -19.34
N LEU A 247 -49.53 -45.03 -19.83
CA LEU A 247 -49.28 -43.63 -19.44
C LEU A 247 -49.62 -43.40 -17.97
N GLU A 248 -50.42 -44.28 -17.36
CA GLU A 248 -50.72 -44.10 -15.93
C GLU A 248 -49.53 -44.42 -14.97
N PHE A 249 -48.50 -45.08 -15.47
CA PHE A 249 -47.35 -45.40 -14.62
C PHE A 249 -46.34 -44.25 -14.63
N VAL A 250 -46.46 -43.43 -13.58
CA VAL A 250 -45.61 -42.23 -13.41
C VAL A 250 -44.66 -42.44 -12.24
N GLN A 251 -43.38 -42.33 -12.52
CA GLN A 251 -42.42 -42.51 -11.43
C GLN A 251 -42.20 -41.26 -10.57
N PHE A 252 -42.39 -41.40 -9.24
CA PHE A 252 -42.06 -40.38 -8.27
C PHE A 252 -40.69 -40.81 -7.73
N HIS A 253 -39.71 -39.92 -7.92
CA HIS A 253 -38.35 -40.16 -7.41
C HIS A 253 -38.42 -39.82 -5.93
N PRO A 254 -37.84 -40.68 -5.08
CA PRO A 254 -37.90 -40.46 -3.63
C PRO A 254 -37.34 -39.12 -3.17
N THR A 255 -36.31 -38.64 -3.86
CA THR A 255 -35.67 -37.43 -3.38
C THR A 255 -35.54 -36.16 -4.25
N GLY A 256 -36.63 -35.42 -4.47
CA GLY A 256 -36.50 -34.12 -5.14
C GLY A 256 -36.31 -33.14 -3.97
N ILE A 257 -35.55 -32.06 -4.18
CA ILE A 257 -35.33 -31.16 -3.08
C ILE A 257 -36.65 -30.39 -2.71
N TYR A 258 -36.91 -30.24 -1.41
CA TYR A 258 -38.12 -29.54 -0.92
C TYR A 258 -38.19 -28.11 -1.39
N GLY A 259 -39.30 -27.75 -2.00
CA GLY A 259 -39.41 -26.40 -2.51
C GLY A 259 -39.17 -26.35 -4.02
N ALA A 260 -37.91 -26.26 -4.43
CA ALA A 260 -37.55 -26.18 -5.84
C ALA A 260 -37.85 -27.40 -6.67
N GLY A 261 -37.82 -28.60 -6.09
CA GLY A 261 -38.09 -29.79 -6.90
C GLY A 261 -36.86 -30.39 -7.62
N CYS A 262 -35.71 -29.71 -7.59
CA CYS A 262 -34.48 -30.20 -8.26
C CYS A 262 -34.13 -31.60 -7.76
N LEU A 263 -33.70 -32.46 -8.65
CA LEU A 263 -33.35 -33.80 -8.27
C LEU A 263 -32.07 -33.86 -7.37
N ILE A 264 -32.08 -34.77 -6.40
CA ILE A 264 -30.89 -35.07 -5.56
C ILE A 264 -30.67 -36.56 -5.82
N THR A 265 -29.56 -36.90 -6.48
CA THR A 265 -29.34 -38.30 -6.86
C THR A 265 -29.47 -39.44 -5.83
N GLU A 266 -30.08 -40.54 -6.26
CA GLU A 266 -30.20 -41.78 -5.55
C GLU A 266 -28.73 -42.27 -5.31
N GLY A 267 -27.77 -41.75 -6.09
CA GLY A 267 -26.35 -42.09 -5.86
C GLY A 267 -25.97 -41.68 -4.41
N CYS A 268 -26.69 -40.74 -3.83
CA CYS A 268 -26.42 -40.31 -2.43
C CYS A 268 -26.64 -41.52 -1.50
N ARG A 269 -27.74 -42.24 -1.69
CA ARG A 269 -28.03 -43.47 -0.93
C ARG A 269 -27.10 -44.60 -1.39
N GLY A 270 -26.72 -44.64 -2.67
CA GLY A 270 -25.81 -45.68 -3.11
C GLY A 270 -24.43 -45.53 -2.44
N GLU A 271 -24.03 -44.31 -2.16
CA GLU A 271 -22.71 -44.06 -1.50
C GLU A 271 -22.79 -44.16 0.05
N GLY A 272 -23.96 -44.43 0.61
CA GLY A 272 -24.07 -44.53 2.08
C GLY A 272 -25.03 -43.57 2.76
N GLY A 273 -25.63 -42.61 2.03
CA GLY A 273 -26.58 -41.70 2.66
C GLY A 273 -27.84 -42.39 3.17
N ILE A 274 -28.55 -41.82 4.17
CA ILE A 274 -29.74 -42.47 4.66
C ILE A 274 -30.92 -41.47 4.82
N LEU A 275 -32.15 -41.98 4.73
CA LEU A 275 -33.32 -41.10 4.92
C LEU A 275 -33.74 -41.16 6.41
N ILE A 276 -34.09 -40.00 6.98
CA ILE A 276 -34.57 -39.99 8.37
C ILE A 276 -35.80 -39.10 8.54
N ASN A 277 -36.62 -39.42 9.54
CA ASN A 277 -37.83 -38.65 9.85
C ASN A 277 -37.60 -37.63 11.01
N SER A 278 -38.68 -37.02 11.49
CA SER A 278 -38.51 -35.97 12.52
C SER A 278 -38.00 -36.48 13.87
N GLN A 279 -38.13 -37.78 14.07
CA GLN A 279 -37.64 -38.41 15.30
C GLN A 279 -36.21 -38.95 15.12
N GLY A 280 -35.58 -38.71 13.96
CA GLY A 280 -34.23 -39.21 13.74
C GLY A 280 -34.15 -40.68 13.36
N GLU A 281 -35.30 -41.30 13.12
CA GLU A 281 -35.32 -42.72 12.82
C GLU A 281 -34.99 -43.02 11.31
N ARG A 282 -34.13 -44.00 11.06
CA ARG A 282 -33.84 -44.46 9.68
C ARG A 282 -35.02 -45.38 9.36
N PHE A 283 -36.14 -44.77 8.94
CA PHE A 283 -37.38 -45.53 8.75
C PHE A 283 -37.43 -46.61 7.70
N MET A 284 -36.53 -46.56 6.70
CA MET A 284 -36.58 -47.60 5.68
C MET A 284 -36.18 -48.97 6.28
N GLU A 285 -35.53 -48.98 7.44
CA GLU A 285 -35.18 -50.28 8.05
C GLU A 285 -36.46 -51.03 8.39
N ARG A 286 -37.55 -50.27 8.58
CA ARG A 286 -38.85 -50.85 8.93
C ARG A 286 -39.69 -51.22 7.71
N TYR A 287 -39.67 -50.39 6.65
CA TYR A 287 -40.43 -50.69 5.45
C TYR A 287 -39.77 -51.72 4.51
N ALA A 288 -38.44 -51.74 4.47
CA ALA A 288 -37.70 -52.68 3.58
C ALA A 288 -36.49 -53.15 4.39
N PRO A 289 -36.72 -54.12 5.31
CA PRO A 289 -35.67 -54.67 6.19
C PRO A 289 -34.33 -55.01 5.51
N VAL A 290 -34.38 -55.60 4.33
CA VAL A 290 -33.14 -55.94 3.62
C VAL A 290 -32.51 -54.81 2.79
N ALA A 291 -33.24 -54.32 1.77
CA ALA A 291 -32.72 -53.26 0.92
C ALA A 291 -32.65 -51.88 1.56
N LYS A 292 -33.45 -51.64 2.59
CA LYS A 292 -33.49 -50.35 3.28
C LYS A 292 -33.63 -49.13 2.28
N ASP A 293 -32.74 -48.16 2.35
CA ASP A 293 -32.83 -46.97 1.50
C ASP A 293 -32.52 -47.27 0.01
N LEU A 294 -32.19 -48.51 -0.33
CA LEU A 294 -31.89 -48.87 -1.72
C LEU A 294 -32.94 -49.82 -2.24
N ALA A 295 -34.14 -49.70 -1.69
CA ALA A 295 -35.26 -50.49 -2.20
C ALA A 295 -35.67 -49.80 -3.57
N SER A 296 -36.63 -50.37 -4.31
CA SER A 296 -37.09 -49.73 -5.57
C SER A 296 -37.75 -48.39 -5.30
N ARG A 297 -37.81 -47.55 -6.33
CA ARG A 297 -38.38 -46.21 -6.15
C ARG A 297 -39.84 -46.13 -5.76
N ASP A 298 -40.64 -47.06 -6.27
CA ASP A 298 -42.03 -46.97 -5.91
C ASP A 298 -42.21 -47.23 -4.40
N VAL A 299 -41.41 -48.16 -3.85
CA VAL A 299 -41.50 -48.51 -2.43
C VAL A 299 -40.94 -47.42 -1.54
N VAL A 300 -39.79 -46.87 -1.91
CA VAL A 300 -39.25 -45.80 -1.07
C VAL A 300 -40.18 -44.56 -1.09
N SER A 301 -40.70 -44.19 -2.28
CA SER A 301 -41.61 -42.99 -2.33
C SER A 301 -42.88 -43.20 -1.52
N ARG A 302 -43.49 -44.39 -1.61
CA ARG A 302 -44.66 -44.64 -0.76
C ARG A 302 -44.34 -44.59 0.75
N SER A 303 -43.19 -45.15 1.16
CA SER A 303 -42.77 -45.17 2.59
C SER A 303 -42.59 -43.75 3.13
N MET A 304 -41.92 -42.90 2.34
CA MET A 304 -41.76 -41.50 2.72
C MET A 304 -43.13 -40.80 2.85
N THR A 305 -44.03 -41.07 1.89
CA THR A 305 -45.37 -40.46 1.92
C THR A 305 -46.18 -40.87 3.22
N ILE A 306 -46.10 -42.15 3.62
CA ILE A 306 -46.74 -42.65 4.85
C ILE A 306 -46.11 -41.95 6.06
N GLU A 307 -44.77 -41.88 6.12
CA GLU A 307 -44.15 -41.18 7.23
C GLU A 307 -44.70 -39.78 7.40
N ILE A 308 -44.84 -39.05 6.29
CA ILE A 308 -45.38 -37.68 6.36
C ILE A 308 -46.89 -37.70 6.77
N ARG A 309 -47.70 -38.62 6.20
CA ARG A 309 -49.15 -38.72 6.52
C ARG A 309 -49.39 -39.04 8.02
N GLU A 310 -48.46 -39.80 8.60
CA GLU A 310 -48.53 -40.24 9.98
C GLU A 310 -47.92 -39.26 10.99
N GLY A 311 -47.56 -38.05 10.53
CA GLY A 311 -47.08 -37.05 11.46
C GLY A 311 -45.61 -36.98 11.79
N ARG A 312 -44.77 -37.69 11.04
CA ARG A 312 -43.36 -37.67 11.35
C ARG A 312 -42.53 -36.91 10.28
N GLY A 313 -43.18 -35.95 9.63
CA GLY A 313 -42.51 -35.14 8.62
C GLY A 313 -41.73 -34.05 9.31
N CYS A 314 -40.73 -33.52 8.61
CA CYS A 314 -39.85 -32.50 9.18
C CYS A 314 -40.20 -31.12 8.68
N GLY A 315 -39.56 -30.13 9.29
CA GLY A 315 -39.79 -28.74 8.91
C GLY A 315 -40.98 -28.11 9.62
N PRO A 316 -41.15 -26.79 9.52
CA PRO A 316 -42.29 -26.11 10.18
C PRO A 316 -43.65 -26.58 9.70
N GLU A 317 -43.74 -27.09 8.47
CA GLU A 317 -45.02 -27.57 7.97
C GLU A 317 -45.11 -29.10 8.03
N LYS A 318 -44.09 -29.75 8.59
CA LYS A 318 -44.08 -31.22 8.72
C LYS A 318 -44.46 -31.92 7.41
N ASP A 319 -43.95 -31.39 6.31
CA ASP A 319 -44.30 -31.91 5.02
C ASP A 319 -43.18 -32.54 4.17
N HIS A 320 -41.98 -32.76 4.74
CA HIS A 320 -40.92 -33.42 3.96
C HIS A 320 -40.08 -34.29 4.94
N VAL A 321 -39.08 -35.01 4.44
CA VAL A 321 -38.15 -35.75 5.30
C VAL A 321 -36.71 -35.32 5.03
N TYR A 322 -35.75 -35.99 5.65
CA TYR A 322 -34.35 -35.60 5.49
C TYR A 322 -33.48 -36.68 4.86
N LEU A 323 -32.55 -36.23 4.03
CA LEU A 323 -31.55 -37.12 3.42
C LEU A 323 -30.27 -36.71 4.14
N GLN A 324 -29.71 -37.65 4.92
CA GLN A 324 -28.49 -37.35 5.70
C GLN A 324 -27.20 -37.90 5.03
N LEU A 325 -26.24 -37.01 4.79
CA LEU A 325 -24.95 -37.46 4.19
C LEU A 325 -23.79 -37.09 5.11
N HIS A 326 -24.06 -36.35 6.20
CA HIS A 326 -22.94 -35.82 7.00
C HIS A 326 -22.12 -36.80 7.80
N HIS A 327 -22.56 -38.05 7.88
CA HIS A 327 -21.75 -39.05 8.56
C HIS A 327 -20.69 -39.57 7.58
N LEU A 328 -20.76 -39.16 6.30
CA LEU A 328 -19.75 -39.65 5.35
C LEU A 328 -18.53 -38.76 5.33
N PRO A 329 -17.36 -39.33 4.97
CA PRO A 329 -16.11 -38.55 4.91
C PRO A 329 -16.25 -37.45 3.86
N PRO A 330 -15.89 -36.21 4.19
CA PRO A 330 -16.01 -35.11 3.24
C PRO A 330 -15.28 -35.33 1.89
N GLN A 331 -14.20 -36.12 1.90
CA GLN A 331 -13.49 -36.36 0.63
C GLN A 331 -14.38 -37.24 -0.30
N GLN A 332 -15.15 -38.14 0.31
CA GLN A 332 -16.05 -38.98 -0.48
C GLN A 332 -17.18 -38.13 -1.09
N LEU A 333 -17.69 -37.16 -0.33
CA LEU A 333 -18.77 -36.30 -0.81
C LEU A 333 -18.24 -35.44 -1.98
N ALA A 334 -17.01 -34.96 -1.83
CA ALA A 334 -16.42 -34.13 -2.88
C ALA A 334 -16.05 -34.90 -4.17
N THR A 335 -15.63 -36.14 -4.05
CA THR A 335 -15.23 -36.93 -5.21
C THR A 335 -16.42 -37.61 -5.92
N ARG A 336 -17.36 -38.11 -5.14
CA ARG A 336 -18.50 -38.86 -5.71
C ARG A 336 -19.80 -38.03 -5.92
N LEU A 337 -20.01 -37.00 -5.08
CA LEU A 337 -21.24 -36.17 -5.11
C LEU A 337 -21.03 -34.65 -5.14
N PRO A 338 -20.09 -34.18 -5.97
CA PRO A 338 -19.81 -32.74 -6.05
C PRO A 338 -21.00 -31.92 -6.59
N GLY A 339 -21.75 -32.48 -7.52
CA GLY A 339 -22.86 -31.70 -8.09
C GLY A 339 -24.00 -31.43 -7.11
N ILE A 340 -24.46 -32.47 -6.39
CA ILE A 340 -25.55 -32.26 -5.44
C ILE A 340 -25.07 -31.44 -4.24
N SER A 341 -23.76 -31.49 -3.95
CA SER A 341 -23.24 -30.67 -2.86
C SER A 341 -23.51 -29.20 -3.16
N GLU A 342 -23.26 -28.81 -4.41
CA GLU A 342 -23.46 -27.44 -4.84
C GLU A 342 -24.94 -27.05 -4.92
N THR A 343 -25.75 -27.94 -5.49
CA THR A 343 -27.16 -27.72 -5.64
C THR A 343 -27.86 -27.59 -4.26
N ALA A 344 -27.50 -28.45 -3.32
CA ALA A 344 -28.08 -28.36 -1.96
C ALA A 344 -27.81 -26.98 -1.34
N MET A 345 -26.61 -26.43 -1.58
CA MET A 345 -26.30 -25.11 -1.02
C MET A 345 -27.11 -24.01 -1.71
N ILE A 346 -27.12 -24.04 -3.04
CA ILE A 346 -27.84 -23.01 -3.77
C ILE A 346 -29.34 -23.00 -3.51
N PHE A 347 -29.95 -24.17 -3.53
CA PHE A 347 -31.38 -24.22 -3.40
C PHE A 347 -32.00 -24.49 -2.02
N ALA A 348 -31.21 -24.91 -1.04
CA ALA A 348 -31.79 -25.15 0.29
C ALA A 348 -30.89 -24.55 1.38
N GLY A 349 -29.81 -23.90 0.96
CA GLY A 349 -28.87 -23.29 1.88
C GLY A 349 -28.24 -24.29 2.82
N VAL A 350 -28.10 -25.55 2.41
CA VAL A 350 -27.54 -26.61 3.22
C VAL A 350 -26.09 -26.97 2.86
N ASP A 351 -25.24 -27.13 3.89
CA ASP A 351 -23.84 -27.58 3.76
C ASP A 351 -23.97 -29.08 4.04
N VAL A 352 -23.80 -29.95 3.04
CA VAL A 352 -24.01 -31.38 3.24
C VAL A 352 -23.02 -32.07 4.20
N THR A 353 -21.91 -31.41 4.51
CA THR A 353 -20.98 -32.03 5.47
C THR A 353 -21.47 -31.79 6.90
N LYS A 354 -22.46 -30.91 7.08
CA LYS A 354 -23.00 -30.58 8.43
C LYS A 354 -24.48 -30.81 8.70
N GLU A 355 -25.33 -30.68 7.67
CA GLU A 355 -26.77 -30.80 7.88
C GLU A 355 -27.43 -31.62 6.79
N PRO A 356 -28.60 -32.17 7.08
CA PRO A 356 -29.33 -32.99 6.09
C PRO A 356 -30.05 -32.12 5.04
N ILE A 357 -30.34 -32.75 3.90
CA ILE A 357 -31.04 -32.08 2.81
C ILE A 357 -32.55 -32.39 2.94
N PRO A 358 -33.40 -31.36 2.87
CA PRO A 358 -34.87 -31.58 2.97
C PRO A 358 -35.34 -32.13 1.62
N VAL A 359 -36.04 -33.26 1.62
CA VAL A 359 -36.45 -33.88 0.33
C VAL A 359 -37.85 -34.50 0.44
N LEU A 360 -38.45 -34.77 -0.72
CA LEU A 360 -39.77 -35.46 -0.76
C LEU A 360 -39.99 -36.01 -2.17
N PRO A 361 -40.88 -37.01 -2.30
CA PRO A 361 -41.18 -37.66 -3.58
C PRO A 361 -41.65 -36.64 -4.57
N THR A 362 -41.07 -36.71 -5.78
CA THR A 362 -41.34 -35.72 -6.82
C THR A 362 -41.45 -36.40 -8.19
N VAL A 363 -42.50 -36.08 -8.96
CA VAL A 363 -42.67 -36.61 -10.32
C VAL A 363 -41.33 -36.46 -11.06
N HIS A 364 -40.89 -37.52 -11.76
CA HIS A 364 -39.57 -37.57 -12.38
C HIS A 364 -39.44 -38.23 -13.78
N TYR A 365 -40.24 -39.26 -14.06
CA TYR A 365 -40.01 -39.99 -15.30
C TYR A 365 -41.27 -40.73 -15.68
N ASN A 366 -41.47 -40.89 -16.96
CA ASN A 366 -42.66 -41.57 -17.46
C ASN A 366 -42.37 -42.99 -17.97
N MET A 367 -42.85 -44.01 -17.27
CA MET A 367 -42.66 -45.38 -17.76
C MET A 367 -43.43 -45.58 -19.09
N GLY A 368 -44.60 -44.97 -19.20
CA GLY A 368 -45.40 -45.08 -20.43
C GLY A 368 -44.88 -44.27 -21.63
N GLY A 369 -45.47 -44.48 -22.80
CA GLY A 369 -45.01 -43.72 -23.98
C GLY A 369 -45.53 -44.36 -25.25
N ILE A 370 -44.83 -44.17 -26.37
CA ILE A 370 -45.25 -44.76 -27.66
C ILE A 370 -44.85 -46.27 -27.66
N PRO A 371 -45.81 -47.19 -27.88
CA PRO A 371 -45.44 -48.61 -27.85
C PRO A 371 -44.57 -49.07 -28.99
N THR A 372 -43.54 -49.86 -28.66
CA THR A 372 -42.65 -50.38 -29.70
C THR A 372 -42.33 -51.86 -29.43
N ASN A 373 -41.70 -52.51 -30.42
CA ASN A 373 -41.25 -53.89 -30.23
C ASN A 373 -39.79 -53.73 -29.79
N TYR A 374 -39.06 -54.82 -29.58
CA TYR A 374 -37.67 -54.67 -29.09
C TYR A 374 -36.69 -54.14 -30.11
N LYS A 375 -37.14 -53.99 -31.34
CA LYS A 375 -36.24 -53.45 -32.38
C LYS A 375 -36.42 -51.96 -32.56
N GLY A 376 -37.32 -51.35 -31.80
CA GLY A 376 -37.60 -49.91 -31.86
C GLY A 376 -38.74 -49.49 -32.81
N GLN A 377 -39.40 -50.45 -33.47
CA GLN A 377 -40.48 -50.09 -34.41
C GLN A 377 -41.77 -49.85 -33.66
N VAL A 378 -42.49 -48.78 -34.02
CA VAL A 378 -43.73 -48.45 -33.33
C VAL A 378 -44.78 -49.48 -33.80
N ILE A 379 -45.61 -49.91 -32.85
CA ILE A 379 -46.64 -50.90 -33.16
C ILE A 379 -48.02 -50.43 -32.76
N THR A 380 -49.00 -51.03 -33.41
CA THR A 380 -50.36 -50.77 -33.00
C THR A 380 -50.91 -52.16 -32.68
N HIS A 381 -52.15 -52.24 -32.22
CA HIS A 381 -52.70 -53.55 -31.83
C HIS A 381 -54.11 -53.63 -32.40
N VAL A 382 -54.32 -54.56 -33.34
CA VAL A 382 -55.61 -54.70 -34.04
C VAL A 382 -56.10 -56.13 -34.01
N ASN A 383 -57.30 -56.34 -33.49
CA ASN A 383 -57.88 -57.67 -33.39
C ASN A 383 -56.94 -58.62 -32.67
N GLY A 384 -56.47 -58.18 -31.51
CA GLY A 384 -55.58 -59.02 -30.72
C GLY A 384 -54.20 -59.30 -31.29
N GLU A 385 -53.76 -58.56 -32.30
CA GLU A 385 -52.41 -58.79 -32.81
C GLU A 385 -51.63 -57.48 -32.87
N ASP A 386 -50.35 -57.51 -32.52
CA ASP A 386 -49.49 -56.33 -32.63
C ASP A 386 -49.12 -56.23 -34.11
N LYS A 387 -49.05 -55.02 -34.63
CA LYS A 387 -48.69 -54.83 -36.04
C LYS A 387 -47.76 -53.63 -36.13
N VAL A 388 -46.67 -53.77 -36.86
CA VAL A 388 -45.70 -52.69 -37.01
C VAL A 388 -46.26 -51.55 -37.85
N VAL A 389 -45.98 -50.29 -37.46
CA VAL A 389 -46.41 -49.11 -38.22
C VAL A 389 -45.25 -48.83 -39.19
N PRO A 390 -45.48 -49.05 -40.50
CA PRO A 390 -44.40 -48.84 -41.47
C PRO A 390 -43.72 -47.46 -41.43
N GLY A 391 -42.40 -47.47 -41.39
CA GLY A 391 -41.62 -46.22 -41.41
C GLY A 391 -41.57 -45.37 -40.12
N LEU A 392 -42.09 -45.91 -39.00
CA LEU A 392 -42.10 -45.18 -37.72
C LEU A 392 -41.38 -45.94 -36.57
N TYR A 393 -40.46 -45.26 -35.90
CA TYR A 393 -39.64 -45.82 -34.78
C TYR A 393 -39.74 -44.84 -33.57
N ALA A 394 -39.45 -45.33 -32.36
CA ALA A 394 -39.43 -44.44 -31.18
C ALA A 394 -38.41 -45.02 -30.21
N CYS A 395 -37.69 -44.16 -29.51
CA CYS A 395 -36.71 -44.64 -28.52
C CYS A 395 -36.56 -43.62 -27.39
N GLY A 396 -36.00 -44.06 -26.25
CA GLY A 396 -35.80 -43.13 -25.14
C GLY A 396 -37.04 -43.01 -24.29
N GLU A 397 -37.13 -41.96 -23.49
CA GLU A 397 -38.22 -41.82 -22.57
C GLU A 397 -39.58 -41.69 -23.31
N ALA A 398 -39.57 -41.25 -24.57
CA ALA A 398 -40.85 -41.12 -25.32
C ALA A 398 -41.44 -42.51 -25.65
N ALA A 399 -40.59 -43.55 -25.62
CA ALA A 399 -41.05 -44.89 -25.98
C ALA A 399 -41.46 -45.79 -24.82
N SER A 400 -42.25 -46.82 -25.14
CA SER A 400 -42.58 -47.86 -24.15
C SER A 400 -42.21 -49.17 -24.87
N ALA A 401 -41.00 -49.65 -24.64
CA ALA A 401 -40.50 -50.87 -25.31
C ALA A 401 -41.03 -52.29 -24.97
N SER A 402 -41.44 -52.60 -23.73
CA SER A 402 -41.41 -51.71 -22.56
C SER A 402 -40.32 -52.34 -21.71
N VAL A 403 -39.18 -51.69 -21.55
CA VAL A 403 -38.18 -52.34 -20.69
C VAL A 403 -38.43 -52.00 -19.24
N HIS A 404 -39.30 -51.02 -18.94
CA HIS A 404 -39.44 -50.61 -17.51
C HIS A 404 -40.73 -51.00 -16.83
N GLY A 405 -41.72 -51.43 -17.60
CA GLY A 405 -42.96 -51.88 -17.00
C GLY A 405 -43.62 -50.87 -16.09
N ALA A 406 -43.91 -51.28 -14.85
CA ALA A 406 -44.60 -50.43 -13.88
C ALA A 406 -43.69 -49.66 -12.93
N ASN A 407 -42.37 -49.82 -13.11
CA ASN A 407 -41.42 -49.10 -12.24
C ASN A 407 -40.01 -49.26 -12.82
N ARG A 408 -39.37 -48.14 -13.13
CA ARG A 408 -38.05 -48.18 -13.71
C ARG A 408 -36.97 -48.20 -12.61
N LEU A 409 -35.88 -48.97 -12.83
CA LEU A 409 -34.77 -49.00 -11.89
C LEU A 409 -33.89 -47.81 -12.17
N GLY A 410 -33.39 -47.16 -11.12
CA GLY A 410 -32.43 -46.06 -11.32
C GLY A 410 -31.25 -46.57 -12.20
N ALA A 411 -30.74 -45.68 -13.05
CA ALA A 411 -29.65 -45.88 -14.04
C ALA A 411 -29.94 -46.79 -15.20
N ASN A 412 -31.22 -47.16 -15.37
CA ASN A 412 -31.61 -47.98 -16.53
C ASN A 412 -32.14 -47.09 -17.70
N SER A 413 -32.42 -45.81 -17.46
CA SER A 413 -32.91 -44.98 -18.60
C SER A 413 -31.78 -44.55 -19.52
N LEU A 414 -30.65 -44.02 -18.99
CA LEU A 414 -29.54 -43.64 -19.85
C LEU A 414 -29.10 -44.86 -20.69
N LEU A 415 -29.23 -46.04 -20.11
CA LEU A 415 -28.86 -47.27 -20.84
C LEU A 415 -29.83 -47.52 -22.01
N ASP A 416 -31.12 -47.41 -21.71
CA ASP A 416 -32.23 -47.53 -22.67
C ASP A 416 -31.96 -46.54 -23.87
N LEU A 417 -31.53 -45.29 -23.56
CA LEU A 417 -31.32 -44.32 -24.63
C LEU A 417 -30.28 -44.77 -25.65
N VAL A 418 -29.09 -45.23 -25.19
CA VAL A 418 -28.06 -45.56 -26.15
C VAL A 418 -28.26 -46.92 -26.79
N VAL A 419 -28.89 -47.82 -26.06
CA VAL A 419 -29.12 -49.18 -26.60
C VAL A 419 -30.24 -49.15 -27.63
N PHE A 420 -31.36 -48.47 -27.33
CA PHE A 420 -32.44 -48.44 -28.31
C PHE A 420 -32.27 -47.36 -29.39
N GLY A 421 -31.51 -46.29 -29.10
CA GLY A 421 -31.23 -45.32 -30.17
C GLY A 421 -30.41 -46.09 -31.22
N ARG A 422 -29.45 -46.90 -30.76
CA ARG A 422 -28.63 -47.68 -31.72
C ARG A 422 -29.50 -48.74 -32.43
N ALA A 423 -30.40 -49.38 -31.69
CA ALA A 423 -31.25 -50.40 -32.30
C ALA A 423 -32.15 -49.86 -33.41
N CYS A 424 -32.71 -48.65 -33.25
CA CYS A 424 -33.54 -48.09 -34.35
C CYS A 424 -32.66 -47.97 -35.61
N ALA A 425 -31.44 -47.45 -35.46
CA ALA A 425 -30.57 -47.31 -36.62
C ALA A 425 -30.20 -48.66 -37.27
N LEU A 426 -29.86 -49.65 -36.46
CA LEU A 426 -29.53 -51.01 -36.96
C LEU A 426 -30.71 -51.63 -37.67
N THR A 427 -31.92 -51.46 -37.13
CA THR A 427 -33.10 -52.07 -37.74
C THR A 427 -33.42 -51.43 -39.11
N ILE A 428 -33.28 -50.11 -39.20
CA ILE A 428 -33.53 -49.43 -40.46
C ILE A 428 -32.47 -49.92 -41.49
N ALA A 429 -31.20 -50.01 -41.09
CA ALA A 429 -30.11 -50.46 -41.98
C ALA A 429 -30.30 -51.87 -42.47
N GLU A 430 -31.02 -52.71 -41.73
CA GLU A 430 -31.24 -54.08 -42.20
C GLU A 430 -32.54 -54.20 -43.01
N THR A 431 -33.32 -53.13 -43.03
CA THR A 431 -34.62 -53.10 -43.71
C THR A 431 -34.63 -52.31 -45.00
N CYS A 432 -33.78 -51.28 -45.08
CA CYS A 432 -33.74 -50.34 -46.19
C CYS A 432 -32.31 -50.06 -46.61
N LYS A 433 -32.11 -49.36 -47.73
CA LYS A 433 -30.74 -48.99 -48.14
C LYS A 433 -30.79 -47.49 -48.40
N PRO A 434 -29.67 -46.78 -48.24
CA PRO A 434 -29.67 -45.33 -48.48
C PRO A 434 -29.99 -45.02 -49.94
N GLY A 435 -30.66 -43.88 -50.18
CA GLY A 435 -30.95 -43.45 -51.52
C GLY A 435 -32.18 -44.04 -52.19
N GLU A 436 -32.87 -44.97 -51.53
CA GLU A 436 -34.06 -45.50 -52.15
C GLU A 436 -35.01 -44.32 -52.31
N PRO A 437 -36.00 -44.41 -53.21
CA PRO A 437 -36.89 -43.26 -53.37
C PRO A 437 -37.67 -42.77 -52.16
N VAL A 438 -37.85 -41.45 -52.07
CA VAL A 438 -38.57 -40.84 -50.97
C VAL A 438 -40.09 -40.94 -51.21
N PRO A 439 -40.86 -41.41 -50.22
CA PRO A 439 -42.30 -41.53 -50.40
C PRO A 439 -42.98 -40.21 -50.68
N SER A 440 -44.04 -40.23 -51.49
CA SER A 440 -44.73 -39.00 -51.79
C SER A 440 -45.83 -38.69 -50.75
N ILE A 441 -46.19 -37.41 -50.68
CA ILE A 441 -47.25 -36.95 -49.78
C ILE A 441 -48.13 -35.97 -50.59
N LYS A 442 -49.41 -35.86 -50.22
CA LYS A 442 -50.30 -34.94 -50.92
C LYS A 442 -49.74 -33.51 -50.82
N PRO A 443 -50.00 -32.69 -51.84
CA PRO A 443 -49.52 -31.29 -51.88
C PRO A 443 -49.90 -30.46 -50.66
N ASN A 444 -51.04 -30.76 -50.05
CA ASN A 444 -51.51 -30.01 -48.89
C ASN A 444 -51.29 -30.80 -47.57
N ALA A 445 -50.45 -31.84 -47.59
CA ALA A 445 -50.19 -32.61 -46.39
C ALA A 445 -49.66 -31.67 -45.29
N GLY A 446 -50.25 -31.80 -44.11
CA GLY A 446 -49.88 -30.97 -42.96
C GLY A 446 -50.68 -29.69 -42.80
N GLU A 447 -51.65 -29.41 -43.69
CA GLU A 447 -52.39 -28.14 -43.58
C GLU A 447 -53.14 -27.97 -42.24
N GLU A 448 -53.64 -29.05 -41.68
CA GLU A 448 -54.35 -28.98 -40.42
C GLU A 448 -53.43 -28.52 -39.27
N SER A 449 -52.14 -28.83 -39.36
CA SER A 449 -51.19 -28.44 -38.32
C SER A 449 -51.00 -26.95 -38.42
N VAL A 450 -50.89 -26.46 -39.65
CA VAL A 450 -50.71 -25.03 -39.86
C VAL A 450 -51.95 -24.25 -39.43
N ALA A 451 -53.13 -24.77 -39.77
CA ALA A 451 -54.38 -24.14 -39.38
C ALA A 451 -54.50 -24.05 -37.85
N ASN A 452 -54.10 -25.11 -37.14
CA ASN A 452 -54.14 -25.11 -35.66
C ASN A 452 -53.13 -24.07 -35.15
N LEU A 453 -51.94 -24.03 -35.73
CA LEU A 453 -50.94 -23.05 -35.30
C LEU A 453 -51.51 -21.60 -35.43
N ASP A 454 -52.13 -21.30 -36.57
CA ASP A 454 -52.68 -19.96 -36.83
C ASP A 454 -53.80 -19.61 -35.86
N LYS A 455 -54.65 -20.58 -35.56
CA LYS A 455 -55.73 -20.38 -34.61
C LYS A 455 -55.18 -19.97 -33.25
N LEU A 456 -54.11 -20.63 -32.81
CA LEU A 456 -53.55 -20.30 -31.50
C LEU A 456 -52.81 -18.95 -31.52
N ARG A 457 -52.14 -18.66 -32.63
CA ARG A 457 -51.39 -17.41 -32.75
C ARG A 457 -52.29 -16.14 -32.54
N PHE A 458 -53.52 -16.26 -33.03
CA PHE A 458 -54.47 -15.16 -32.97
C PHE A 458 -55.59 -15.29 -31.91
N ALA A 459 -55.46 -16.26 -31.02
CA ALA A 459 -56.49 -16.55 -30.00
C ALA A 459 -56.85 -15.37 -29.12
N ASP A 460 -58.13 -15.10 -29.03
CA ASP A 460 -58.56 -13.95 -28.25
C ASP A 460 -59.71 -14.22 -27.31
N GLY A 461 -59.63 -15.35 -26.60
CA GLY A 461 -60.68 -15.70 -25.65
C GLY A 461 -60.55 -15.10 -24.27
N THR A 462 -60.92 -15.89 -23.29
CA THR A 462 -60.97 -15.47 -21.92
C THR A 462 -60.02 -16.15 -20.91
N ILE A 463 -59.44 -17.28 -21.30
CA ILE A 463 -58.56 -18.01 -20.39
C ILE A 463 -57.16 -18.02 -20.97
N ARG A 464 -56.22 -17.31 -20.36
CA ARG A 464 -54.88 -17.31 -20.89
C ARG A 464 -54.17 -18.66 -20.65
N THR A 465 -53.24 -18.96 -21.56
CA THR A 465 -52.49 -20.21 -21.52
C THR A 465 -51.94 -20.56 -20.13
N SER A 466 -51.32 -19.61 -19.48
CA SER A 466 -50.74 -19.92 -18.15
C SER A 466 -51.76 -20.31 -17.10
N GLU A 467 -53.00 -19.84 -17.23
CA GLU A 467 -54.06 -20.13 -16.27
C GLU A 467 -54.55 -21.52 -16.49
N ALA A 468 -54.72 -21.89 -17.76
CA ALA A 468 -55.20 -23.23 -18.07
C ALA A 468 -54.09 -24.26 -17.67
N ARG A 469 -52.82 -23.91 -17.90
CA ARG A 469 -51.72 -24.83 -17.60
C ARG A 469 -51.66 -25.07 -16.07
N LEU A 470 -51.71 -24.00 -15.29
CA LEU A 470 -51.68 -24.15 -13.83
C LEU A 470 -52.87 -25.00 -13.37
N ASN A 471 -54.04 -24.81 -13.98
CA ASN A 471 -55.22 -25.59 -13.63
C ASN A 471 -54.99 -27.10 -13.81
N MET A 472 -54.46 -27.46 -14.97
CA MET A 472 -54.12 -28.84 -15.28
C MET A 472 -53.10 -29.39 -14.28
N GLN A 473 -52.04 -28.62 -14.03
CA GLN A 473 -50.95 -29.10 -13.14
C GLN A 473 -51.46 -29.34 -11.71
N LYS A 474 -52.28 -28.43 -11.21
CA LYS A 474 -52.81 -28.59 -9.82
C LYS A 474 -53.79 -29.75 -9.74
N THR A 475 -54.54 -30.00 -10.80
CA THR A 475 -55.46 -31.16 -10.79
C THR A 475 -54.68 -32.49 -10.76
N MET A 476 -53.67 -32.62 -11.61
CA MET A 476 -52.86 -33.85 -11.61
C MET A 476 -52.19 -34.05 -10.26
N GLN A 477 -51.64 -32.97 -9.72
CA GLN A 477 -50.94 -33.09 -8.44
C GLN A 477 -51.87 -33.56 -7.33
N SER A 478 -53.10 -33.06 -7.30
CA SER A 478 -53.93 -33.48 -6.19
C SER A 478 -54.81 -34.68 -6.48
N HIS A 479 -54.94 -35.10 -7.75
CA HIS A 479 -55.81 -36.26 -8.03
C HIS A 479 -55.12 -37.51 -8.56
N ALA A 480 -53.81 -37.42 -8.88
CA ALA A 480 -53.10 -38.62 -9.43
C ALA A 480 -51.68 -38.68 -8.85
N ALA A 481 -51.59 -38.61 -7.54
CA ALA A 481 -50.31 -38.58 -6.83
C ALA A 481 -49.83 -39.98 -6.40
N VAL A 482 -48.96 -40.02 -5.38
CA VAL A 482 -48.38 -41.31 -4.92
C VAL A 482 -49.42 -42.37 -4.56
N PHE A 483 -50.45 -41.97 -3.78
CA PHE A 483 -51.55 -42.92 -3.44
C PHE A 483 -52.80 -42.41 -4.16
N ARG A 484 -53.59 -43.31 -4.74
CA ARG A 484 -54.74 -42.87 -5.47
C ARG A 484 -55.98 -43.64 -5.03
N THR A 485 -57.16 -43.11 -5.39
CA THR A 485 -58.37 -43.86 -5.05
C THR A 485 -59.43 -43.52 -6.08
N GLY A 486 -60.35 -44.44 -6.31
CA GLY A 486 -61.38 -44.23 -7.31
C GLY A 486 -62.17 -42.94 -7.31
N SER A 487 -62.65 -42.48 -6.15
CA SER A 487 -63.44 -41.27 -6.19
C SER A 487 -62.61 -40.03 -6.49
N ILE A 488 -61.38 -40.00 -5.97
CA ILE A 488 -60.51 -38.88 -6.23
C ILE A 488 -60.03 -38.86 -7.72
N LEU A 489 -59.72 -40.04 -8.29
CA LEU A 489 -59.33 -40.14 -9.72
C LEU A 489 -60.52 -39.70 -10.60
N GLN A 490 -61.74 -40.08 -10.20
CA GLN A 490 -62.94 -39.69 -10.98
C GLN A 490 -63.15 -38.19 -10.95
N GLU A 491 -62.98 -37.55 -9.81
CA GLU A 491 -63.16 -36.12 -9.80
C GLU A 491 -62.05 -35.45 -10.67
N GLY A 492 -60.84 -36.01 -10.66
CA GLY A 492 -59.77 -35.44 -11.47
C GLY A 492 -60.06 -35.61 -12.95
N CYS A 493 -60.61 -36.74 -13.34
CA CYS A 493 -60.96 -36.98 -14.73
C CYS A 493 -61.95 -35.93 -15.19
N GLU A 494 -62.97 -35.67 -14.38
CA GLU A 494 -63.96 -34.67 -14.78
C GLU A 494 -63.41 -33.26 -14.82
N LYS A 495 -62.58 -32.89 -13.86
CA LYS A 495 -61.94 -31.58 -13.89
C LYS A 495 -61.06 -31.42 -15.13
N LEU A 496 -60.24 -32.43 -15.49
CA LEU A 496 -59.37 -32.32 -16.68
C LEU A 496 -60.16 -32.24 -17.96
N SER A 497 -61.23 -33.02 -18.06
CA SER A 497 -62.07 -32.99 -19.25
C SER A 497 -62.68 -31.59 -19.46
N GLN A 498 -63.08 -30.93 -18.39
CA GLN A 498 -63.62 -29.56 -18.47
C GLN A 498 -62.50 -28.57 -18.90
N ILE A 499 -61.28 -28.73 -18.38
CA ILE A 499 -60.16 -27.85 -18.77
C ILE A 499 -59.91 -28.10 -20.27
N TYR A 500 -60.01 -29.35 -20.73
CA TYR A 500 -59.79 -29.59 -22.17
C TYR A 500 -60.85 -28.86 -23.04
N ARG A 501 -62.11 -29.00 -22.67
CA ARG A 501 -63.15 -28.29 -23.46
C ARG A 501 -62.88 -26.77 -23.38
N ASP A 502 -62.44 -26.28 -22.25
CA ASP A 502 -62.17 -24.84 -22.14
C ASP A 502 -60.95 -24.31 -22.93
N LEU A 503 -60.19 -25.18 -23.58
CA LEU A 503 -59.11 -24.69 -24.39
C LEU A 503 -59.74 -23.87 -25.53
N ALA A 504 -61.02 -24.13 -25.85
CA ALA A 504 -61.68 -23.35 -26.90
C ALA A 504 -61.70 -21.85 -26.52
N HIS A 505 -61.57 -21.55 -25.23
CA HIS A 505 -61.55 -20.16 -24.76
C HIS A 505 -60.14 -19.57 -24.54
N LEU A 506 -59.11 -20.19 -25.12
CA LEU A 506 -57.75 -19.69 -24.91
C LEU A 506 -57.57 -18.23 -25.36
N LYS A 507 -56.66 -17.56 -24.68
CA LYS A 507 -56.26 -16.19 -25.01
C LYS A 507 -54.72 -16.09 -25.08
N THR A 508 -54.18 -15.61 -26.20
CA THR A 508 -52.74 -15.38 -26.32
C THR A 508 -52.54 -13.90 -26.63
N PHE A 509 -51.33 -13.40 -26.50
CA PHE A 509 -51.10 -12.00 -26.74
C PHE A 509 -50.08 -11.68 -27.82
N ASP A 510 -49.01 -12.49 -27.96
CA ASP A 510 -47.96 -12.17 -28.92
C ASP A 510 -48.49 -12.54 -30.29
N ARG A 511 -48.54 -11.58 -31.21
CA ARG A 511 -49.06 -11.89 -32.54
C ARG A 511 -47.93 -12.04 -33.57
N GLY A 512 -46.67 -12.02 -33.10
CA GLY A 512 -45.59 -12.18 -34.05
C GLY A 512 -45.37 -13.64 -34.42
N ILE A 513 -44.32 -13.92 -35.21
CA ILE A 513 -44.06 -15.31 -35.59
C ILE A 513 -42.59 -15.71 -35.31
N VAL A 514 -41.69 -14.74 -35.22
CA VAL A 514 -40.29 -15.05 -34.87
C VAL A 514 -40.20 -15.17 -33.36
N TRP A 515 -39.73 -16.34 -32.88
CA TRP A 515 -39.57 -16.53 -31.46
C TRP A 515 -40.81 -16.15 -30.63
N ASN A 516 -41.95 -16.63 -31.10
CA ASN A 516 -43.17 -16.39 -30.36
C ASN A 516 -43.32 -17.52 -29.35
N THR A 517 -42.75 -17.36 -28.16
CA THR A 517 -42.83 -18.41 -27.13
C THR A 517 -44.20 -18.49 -26.46
N ASP A 518 -45.00 -17.43 -26.58
CA ASP A 518 -46.38 -17.42 -26.08
C ASP A 518 -47.10 -18.52 -26.89
N LEU A 519 -46.92 -18.48 -28.22
CA LEU A 519 -47.51 -19.46 -29.14
C LEU A 519 -46.88 -20.87 -28.90
N VAL A 520 -45.55 -20.97 -28.86
CA VAL A 520 -44.93 -22.29 -28.63
C VAL A 520 -45.42 -22.91 -27.30
N GLU A 521 -45.49 -22.11 -26.24
CA GLU A 521 -46.02 -22.66 -24.98
C GLU A 521 -47.50 -23.07 -25.04
N THR A 522 -48.27 -22.43 -25.91
CA THR A 522 -49.66 -22.85 -26.08
C THR A 522 -49.75 -24.16 -26.81
N LEU A 523 -48.88 -24.36 -27.84
CA LEU A 523 -48.84 -25.65 -28.55
C LEU A 523 -48.39 -26.75 -27.50
N GLU A 524 -47.40 -26.42 -26.68
CA GLU A 524 -46.98 -27.39 -25.65
C GLU A 524 -48.12 -27.72 -24.67
N LEU A 525 -48.98 -26.73 -24.33
CA LEU A 525 -50.12 -27.00 -23.42
C LEU A 525 -51.11 -28.00 -24.05
N GLN A 526 -51.36 -27.86 -25.36
CA GLN A 526 -52.24 -28.85 -26.01
C GLN A 526 -51.62 -30.25 -25.92
N ASN A 527 -50.32 -30.34 -26.11
CA ASN A 527 -49.60 -31.63 -26.07
C ASN A 527 -49.67 -32.21 -24.65
N LEU A 528 -49.37 -31.39 -23.65
CA LEU A 528 -49.45 -31.82 -22.25
C LEU A 528 -50.85 -32.31 -21.86
N MET A 529 -51.90 -31.59 -22.30
CA MET A 529 -53.26 -32.01 -21.96
C MET A 529 -53.62 -33.36 -22.54
N LEU A 530 -53.16 -33.68 -23.76
CA LEU A 530 -53.44 -35.00 -24.33
C LEU A 530 -52.75 -36.08 -23.50
N CYS A 531 -51.53 -35.78 -23.03
CA CYS A 531 -50.81 -36.74 -22.19
C CYS A 531 -51.52 -36.88 -20.83
N ALA A 532 -51.87 -35.77 -20.19
CA ALA A 532 -52.56 -35.76 -18.88
C ALA A 532 -53.90 -36.56 -18.91
N LEU A 533 -54.73 -36.32 -19.93
CA LEU A 533 -56.01 -37.04 -20.03
C LEU A 533 -55.78 -38.55 -20.07
N GLN A 534 -54.86 -39.02 -20.92
CA GLN A 534 -54.62 -40.46 -21.02
C GLN A 534 -54.09 -41.04 -19.69
N THR A 535 -53.23 -40.29 -19.02
CA THR A 535 -52.68 -40.72 -17.75
C THR A 535 -53.78 -40.94 -16.68
N ILE A 536 -54.62 -39.91 -16.46
CA ILE A 536 -55.59 -40.02 -15.39
C ILE A 536 -56.77 -40.97 -15.73
N TYR A 537 -57.19 -41.02 -16.99
CA TYR A 537 -58.27 -41.97 -17.34
C TYR A 537 -57.73 -43.42 -17.24
N GLY A 538 -56.49 -43.63 -17.70
CA GLY A 538 -55.89 -44.96 -17.57
C GLY A 538 -55.78 -45.36 -16.09
N ALA A 539 -55.40 -44.43 -15.21
CA ALA A 539 -55.27 -44.67 -13.76
C ALA A 539 -56.62 -45.02 -13.15
N GLU A 540 -57.66 -44.27 -13.53
CA GLU A 540 -58.99 -44.53 -12.97
C GLU A 540 -59.48 -45.93 -13.36
N ALA A 541 -59.19 -46.37 -14.58
CA ALA A 541 -59.63 -47.71 -15.03
C ALA A 541 -58.86 -48.87 -14.41
N ARG A 542 -57.58 -48.68 -14.12
CA ARG A 542 -56.75 -49.75 -13.58
C ARG A 542 -57.01 -50.01 -12.08
N LYS A 543 -57.85 -51.03 -11.82
CA LYS A 543 -58.24 -51.35 -10.43
C LYS A 543 -57.39 -52.44 -9.76
N GLU A 544 -56.14 -52.07 -9.47
CA GLU A 544 -55.14 -52.93 -8.82
C GLU A 544 -54.01 -51.98 -8.42
N SER A 545 -53.00 -52.53 -7.73
CA SER A 545 -51.80 -51.79 -7.36
C SER A 545 -50.65 -52.59 -7.99
N ARG A 546 -49.82 -51.93 -8.79
CA ARG A 546 -48.64 -52.58 -9.44
C ARG A 546 -47.57 -51.50 -9.64
N GLY A 547 -46.35 -51.77 -9.20
CA GLY A 547 -45.30 -50.75 -9.31
C GLY A 547 -45.71 -49.39 -8.77
N ALA A 548 -45.46 -48.35 -9.57
CA ALA A 548 -45.77 -46.95 -9.22
C ALA A 548 -47.26 -46.55 -9.08
N HIS A 549 -48.17 -47.41 -9.55
CA HIS A 549 -49.62 -47.14 -9.48
C HIS A 549 -50.13 -47.85 -8.20
N ALA A 550 -50.51 -47.07 -7.20
CA ALA A 550 -50.99 -47.60 -5.92
C ALA A 550 -52.41 -47.11 -5.63
N ARG A 551 -53.36 -48.06 -5.61
CA ARG A 551 -54.77 -47.76 -5.32
C ARG A 551 -55.12 -48.18 -3.85
N GLU A 552 -55.61 -47.25 -3.04
CA GLU A 552 -55.93 -47.58 -1.66
C GLU A 552 -57.22 -48.37 -1.59
N ASP A 553 -57.97 -48.38 -2.69
CA ASP A 553 -59.22 -49.13 -2.79
C ASP A 553 -59.05 -50.51 -3.47
N TYR A 554 -57.87 -50.75 -4.05
CA TYR A 554 -57.50 -52.00 -4.72
C TYR A 554 -56.01 -52.20 -4.45
N LYS A 555 -55.71 -52.63 -3.22
CA LYS A 555 -54.33 -52.79 -2.76
C LYS A 555 -53.49 -53.91 -3.32
N LEU A 556 -54.11 -54.91 -3.94
CA LEU A 556 -53.33 -56.05 -4.43
C LEU A 556 -53.02 -56.00 -5.90
N ARG A 557 -51.93 -56.63 -6.29
CA ARG A 557 -51.54 -56.75 -7.68
C ARG A 557 -52.40 -57.91 -8.22
N ILE A 558 -53.04 -57.77 -9.37
CA ILE A 558 -53.90 -58.85 -9.89
C ILE A 558 -53.40 -59.45 -11.19
N ASP A 559 -52.83 -60.65 -11.10
CA ASP A 559 -52.24 -61.35 -12.23
C ASP A 559 -53.20 -62.45 -12.74
N GLU A 560 -52.76 -63.17 -13.78
CA GLU A 560 -53.55 -64.25 -14.37
C GLU A 560 -53.65 -65.46 -13.40
N PHE A 561 -52.75 -65.54 -12.42
CA PHE A 561 -52.77 -66.58 -11.39
C PHE A 561 -52.51 -65.85 -10.08
N ASP A 562 -52.78 -66.50 -8.96
CA ASP A 562 -52.45 -65.89 -7.68
C ASP A 562 -51.04 -66.46 -7.46
N TYR A 563 -50.01 -65.67 -7.75
CA TYR A 563 -48.67 -66.20 -7.59
C TYR A 563 -48.13 -66.28 -6.17
N SER A 564 -48.95 -66.00 -5.17
CA SER A 564 -48.45 -66.14 -3.81
C SER A 564 -48.77 -67.55 -3.31
N LYS A 565 -49.44 -68.35 -4.15
CA LYS A 565 -49.83 -69.74 -3.82
C LYS A 565 -49.29 -70.69 -4.89
N PRO A 566 -49.34 -72.02 -4.65
CA PRO A 566 -48.83 -72.94 -5.68
C PRO A 566 -49.76 -72.91 -6.88
N LEU A 567 -49.19 -73.04 -8.08
CA LEU A 567 -50.01 -72.99 -9.28
C LEU A 567 -50.86 -74.23 -9.56
N GLN A 568 -50.41 -75.37 -9.03
CA GLN A 568 -51.10 -76.65 -9.19
C GLN A 568 -52.59 -76.55 -8.86
N GLY A 569 -53.41 -76.84 -9.85
CA GLY A 569 -54.86 -76.80 -9.65
C GLY A 569 -55.52 -75.43 -9.68
N GLN A 570 -54.73 -74.38 -9.95
CA GLN A 570 -55.32 -73.05 -9.99
C GLN A 570 -56.03 -72.82 -11.30
N GLN A 571 -57.12 -72.07 -11.23
CA GLN A 571 -57.89 -71.73 -12.43
C GLN A 571 -57.38 -70.38 -13.00
N LYS A 572 -56.76 -70.41 -14.17
CA LYS A 572 -56.24 -69.21 -14.81
C LYS A 572 -57.31 -68.14 -15.14
N ARG A 573 -57.09 -66.90 -14.72
CA ARG A 573 -58.06 -65.85 -15.00
C ARG A 573 -57.99 -65.44 -16.46
N PRO A 574 -59.15 -65.25 -17.10
CA PRO A 574 -59.24 -64.84 -18.51
C PRO A 574 -58.63 -63.42 -18.60
N PHE A 575 -58.13 -63.08 -19.78
CA PHE A 575 -57.48 -61.80 -20.04
C PHE A 575 -58.28 -60.60 -19.50
N GLU A 576 -59.59 -60.63 -19.73
CA GLU A 576 -60.48 -59.58 -19.30
C GLU A 576 -60.69 -59.51 -17.79
N GLU A 577 -60.23 -60.50 -17.06
CA GLU A 577 -60.45 -60.50 -15.61
C GLU A 577 -59.20 -60.29 -14.78
N HIS A 578 -58.07 -60.00 -15.41
CA HIS A 578 -56.89 -59.68 -14.60
C HIS A 578 -56.23 -58.41 -15.15
N TRP A 579 -55.18 -57.98 -14.49
CA TRP A 579 -54.51 -56.73 -14.85
C TRP A 579 -53.07 -56.81 -15.33
N ARG A 580 -52.55 -58.01 -15.52
CA ARG A 580 -51.17 -58.06 -15.97
C ARG A 580 -51.21 -57.95 -17.49
N LYS A 581 -51.37 -56.69 -17.93
CA LYS A 581 -51.48 -56.40 -19.34
C LYS A 581 -51.23 -54.89 -19.47
N HIS A 582 -50.78 -54.47 -20.63
CA HIS A 582 -50.47 -53.04 -20.93
C HIS A 582 -51.74 -52.27 -21.29
N THR A 583 -51.86 -51.05 -20.79
CA THR A 583 -53.00 -50.19 -21.13
C THR A 583 -52.66 -49.50 -22.46
N LEU A 584 -53.59 -49.51 -23.42
CA LEU A 584 -53.41 -48.76 -24.69
C LEU A 584 -54.48 -47.65 -24.68
N SER A 585 -54.08 -46.40 -24.89
CA SER A 585 -55.01 -45.30 -24.84
C SER A 585 -55.06 -44.53 -26.16
N TYR A 586 -56.25 -43.99 -26.46
CA TYR A 586 -56.56 -43.23 -27.67
C TYR A 586 -57.36 -41.99 -27.27
N VAL A 587 -57.24 -40.92 -28.04
CA VAL A 587 -58.01 -39.72 -27.73
C VAL A 587 -58.61 -39.17 -29.01
N ASP A 588 -59.89 -38.79 -28.91
CA ASP A 588 -60.58 -38.13 -30.03
C ASP A 588 -60.22 -36.67 -29.76
N VAL A 589 -59.37 -36.11 -30.59
CA VAL A 589 -58.83 -34.77 -30.35
C VAL A 589 -59.85 -33.63 -30.33
N LYS A 590 -60.95 -33.80 -31.06
CA LYS A 590 -61.94 -32.73 -31.05
C LYS A 590 -62.68 -32.68 -29.73
N SER A 591 -63.07 -33.85 -29.20
CA SER A 591 -63.82 -33.85 -27.94
C SER A 591 -63.00 -34.07 -26.68
N GLY A 592 -61.88 -34.77 -26.83
CA GLY A 592 -61.08 -35.06 -25.67
C GLY A 592 -61.48 -36.38 -25.06
N LYS A 593 -62.37 -37.12 -25.73
CA LYS A 593 -62.82 -38.39 -25.19
C LYS A 593 -61.72 -39.47 -25.27
N VAL A 594 -61.46 -40.12 -24.15
CA VAL A 594 -60.40 -41.16 -24.09
C VAL A 594 -61.02 -42.56 -24.23
N THR A 595 -60.42 -43.41 -25.08
CA THR A 595 -60.82 -44.79 -25.20
C THR A 595 -59.65 -45.67 -24.76
N LEU A 596 -59.91 -46.75 -24.00
CA LEU A 596 -58.83 -47.65 -23.55
C LEU A 596 -59.02 -49.11 -24.09
N LYS A 597 -57.92 -49.77 -24.45
CA LYS A 597 -57.89 -51.17 -24.89
C LYS A 597 -56.68 -51.79 -24.16
N TYR A 598 -56.50 -53.11 -24.27
CA TYR A 598 -55.37 -53.73 -23.59
C TYR A 598 -54.62 -54.73 -24.47
N ARG A 599 -53.32 -54.93 -24.21
CA ARG A 599 -52.54 -55.91 -24.99
C ARG A 599 -51.66 -56.67 -24.02
N PRO A 600 -51.35 -57.94 -24.35
CA PRO A 600 -50.52 -58.75 -23.46
C PRO A 600 -49.07 -58.32 -23.26
N VAL A 601 -48.54 -58.69 -22.09
CA VAL A 601 -47.13 -58.43 -21.74
C VAL A 601 -46.35 -59.57 -22.43
N ILE A 602 -45.15 -59.31 -22.97
CA ILE A 602 -44.37 -60.38 -23.59
C ILE A 602 -43.42 -61.02 -22.56
N ASP A 603 -43.66 -62.29 -22.19
CA ASP A 603 -42.81 -62.98 -21.19
C ASP A 603 -41.62 -63.74 -21.76
N ARG A 604 -41.65 -64.06 -23.04
CA ARG A 604 -40.54 -64.78 -23.65
C ARG A 604 -39.29 -63.90 -23.80
N THR A 605 -38.11 -64.50 -23.73
CA THR A 605 -36.86 -63.75 -23.89
C THR A 605 -36.44 -63.95 -25.36
N LEU A 606 -35.22 -63.55 -25.72
CA LEU A 606 -34.76 -63.73 -27.09
C LEU A 606 -34.13 -65.12 -27.26
N ASN A 607 -33.94 -65.86 -26.16
CA ASN A 607 -33.33 -67.20 -26.24
C ASN A 607 -33.45 -67.86 -24.86
N GLU A 608 -34.46 -68.69 -24.69
CA GLU A 608 -34.74 -69.35 -23.42
C GLU A 608 -33.57 -70.08 -22.82
N GLU A 609 -32.78 -70.68 -23.69
CA GLU A 609 -31.62 -71.45 -23.31
C GLU A 609 -30.53 -70.61 -22.67
N ASP A 610 -30.29 -69.42 -23.23
CA ASP A 610 -29.23 -68.55 -22.68
C ASP A 610 -29.71 -67.62 -21.55
N CYS A 611 -31.01 -67.32 -21.53
CA CYS A 611 -31.60 -66.41 -20.53
C CYS A 611 -33.03 -66.85 -20.35
N SER A 612 -33.37 -67.48 -19.23
CA SER A 612 -34.73 -67.95 -19.13
C SER A 612 -35.71 -66.89 -18.62
N SER A 613 -36.94 -66.98 -19.09
CA SER A 613 -38.03 -66.09 -18.71
C SER A 613 -38.22 -66.20 -17.20
N VAL A 614 -38.57 -65.10 -16.56
CA VAL A 614 -38.77 -65.04 -15.11
C VAL A 614 -40.23 -64.92 -14.83
N PRO A 615 -40.83 -65.97 -14.23
CA PRO A 615 -42.26 -65.92 -13.94
C PRO A 615 -42.61 -64.92 -12.81
N PRO A 616 -43.85 -64.41 -12.78
CA PRO A 616 -44.28 -63.44 -11.75
C PRO A 616 -44.14 -64.04 -10.35
N ALA A 617 -43.73 -63.23 -9.39
CA ALA A 617 -43.58 -63.70 -8.01
C ALA A 617 -43.92 -62.57 -7.06
N ILE A 618 -44.00 -62.87 -5.76
CA ILE A 618 -44.29 -61.81 -4.82
C ILE A 618 -43.06 -60.89 -4.90
N ARG A 619 -43.30 -59.60 -4.82
CA ARG A 619 -42.23 -58.60 -4.96
C ARG A 619 -42.00 -57.79 -3.69
N SER A 620 -40.86 -58.04 -3.04
CA SER A 620 -40.51 -57.33 -1.82
C SER A 620 -39.02 -57.02 -1.80
N TYR A 621 -38.67 -55.95 -1.10
CA TYR A 621 -37.28 -55.50 -0.98
C TYR A 621 -36.80 -55.48 0.49
N THR B 8 -50.25 -8.15 2.93
CA THR B 8 -49.12 -7.22 2.60
C THR B 8 -48.26 -7.73 1.43
N SER B 9 -47.48 -6.85 0.81
CA SER B 9 -46.61 -7.20 -0.31
C SER B 9 -45.23 -6.54 -0.27
N ARG B 10 -44.31 -7.03 -1.10
CA ARG B 10 -42.97 -6.49 -1.21
C ARG B 10 -42.68 -6.37 -2.71
N ILE B 11 -43.02 -5.21 -3.28
CA ILE B 11 -42.89 -4.95 -4.72
C ILE B 11 -41.48 -4.61 -5.19
N LYS B 12 -40.95 -5.45 -6.09
CA LYS B 12 -39.63 -5.28 -6.62
C LYS B 12 -39.75 -4.91 -8.10
N LYS B 13 -38.91 -3.99 -8.54
CA LYS B 13 -38.95 -3.58 -9.94
C LYS B 13 -37.81 -4.19 -10.77
N PHE B 14 -38.13 -4.58 -12.00
CA PHE B 14 -37.16 -5.14 -12.95
C PHE B 14 -37.27 -4.31 -14.23
N SER B 15 -36.15 -3.88 -14.80
CA SER B 15 -36.17 -3.11 -16.04
C SER B 15 -35.51 -4.07 -17.04
N ILE B 16 -36.27 -4.45 -18.07
CA ILE B 16 -35.80 -5.44 -19.05
C ILE B 16 -35.76 -5.00 -20.53
N TYR B 17 -34.66 -5.37 -21.22
CA TYR B 17 -34.43 -5.07 -22.63
C TYR B 17 -35.47 -5.73 -23.54
N ARG B 18 -36.08 -4.93 -24.42
CA ARG B 18 -37.10 -5.42 -25.35
C ARG B 18 -36.77 -5.04 -26.79
N TRP B 19 -36.94 -5.98 -27.73
CA TRP B 19 -36.81 -5.67 -29.17
C TRP B 19 -37.58 -6.76 -29.89
N ASP B 20 -38.47 -6.37 -30.80
CA ASP B 20 -39.31 -7.31 -31.56
C ASP B 20 -38.97 -7.29 -33.04
N PRO B 21 -38.41 -8.40 -33.58
CA PRO B 21 -38.05 -8.47 -34.99
C PRO B 21 -39.27 -8.33 -35.90
N ASP B 22 -40.47 -8.61 -35.40
CA ASP B 22 -41.64 -8.42 -36.27
C ASP B 22 -42.11 -6.92 -36.35
N LYS B 23 -41.46 -6.04 -35.57
CA LYS B 23 -41.70 -4.59 -35.61
C LYS B 23 -40.29 -4.00 -35.55
N PRO B 24 -39.44 -4.39 -36.50
CA PRO B 24 -38.03 -4.01 -36.64
C PRO B 24 -37.63 -2.57 -36.42
N GLY B 25 -38.45 -1.67 -36.92
CA GLY B 25 -38.19 -0.24 -36.82
C GLY B 25 -38.32 0.36 -35.44
N ASP B 26 -39.04 -0.33 -34.53
CA ASP B 26 -39.14 0.18 -33.17
C ASP B 26 -37.82 -0.17 -32.51
N LYS B 27 -37.07 0.86 -32.15
CA LYS B 27 -35.77 0.68 -31.53
C LYS B 27 -35.81 -0.07 -30.19
N PRO B 28 -34.71 -0.75 -29.82
CA PRO B 28 -34.63 -1.48 -28.57
C PRO B 28 -34.96 -0.51 -27.42
N ARG B 29 -35.71 -0.97 -26.43
CA ARG B 29 -36.09 -0.09 -25.30
C ARG B 29 -36.03 -0.90 -23.99
N MET B 30 -36.23 -0.26 -22.83
CA MET B 30 -36.26 -0.97 -21.54
C MET B 30 -37.69 -0.87 -21.02
N GLN B 31 -38.23 -1.96 -20.49
CA GLN B 31 -39.59 -1.94 -19.96
C GLN B 31 -39.53 -2.34 -18.48
N THR B 32 -40.29 -1.63 -17.64
CA THR B 32 -40.29 -1.88 -16.21
C THR B 32 -41.49 -2.71 -15.77
N TYR B 33 -41.22 -3.70 -14.92
CA TYR B 33 -42.26 -4.58 -14.39
C TYR B 33 -42.18 -4.60 -12.86
N GLU B 34 -43.35 -4.68 -12.21
CA GLU B 34 -43.42 -4.73 -10.74
C GLU B 34 -43.87 -6.12 -10.29
N VAL B 35 -43.07 -6.75 -9.43
CA VAL B 35 -43.35 -8.11 -8.96
C VAL B 35 -43.39 -8.21 -7.44
N ASP B 36 -44.42 -8.87 -6.90
CA ASP B 36 -44.52 -9.07 -5.45
C ASP B 36 -43.64 -10.28 -5.04
N LEU B 37 -42.53 -10.02 -4.39
CA LEU B 37 -41.62 -11.10 -3.99
C LEU B 37 -42.23 -12.13 -3.03
N ASN B 38 -43.33 -11.79 -2.35
CA ASN B 38 -43.93 -12.75 -1.43
C ASN B 38 -44.66 -13.81 -2.21
N LYS B 39 -44.91 -13.55 -3.49
CA LYS B 39 -45.62 -14.51 -4.32
C LYS B 39 -44.76 -14.94 -5.51
N CYS B 40 -43.45 -15.04 -5.28
CA CYS B 40 -42.53 -15.42 -6.36
C CYS B 40 -41.41 -16.28 -5.78
N GLY B 41 -40.88 -17.21 -6.58
CA GLY B 41 -39.74 -18.01 -6.12
C GLY B 41 -38.54 -17.07 -5.89
N PRO B 42 -37.43 -17.58 -5.31
CA PRO B 42 -36.26 -16.76 -5.00
C PRO B 42 -35.27 -16.33 -6.12
N MET B 43 -35.34 -16.99 -7.27
CA MET B 43 -34.40 -16.70 -8.40
C MET B 43 -34.93 -15.75 -9.47
N VAL B 44 -34.03 -15.09 -10.18
CA VAL B 44 -34.44 -14.19 -11.24
C VAL B 44 -35.29 -14.89 -12.32
N LEU B 45 -34.94 -16.11 -12.69
CA LEU B 45 -35.78 -16.81 -13.68
C LEU B 45 -37.26 -16.96 -13.17
N ASP B 46 -37.44 -17.19 -11.85
CA ASP B 46 -38.81 -17.27 -11.28
C ASP B 46 -39.58 -15.95 -11.55
N ALA B 47 -38.93 -14.82 -11.35
CA ALA B 47 -39.56 -13.55 -11.68
C ALA B 47 -39.83 -13.39 -13.17
N LEU B 48 -38.92 -13.85 -14.03
CA LEU B 48 -39.16 -13.72 -15.48
C LEU B 48 -40.37 -14.57 -15.88
N ILE B 49 -40.45 -15.79 -15.37
CA ILE B 49 -41.59 -16.67 -15.68
C ILE B 49 -42.88 -16.08 -15.09
N LYS B 50 -42.83 -15.56 -13.87
CA LYS B 50 -44.03 -14.91 -13.27
C LYS B 50 -44.47 -13.70 -14.16
N ILE B 51 -43.53 -12.86 -14.60
CA ILE B 51 -43.92 -11.74 -15.50
C ILE B 51 -44.60 -12.29 -16.79
N LYS B 52 -43.96 -13.25 -17.45
CA LYS B 52 -44.52 -13.74 -18.68
C LYS B 52 -45.90 -14.42 -18.42
N ASN B 53 -46.06 -15.09 -17.30
CA ASN B 53 -47.35 -15.77 -17.06
C ASN B 53 -48.47 -14.85 -16.59
N GLU B 54 -48.12 -13.75 -15.92
CA GLU B 54 -49.15 -12.90 -15.33
C GLU B 54 -49.25 -11.47 -15.83
N LEU B 55 -48.15 -10.91 -16.32
CA LEU B 55 -48.14 -9.52 -16.76
C LEU B 55 -47.92 -9.28 -18.25
N ASP B 56 -47.05 -10.05 -18.91
CA ASP B 56 -46.77 -9.80 -20.33
C ASP B 56 -46.28 -11.08 -20.98
N SER B 57 -47.16 -11.80 -21.65
CA SER B 57 -46.74 -13.03 -22.25
C SER B 57 -45.92 -12.83 -23.53
N THR B 58 -45.64 -11.59 -23.93
CA THR B 58 -44.83 -11.40 -25.13
C THR B 58 -43.33 -11.37 -24.72
N LEU B 59 -43.04 -11.28 -23.42
CA LEU B 59 -41.63 -11.23 -22.92
C LEU B 59 -40.97 -12.57 -23.29
N THR B 60 -39.88 -12.52 -24.06
CA THR B 60 -39.25 -13.74 -24.57
C THR B 60 -37.81 -14.05 -24.07
N PHE B 61 -37.54 -15.30 -23.67
CA PHE B 61 -36.19 -15.68 -23.18
C PHE B 61 -36.04 -17.21 -23.30
N ARG B 62 -34.80 -17.72 -23.28
CA ARG B 62 -34.60 -19.17 -23.34
C ARG B 62 -34.48 -19.72 -21.91
N ARG B 63 -35.01 -20.93 -21.68
CA ARG B 63 -34.85 -21.58 -20.38
C ARG B 63 -35.23 -23.03 -20.53
N SER B 64 -34.69 -23.90 -19.68
CA SER B 64 -35.15 -25.31 -19.74
C SER B 64 -35.04 -25.96 -18.38
N CYS B 65 -33.82 -26.27 -17.92
CA CYS B 65 -33.69 -26.98 -16.64
C CYS B 65 -34.03 -26.30 -15.31
N ARG B 66 -34.14 -24.98 -15.25
CA ARG B 66 -34.21 -24.29 -13.91
C ARG B 66 -33.24 -24.75 -12.69
N GLU B 67 -32.17 -25.52 -12.95
CA GLU B 67 -31.21 -25.87 -11.85
C GLU B 67 -29.71 -25.55 -12.13
N GLY B 68 -29.50 -24.76 -13.15
CA GLY B 68 -28.15 -24.33 -13.52
C GLY B 68 -27.26 -25.36 -14.22
N ILE B 69 -27.86 -26.35 -14.89
CA ILE B 69 -27.05 -27.37 -15.56
C ILE B 69 -27.14 -27.34 -17.11
N CYS B 70 -28.25 -26.83 -17.68
CA CYS B 70 -28.34 -26.89 -19.16
C CYS B 70 -27.64 -25.79 -19.92
N GLY B 71 -27.50 -24.64 -19.24
CA GLY B 71 -26.87 -23.47 -19.84
C GLY B 71 -27.78 -22.55 -20.67
N SER B 72 -29.10 -22.84 -20.74
CA SER B 72 -29.99 -22.07 -21.58
C SER B 72 -30.27 -20.60 -21.23
N CYS B 73 -30.43 -20.32 -19.94
CA CYS B 73 -30.89 -19.01 -19.51
C CYS B 73 -29.82 -17.94 -19.25
N ALA B 74 -28.64 -18.06 -19.86
CA ALA B 74 -27.56 -17.07 -19.65
C ALA B 74 -28.02 -15.69 -20.17
N MET B 75 -27.72 -14.65 -19.37
CA MET B 75 -28.07 -13.27 -19.72
C MET B 75 -27.28 -12.35 -18.79
N ASN B 76 -27.44 -11.04 -18.99
CA ASN B 76 -26.70 -10.10 -18.14
C ASN B 76 -27.63 -9.49 -17.07
N ILE B 77 -27.36 -9.81 -15.80
CA ILE B 77 -28.21 -9.35 -14.69
C ILE B 77 -27.39 -8.44 -13.76
N ALA B 78 -27.88 -7.21 -13.53
CA ALA B 78 -27.19 -6.26 -12.64
C ALA B 78 -25.73 -6.11 -13.09
N GLY B 79 -25.57 -6.02 -14.40
CA GLY B 79 -24.27 -5.81 -15.00
C GLY B 79 -23.35 -7.01 -15.19
N GLY B 80 -23.70 -8.18 -14.65
CA GLY B 80 -22.80 -9.34 -14.84
C GLY B 80 -23.45 -10.52 -15.59
N ASN B 81 -22.68 -11.29 -16.38
CA ASN B 81 -23.30 -12.45 -17.08
C ASN B 81 -23.50 -13.61 -16.09
N THR B 82 -24.68 -14.25 -16.08
CA THR B 82 -24.89 -15.34 -15.18
C THR B 82 -26.14 -16.12 -15.65
N LEU B 83 -26.48 -17.19 -14.94
CA LEU B 83 -27.68 -17.97 -15.26
C LEU B 83 -28.87 -17.39 -14.45
N ALA B 84 -29.96 -16.99 -15.13
CA ALA B 84 -31.11 -16.47 -14.35
C ALA B 84 -31.64 -17.47 -13.32
N CYS B 85 -31.54 -18.75 -13.63
CA CYS B 85 -32.13 -19.76 -12.72
C CYS B 85 -31.38 -20.01 -11.41
N THR B 86 -30.15 -19.53 -11.29
CA THR B 86 -29.41 -19.71 -10.00
C THR B 86 -29.01 -18.34 -9.37
N LYS B 87 -29.45 -17.25 -10.00
CA LYS B 87 -29.13 -15.89 -9.53
C LYS B 87 -30.27 -15.42 -8.57
N LYS B 88 -29.94 -15.24 -7.29
CA LYS B 88 -30.97 -14.79 -6.34
C LYS B 88 -31.45 -13.35 -6.63
N ILE B 89 -32.76 -13.13 -6.54
CA ILE B 89 -33.32 -11.81 -6.71
C ILE B 89 -32.77 -10.97 -5.52
N ASP B 90 -32.40 -9.73 -5.78
CA ASP B 90 -31.90 -8.85 -4.70
C ASP B 90 -33.17 -8.29 -3.99
N PRO B 91 -33.42 -8.67 -2.73
CA PRO B 91 -34.64 -8.16 -2.10
C PRO B 91 -34.67 -6.68 -1.66
N ASP B 92 -33.62 -5.91 -1.99
CA ASP B 92 -33.64 -4.47 -1.68
C ASP B 92 -34.68 -3.80 -2.63
N LEU B 93 -35.84 -3.44 -2.08
CA LEU B 93 -36.92 -2.86 -2.87
C LEU B 93 -36.68 -1.45 -3.38
N SER B 94 -35.64 -0.80 -2.91
CA SER B 94 -35.38 0.52 -3.43
C SER B 94 -34.53 0.45 -4.73
N LYS B 95 -33.94 -0.71 -5.07
CA LYS B 95 -33.13 -0.82 -6.31
C LYS B 95 -33.87 -1.55 -7.44
N THR B 96 -33.74 -1.04 -8.65
CA THR B 96 -34.35 -1.66 -9.83
C THR B 96 -33.26 -2.54 -10.47
N THR B 97 -33.56 -3.81 -10.68
CA THR B 97 -32.61 -4.73 -11.28
C THR B 97 -32.72 -4.65 -12.79
N LYS B 98 -31.62 -4.38 -13.47
CA LYS B 98 -31.59 -4.30 -14.94
C LYS B 98 -31.16 -5.65 -15.58
N ILE B 99 -31.90 -6.05 -16.62
CA ILE B 99 -31.65 -7.32 -17.33
C ILE B 99 -31.49 -7.08 -18.82
N TYR B 100 -30.36 -7.51 -19.37
CA TYR B 100 -30.03 -7.38 -20.77
C TYR B 100 -29.61 -8.73 -21.35
N PRO B 101 -29.56 -8.86 -22.67
CA PRO B 101 -29.11 -10.13 -23.30
C PRO B 101 -27.57 -10.27 -23.06
N LEU B 102 -27.01 -11.44 -23.37
CA LEU B 102 -25.54 -11.60 -23.28
C LEU B 102 -24.98 -10.47 -24.19
N PRO B 103 -23.94 -9.77 -23.72
CA PRO B 103 -23.30 -8.63 -24.41
C PRO B 103 -22.62 -8.86 -25.78
N HIS B 104 -22.76 -7.84 -26.62
CA HIS B 104 -22.12 -7.80 -27.94
C HIS B 104 -22.50 -8.99 -28.80
N MET B 105 -23.79 -9.31 -28.78
CA MET B 105 -24.34 -10.40 -29.58
C MET B 105 -25.52 -9.86 -30.39
N TYR B 106 -25.75 -10.46 -31.55
CA TYR B 106 -26.92 -10.12 -32.38
C TYR B 106 -28.19 -10.65 -31.68
N VAL B 107 -29.13 -9.74 -31.46
CA VAL B 107 -30.35 -10.11 -30.74
C VAL B 107 -31.40 -10.69 -31.70
N VAL B 108 -31.81 -11.92 -31.46
CA VAL B 108 -32.87 -12.52 -32.29
C VAL B 108 -34.24 -11.87 -31.88
N LYS B 109 -34.48 -11.76 -30.57
CA LYS B 109 -35.68 -11.11 -30.02
C LYS B 109 -35.48 -10.99 -28.52
N ASP B 110 -35.88 -9.84 -27.92
CA ASP B 110 -35.73 -9.61 -26.45
C ASP B 110 -34.41 -10.12 -25.81
N LEU B 111 -34.47 -11.14 -24.94
CA LEU B 111 -33.27 -11.65 -24.27
C LEU B 111 -32.58 -12.85 -24.93
N VAL B 112 -32.89 -13.08 -26.20
CA VAL B 112 -32.38 -14.24 -26.94
C VAL B 112 -31.29 -13.87 -27.95
N PRO B 113 -30.04 -14.29 -27.69
CA PRO B 113 -28.93 -13.97 -28.63
C PRO B 113 -28.68 -15.05 -29.67
N ASP B 114 -28.05 -14.69 -30.79
CA ASP B 114 -27.70 -15.68 -31.80
C ASP B 114 -26.35 -16.31 -31.40
N LEU B 115 -26.36 -17.60 -31.01
CA LEU B 115 -25.13 -18.29 -30.57
C LEU B 115 -24.52 -19.15 -31.68
N SER B 116 -24.96 -18.98 -32.94
CA SER B 116 -24.44 -19.91 -33.95
C SER B 116 -22.97 -19.81 -34.25
N ASN B 117 -22.36 -18.62 -34.14
CA ASN B 117 -20.93 -18.53 -34.32
C ASN B 117 -20.19 -19.23 -33.16
N PHE B 118 -20.69 -19.06 -31.93
CA PHE B 118 -20.12 -19.69 -30.69
C PHE B 118 -20.13 -21.21 -30.91
N TYR B 119 -21.27 -21.77 -31.39
CA TYR B 119 -21.29 -23.21 -31.62
C TYR B 119 -20.35 -23.67 -32.78
N ALA B 120 -20.20 -22.88 -33.84
CA ALA B 120 -19.33 -23.25 -34.96
C ALA B 120 -17.87 -23.26 -34.49
N GLN B 121 -17.51 -22.30 -33.64
CA GLN B 121 -16.14 -22.23 -33.09
C GLN B 121 -15.87 -23.50 -32.30
N TYR B 122 -16.84 -23.93 -31.51
CA TYR B 122 -16.71 -25.14 -30.72
C TYR B 122 -16.50 -26.35 -31.64
N LYS B 123 -17.27 -26.44 -32.74
CA LYS B 123 -17.07 -27.56 -33.65
C LYS B 123 -15.68 -27.55 -34.30
N SER B 124 -15.14 -26.37 -34.54
CA SER B 124 -13.87 -26.26 -35.21
C SER B 124 -12.69 -26.85 -34.43
N ILE B 125 -12.79 -27.01 -33.11
CA ILE B 125 -11.65 -27.58 -32.38
C ILE B 125 -11.73 -29.11 -32.21
N GLU B 126 -12.68 -29.76 -32.89
CA GLU B 126 -12.90 -31.23 -32.88
C GLU B 126 -13.00 -31.74 -31.45
N PRO B 127 -14.13 -31.44 -30.78
CA PRO B 127 -14.28 -31.86 -29.39
C PRO B 127 -14.72 -33.28 -29.21
N TYR B 128 -13.83 -34.22 -29.59
CA TYR B 128 -14.16 -35.64 -29.47
C TYR B 128 -12.84 -36.40 -29.39
N LEU B 129 -12.86 -37.62 -28.86
CA LEU B 129 -11.65 -38.42 -28.71
C LEU B 129 -11.08 -38.91 -30.07
N LYS B 130 -9.78 -38.71 -30.30
CA LYS B 130 -9.08 -39.16 -31.52
C LYS B 130 -7.88 -40.04 -31.12
N LYS B 131 -7.80 -41.24 -31.68
CA LYS B 131 -6.67 -42.13 -31.40
C LYS B 131 -5.97 -42.40 -32.73
N LYS B 132 -4.68 -42.73 -32.67
CA LYS B 132 -3.93 -43.01 -33.88
C LYS B 132 -4.51 -44.22 -34.62
N ASP B 133 -5.01 -45.22 -33.89
CA ASP B 133 -5.67 -46.37 -34.52
C ASP B 133 -7.01 -46.57 -33.80
N GLU B 134 -8.11 -46.22 -34.46
CA GLU B 134 -9.45 -46.33 -33.93
C GLU B 134 -10.15 -47.63 -34.32
N SER B 135 -9.48 -48.53 -35.04
CA SER B 135 -10.15 -49.74 -35.49
C SER B 135 -10.58 -50.67 -34.35
N LYS B 136 -9.97 -50.53 -33.18
CA LYS B 136 -10.37 -51.40 -32.03
C LYS B 136 -11.49 -50.78 -31.16
N GLN B 137 -12.04 -49.64 -31.57
CA GLN B 137 -13.10 -48.99 -30.82
C GLN B 137 -14.27 -49.92 -30.48
N GLY B 138 -14.79 -49.80 -29.25
CA GLY B 138 -15.91 -50.62 -28.85
C GLY B 138 -15.66 -52.03 -28.25
N LYS B 139 -14.41 -52.45 -28.23
CA LYS B 139 -14.05 -53.82 -27.79
C LYS B 139 -13.77 -53.91 -26.30
N GLU B 140 -12.97 -52.98 -25.78
CA GLU B 140 -12.68 -52.97 -24.34
C GLU B 140 -12.52 -51.56 -23.81
N GLN B 141 -12.75 -51.35 -22.49
CA GLN B 141 -12.56 -50.05 -21.90
C GLN B 141 -11.12 -49.64 -22.05
N TYR B 142 -10.90 -48.36 -22.33
CA TYR B 142 -9.55 -47.82 -22.38
C TYR B 142 -9.18 -47.59 -20.91
N LEU B 143 -7.93 -47.81 -20.52
CA LEU B 143 -7.57 -47.60 -19.12
C LEU B 143 -7.13 -46.18 -18.89
N GLN B 144 -7.49 -45.63 -17.73
CA GLN B 144 -7.08 -44.30 -17.37
C GLN B 144 -6.92 -44.32 -15.83
N SER B 145 -5.75 -43.94 -15.33
CA SER B 145 -5.55 -43.94 -13.87
C SER B 145 -6.34 -42.82 -13.17
N ILE B 146 -6.56 -43.02 -11.88
CA ILE B 146 -7.26 -42.02 -11.07
C ILE B 146 -6.52 -40.69 -11.22
N GLU B 147 -5.17 -40.72 -11.15
CA GLU B 147 -4.41 -39.48 -11.29
C GLU B 147 -4.61 -38.81 -12.67
N ASP B 148 -4.61 -39.56 -13.77
CA ASP B 148 -4.84 -38.88 -15.07
C ASP B 148 -6.29 -38.38 -15.21
N ARG B 149 -7.26 -39.13 -14.68
CA ARG B 149 -8.67 -38.70 -14.71
C ARG B 149 -8.86 -37.38 -13.90
N GLN B 150 -8.09 -37.25 -12.83
CA GLN B 150 -8.23 -36.08 -11.99
C GLN B 150 -7.83 -34.81 -12.73
N LYS B 151 -7.00 -34.94 -13.77
CA LYS B 151 -6.58 -33.79 -14.57
C LYS B 151 -7.76 -33.15 -15.32
N LEU B 152 -8.81 -33.92 -15.56
CA LEU B 152 -9.99 -33.34 -16.25
C LEU B 152 -10.94 -32.57 -15.31
N ASP B 153 -10.78 -32.68 -13.99
CA ASP B 153 -11.67 -31.95 -13.07
C ASP B 153 -11.49 -30.45 -13.26
N GLY B 154 -12.59 -29.71 -13.26
CA GLY B 154 -12.52 -28.27 -13.50
C GLY B 154 -12.58 -27.94 -15.00
N LEU B 155 -12.54 -28.97 -15.87
CA LEU B 155 -12.57 -28.76 -17.31
C LEU B 155 -13.85 -29.40 -17.97
N TYR B 156 -14.14 -30.66 -17.67
CA TYR B 156 -15.30 -31.31 -18.30
C TYR B 156 -16.66 -30.81 -17.85
N GLU B 157 -16.75 -30.09 -16.74
CA GLU B 157 -18.03 -29.59 -16.18
C GLU B 157 -18.65 -28.44 -16.93
N CYS B 158 -17.93 -27.86 -17.92
CA CYS B 158 -18.44 -26.70 -18.67
C CYS B 158 -19.81 -27.01 -19.29
N ILE B 159 -20.77 -26.09 -19.13
CA ILE B 159 -22.12 -26.31 -19.69
C ILE B 159 -22.38 -25.55 -21.00
N LEU B 160 -21.33 -24.99 -21.59
CA LEU B 160 -21.42 -24.23 -22.85
C LEU B 160 -22.51 -23.09 -22.85
N CYS B 161 -22.60 -22.36 -21.73
CA CYS B 161 -23.56 -21.30 -21.58
C CYS B 161 -23.15 -19.97 -22.25
N ALA B 162 -21.84 -19.81 -22.54
CA ALA B 162 -21.25 -18.64 -23.18
C ALA B 162 -21.16 -17.41 -22.30
N CYS B 163 -21.42 -17.57 -20.99
CA CYS B 163 -21.30 -16.41 -20.10
C CYS B 163 -19.87 -15.83 -20.12
N CYS B 164 -18.86 -16.70 -20.17
CA CYS B 164 -17.48 -16.23 -20.10
C CYS B 164 -17.04 -15.59 -21.41
N SER B 165 -17.31 -16.21 -22.55
CA SER B 165 -16.83 -15.61 -23.80
C SER B 165 -17.52 -14.27 -24.04
N THR B 166 -18.81 -14.17 -23.75
CA THR B 166 -19.49 -12.89 -23.96
C THR B 166 -19.21 -11.84 -22.85
N SER B 167 -18.34 -12.16 -21.88
CA SER B 167 -17.93 -11.15 -20.89
C SER B 167 -16.50 -10.68 -21.24
N CYS B 168 -15.90 -11.29 -22.27
CA CYS B 168 -14.50 -10.99 -22.67
C CYS B 168 -14.38 -9.90 -23.71
N PRO B 169 -13.74 -8.75 -23.37
CA PRO B 169 -13.62 -7.68 -24.36
C PRO B 169 -12.88 -8.13 -25.61
N SER B 170 -11.91 -9.03 -25.51
CA SER B 170 -11.21 -9.49 -26.74
C SER B 170 -12.20 -10.19 -27.66
N TYR B 171 -13.13 -10.95 -27.06
CA TYR B 171 -14.15 -11.64 -27.85
C TYR B 171 -15.15 -10.61 -28.43
N TRP B 172 -15.40 -9.53 -27.69
CA TRP B 172 -16.29 -8.47 -28.21
C TRP B 172 -15.72 -7.85 -29.50
N TRP B 173 -14.43 -7.54 -29.45
CA TRP B 173 -13.78 -6.87 -30.62
C TRP B 173 -13.38 -7.83 -31.74
N ASN B 174 -13.07 -9.08 -31.40
CA ASN B 174 -12.60 -9.99 -32.42
C ASN B 174 -13.22 -11.40 -32.37
N GLY B 175 -14.50 -11.48 -32.00
CA GLY B 175 -15.19 -12.78 -31.95
C GLY B 175 -15.30 -13.51 -33.28
N ASP B 176 -15.02 -12.83 -34.40
CA ASP B 176 -15.04 -13.54 -35.69
C ASP B 176 -13.83 -14.50 -35.84
N LYS B 177 -12.70 -14.19 -35.18
CA LYS B 177 -11.49 -15.00 -35.28
C LYS B 177 -10.86 -15.49 -33.96
N TYR B 178 -11.17 -14.84 -32.82
CA TYR B 178 -10.66 -15.28 -31.52
C TYR B 178 -11.67 -16.35 -31.07
N LEU B 179 -11.19 -17.54 -30.67
CA LEU B 179 -12.13 -18.59 -30.30
C LEU B 179 -12.87 -18.36 -28.96
N GLY B 180 -12.28 -17.56 -28.06
CA GLY B 180 -12.97 -17.29 -26.79
C GLY B 180 -12.65 -18.27 -25.70
N PRO B 181 -12.86 -17.87 -24.42
CA PRO B 181 -12.54 -18.74 -23.29
C PRO B 181 -13.25 -20.11 -23.25
N ALA B 182 -14.51 -20.15 -23.57
CA ALA B 182 -15.22 -21.45 -23.48
C ALA B 182 -14.65 -22.49 -24.43
N VAL B 183 -14.46 -22.09 -25.67
CA VAL B 183 -13.96 -23.03 -26.65
C VAL B 183 -12.50 -23.38 -26.39
N LEU B 184 -11.69 -22.40 -26.00
CA LEU B 184 -10.29 -22.72 -25.71
C LEU B 184 -10.18 -23.66 -24.51
N MET B 185 -11.00 -23.46 -23.47
CA MET B 185 -10.87 -24.39 -22.38
C MET B 185 -11.25 -25.83 -22.80
N GLN B 186 -12.21 -25.98 -23.71
CA GLN B 186 -12.54 -27.35 -24.15
C GLN B 186 -11.37 -27.89 -25.03
N ALA B 187 -10.72 -27.02 -25.82
CA ALA B 187 -9.53 -27.51 -26.58
C ALA B 187 -8.52 -28.10 -25.55
N TYR B 188 -8.29 -27.39 -24.43
CA TYR B 188 -7.40 -27.86 -23.40
C TYR B 188 -7.84 -29.21 -22.78
N ARG B 189 -9.15 -29.37 -22.56
CA ARG B 189 -9.73 -30.59 -21.97
C ARG B 189 -9.41 -31.78 -22.90
N TRP B 190 -9.35 -31.56 -24.21
CA TRP B 190 -8.98 -32.68 -25.09
C TRP B 190 -7.44 -32.86 -25.17
N MET B 191 -6.70 -31.77 -25.10
CA MET B 191 -5.23 -31.86 -25.08
C MET B 191 -4.71 -32.65 -23.88
N ILE B 192 -5.30 -32.49 -22.72
CA ILE B 192 -4.74 -33.20 -21.59
C ILE B 192 -5.38 -34.52 -21.24
N ASP B 193 -6.37 -34.95 -22.04
CA ASP B 193 -6.96 -36.25 -21.78
C ASP B 193 -5.90 -37.29 -22.23
N SER B 194 -5.51 -38.17 -21.33
CA SER B 194 -4.49 -39.19 -21.59
C SER B 194 -4.87 -40.20 -22.66
N ARG B 195 -6.17 -40.34 -22.96
CA ARG B 195 -6.57 -41.29 -23.97
C ARG B 195 -6.50 -40.70 -25.39
N ASP B 196 -6.30 -39.39 -25.52
CA ASP B 196 -6.29 -38.73 -26.86
C ASP B 196 -4.86 -38.66 -27.43
N ASP B 197 -4.70 -38.98 -28.71
CA ASP B 197 -3.34 -39.03 -29.29
C ASP B 197 -3.01 -37.87 -30.19
N TYR B 198 -3.83 -36.82 -30.21
CA TYR B 198 -3.58 -35.74 -31.17
C TYR B 198 -3.18 -34.42 -30.56
N THR B 199 -2.52 -34.46 -29.42
CA THR B 199 -2.15 -33.23 -28.75
C THR B 199 -1.37 -32.23 -29.65
N GLU B 200 -0.35 -32.74 -30.34
CA GLU B 200 0.46 -31.88 -31.20
C GLU B 200 -0.37 -31.21 -32.30
N GLU B 201 -1.29 -31.94 -32.92
CA GLU B 201 -2.12 -31.33 -33.96
C GLU B 201 -3.12 -30.31 -33.35
N ARG B 202 -3.58 -30.55 -32.12
CA ARG B 202 -4.53 -29.63 -31.51
C ARG B 202 -3.84 -28.29 -31.25
N LEU B 203 -2.60 -28.36 -30.79
CA LEU B 203 -1.82 -27.16 -30.57
C LEU B 203 -1.48 -26.47 -31.90
N ALA B 204 -1.10 -27.25 -32.92
CA ALA B 204 -0.78 -26.64 -34.23
C ALA B 204 -1.94 -25.81 -34.78
N GLN B 205 -3.16 -26.22 -34.49
CA GLN B 205 -4.29 -25.47 -34.98
C GLN B 205 -4.32 -24.02 -34.49
N LEU B 206 -3.70 -23.73 -33.35
CA LEU B 206 -3.74 -22.39 -32.76
C LEU B 206 -2.55 -21.50 -33.14
N GLN B 207 -1.74 -21.94 -34.11
CA GLN B 207 -0.60 -21.16 -34.56
C GLN B 207 -0.98 -20.10 -35.58
N ASP B 208 -1.66 -19.04 -35.14
CA ASP B 208 -2.05 -17.89 -35.97
C ASP B 208 -2.21 -16.73 -34.97
N PRO B 209 -2.35 -15.51 -35.44
CA PRO B 209 -2.47 -14.42 -34.46
C PRO B 209 -3.74 -14.26 -33.65
N PHE B 210 -4.82 -14.93 -34.05
CA PHE B 210 -6.11 -14.71 -33.39
C PHE B 210 -6.74 -15.80 -32.53
N SER B 211 -6.68 -17.04 -33.01
CA SER B 211 -7.43 -18.13 -32.36
C SER B 211 -7.31 -18.17 -30.85
N LEU B 212 -6.06 -18.14 -30.39
CA LEU B 212 -5.72 -18.16 -28.97
C LEU B 212 -5.09 -16.84 -28.53
N TYR B 213 -4.22 -16.30 -29.40
CA TYR B 213 -3.46 -15.12 -28.94
C TYR B 213 -4.14 -13.76 -28.75
N ARG B 214 -5.46 -13.64 -28.94
CA ARG B 214 -6.10 -12.36 -28.63
C ARG B 214 -6.36 -12.29 -27.08
N CYS B 215 -6.18 -13.41 -26.36
CA CYS B 215 -6.39 -13.38 -24.90
C CYS B 215 -5.26 -12.55 -24.22
N HIS B 216 -5.62 -11.52 -23.45
CA HIS B 216 -4.61 -10.68 -22.72
C HIS B 216 -4.74 -10.82 -21.20
N THR B 217 -5.29 -11.92 -20.74
CA THR B 217 -5.46 -12.19 -19.33
C THR B 217 -6.31 -11.14 -18.58
N ILE B 218 -7.44 -10.73 -19.17
CA ILE B 218 -8.33 -9.73 -18.51
C ILE B 218 -9.04 -10.37 -17.31
N MET B 219 -9.34 -11.66 -17.43
CA MET B 219 -9.96 -12.47 -16.39
C MET B 219 -11.43 -12.23 -16.04
N ASN B 220 -12.17 -11.59 -16.92
CA ASN B 220 -13.61 -11.42 -16.69
C ASN B 220 -14.24 -12.82 -16.77
N CYS B 221 -13.67 -13.68 -17.61
CA CYS B 221 -14.21 -15.05 -17.82
C CYS B 221 -14.29 -15.86 -16.55
N THR B 222 -13.20 -15.90 -15.80
CA THR B 222 -13.22 -16.69 -14.59
C THR B 222 -14.15 -16.03 -13.55
N ARG B 223 -14.16 -14.71 -13.47
CA ARG B 223 -15.04 -14.04 -12.50
C ARG B 223 -16.54 -14.32 -12.74
N THR B 224 -16.93 -14.44 -13.99
CA THR B 224 -18.36 -14.57 -14.27
C THR B 224 -18.88 -16.01 -14.39
N CYS B 225 -18.01 -17.00 -14.50
CA CYS B 225 -18.48 -18.37 -14.70
C CYS B 225 -19.43 -18.90 -13.62
N PRO B 226 -20.69 -19.24 -13.99
CA PRO B 226 -21.64 -19.73 -12.98
C PRO B 226 -21.32 -21.11 -12.40
N LYS B 227 -20.39 -21.84 -13.04
CA LYS B 227 -20.01 -23.14 -12.56
C LYS B 227 -18.71 -23.06 -11.75
N GLY B 228 -18.18 -21.85 -11.57
CA GLY B 228 -16.95 -21.69 -10.79
C GLY B 228 -15.69 -22.28 -11.41
N LEU B 229 -15.63 -22.33 -12.75
CA LEU B 229 -14.47 -22.93 -13.42
C LEU B 229 -13.51 -21.81 -13.70
N ASN B 230 -12.35 -22.16 -14.27
CA ASN B 230 -11.32 -21.11 -14.53
C ASN B 230 -10.75 -21.19 -15.95
N PRO B 231 -11.53 -20.72 -16.94
CA PRO B 231 -11.05 -20.75 -18.32
C PRO B 231 -9.77 -19.92 -18.51
N GLY B 232 -9.62 -18.83 -17.76
CA GLY B 232 -8.40 -18.05 -17.92
C GLY B 232 -7.14 -18.86 -17.59
N LYS B 233 -7.18 -19.64 -16.52
CA LYS B 233 -6.06 -20.50 -16.15
C LYS B 233 -5.81 -21.57 -17.25
N ALA B 234 -6.88 -22.09 -17.83
CA ALA B 234 -6.72 -23.09 -18.88
C ALA B 234 -6.04 -22.46 -20.11
N ILE B 235 -6.39 -21.24 -20.45
CA ILE B 235 -5.75 -20.58 -21.59
C ILE B 235 -4.23 -20.42 -21.30
N ALA B 236 -3.91 -20.08 -20.07
CA ALA B 236 -2.46 -19.91 -19.73
C ALA B 236 -1.74 -21.25 -19.87
N GLU B 237 -2.38 -22.36 -19.48
CA GLU B 237 -1.75 -23.68 -19.65
C GLU B 237 -1.53 -24.01 -21.15
N ILE B 238 -2.47 -23.61 -22.01
CA ILE B 238 -2.27 -23.88 -23.44
C ILE B 238 -1.07 -23.04 -23.95
N LYS B 239 -1.02 -21.76 -23.56
CA LYS B 239 0.10 -20.88 -24.00
C LYS B 239 1.45 -21.52 -23.58
N LYS B 240 1.51 -22.12 -22.39
CA LYS B 240 2.79 -22.75 -21.98
C LYS B 240 3.12 -23.96 -22.89
N MET B 241 2.11 -24.77 -23.21
CA MET B 241 2.35 -25.89 -24.10
C MET B 241 2.75 -25.44 -25.50
N MET B 242 2.11 -24.38 -25.99
CA MET B 242 2.42 -23.89 -27.31
C MET B 242 3.93 -23.49 -27.37
N ALA B 243 4.41 -22.92 -26.28
CA ALA B 243 5.78 -22.45 -26.20
C ALA B 243 6.81 -23.54 -26.07
N THR B 244 6.43 -24.70 -25.54
CA THR B 244 7.38 -25.78 -25.33
C THR B 244 7.29 -27.07 -26.17
N TYR B 245 6.20 -27.28 -26.91
CA TYR B 245 6.05 -28.50 -27.70
C TYR B 245 6.95 -28.56 -28.94
N LYS B 246 7.26 -29.78 -29.35
CA LYS B 246 8.08 -30.04 -30.55
C LYS B 246 7.21 -30.71 -31.61
N ALA C 2 -24.61 -32.07 -43.59
CA ALA C 2 -23.87 -31.26 -42.59
C ALA C 2 -23.17 -30.08 -43.30
N THR C 3 -22.70 -29.15 -42.48
CA THR C 3 -21.98 -27.97 -42.95
C THR C 3 -20.71 -27.92 -42.09
N THR C 4 -19.58 -27.58 -42.69
CA THR C 4 -18.33 -27.48 -41.96
C THR C 4 -18.42 -26.27 -41.05
N ALA C 5 -17.57 -26.25 -40.02
CA ALA C 5 -17.56 -25.14 -39.08
C ALA C 5 -17.25 -23.86 -39.86
N LYS C 6 -16.33 -23.92 -40.83
CA LYS C 6 -16.02 -22.71 -41.61
C LYS C 6 -17.21 -22.16 -42.40
N GLU C 7 -18.04 -23.05 -42.96
CA GLU C 7 -19.21 -22.59 -43.73
C GLU C 7 -20.25 -22.02 -42.74
N GLU C 8 -20.40 -22.64 -41.56
CA GLU C 8 -21.36 -22.08 -40.58
C GLU C 8 -20.95 -20.66 -40.17
N MET C 9 -19.66 -20.43 -39.95
CA MET C 9 -19.22 -19.07 -39.57
C MET C 9 -19.51 -18.06 -40.70
N ALA C 10 -19.23 -18.45 -41.94
CA ALA C 10 -19.51 -17.53 -43.05
C ALA C 10 -21.00 -17.25 -43.12
N ARG C 11 -21.84 -18.28 -42.99
CA ARG C 11 -23.30 -18.01 -43.04
C ARG C 11 -23.76 -17.11 -41.90
N PHE C 12 -23.18 -17.30 -40.71
CA PHE C 12 -23.55 -16.45 -39.58
C PHE C 12 -23.27 -14.96 -39.90
N TRP C 13 -22.10 -14.66 -40.46
CA TRP C 13 -21.82 -13.25 -40.76
C TRP C 13 -22.65 -12.71 -41.93
N GLU C 14 -22.86 -13.54 -42.94
CA GLU C 14 -23.65 -13.09 -44.08
C GLU C 14 -25.06 -12.72 -43.63
N LYS C 15 -25.68 -13.62 -42.86
CA LYS C 15 -27.05 -13.42 -42.38
C LYS C 15 -27.22 -12.22 -41.43
N ASN C 16 -26.38 -12.12 -40.41
CA ASN C 16 -26.50 -11.05 -39.43
C ASN C 16 -26.10 -9.65 -39.91
N THR C 17 -25.07 -9.54 -40.75
CA THR C 17 -24.70 -8.20 -41.21
C THR C 17 -25.74 -7.59 -42.17
N LYS C 18 -26.54 -8.41 -42.84
CA LYS C 18 -27.56 -7.83 -43.72
C LYS C 18 -28.95 -7.85 -43.06
N SER C 19 -29.03 -8.21 -41.76
CA SER C 19 -30.32 -8.26 -41.09
C SER C 19 -30.61 -6.99 -40.35
N SER C 20 -31.81 -6.95 -39.76
CA SER C 20 -32.23 -5.83 -38.95
C SER C 20 -31.91 -6.04 -37.48
N ARG C 21 -31.22 -7.11 -37.10
CA ARG C 21 -30.96 -7.32 -35.68
C ARG C 21 -29.99 -6.33 -35.03
N PRO C 22 -30.32 -5.84 -33.84
CA PRO C 22 -29.41 -4.90 -33.15
C PRO C 22 -28.31 -5.73 -32.46
N LEU C 23 -27.23 -5.06 -32.09
CA LEU C 23 -26.14 -5.65 -31.35
C LEU C 23 -26.45 -5.28 -29.90
N SER C 24 -26.48 -6.27 -29.00
CA SER C 24 -26.82 -6.04 -27.59
C SER C 24 -25.69 -5.20 -26.94
N PRO C 25 -26.04 -4.31 -25.99
CA PRO C 25 -25.01 -3.48 -25.36
C PRO C 25 -23.95 -4.24 -24.61
N HIS C 26 -22.81 -3.58 -24.43
CA HIS C 26 -21.71 -4.26 -23.81
C HIS C 26 -20.94 -3.35 -22.88
N ILE C 27 -19.95 -2.64 -23.43
CA ILE C 27 -19.13 -1.80 -22.55
C ILE C 27 -19.98 -0.81 -21.75
N SER C 28 -21.11 -0.36 -22.30
CA SER C 28 -21.96 0.58 -21.57
C SER C 28 -22.80 0.02 -20.42
N ILE C 29 -22.94 -1.31 -20.34
CA ILE C 29 -23.74 -1.87 -19.27
C ILE C 29 -22.99 -2.87 -18.42
N TYR C 30 -21.76 -3.27 -18.82
CA TYR C 30 -21.06 -4.30 -18.04
C TYR C 30 -20.53 -3.77 -16.71
N LYS C 31 -20.67 -4.55 -15.65
CA LYS C 31 -20.18 -4.09 -14.39
C LYS C 31 -18.64 -4.16 -14.33
N TRP C 32 -17.98 -3.07 -13.92
CA TRP C 32 -16.51 -3.08 -13.80
C TRP C 32 -16.03 -3.76 -12.54
N SER C 33 -14.80 -4.27 -12.55
CA SER C 33 -14.19 -4.85 -11.35
C SER C 33 -12.77 -4.22 -11.29
N LEU C 34 -12.06 -4.41 -10.17
CA LEU C 34 -10.70 -3.87 -10.09
C LEU C 34 -9.80 -4.54 -11.17
N PRO C 35 -9.83 -5.88 -11.30
CA PRO C 35 -8.97 -6.48 -12.32
C PRO C 35 -9.27 -5.96 -13.73
N MET C 36 -10.54 -5.74 -14.03
CA MET C 36 -10.88 -5.23 -15.34
C MET C 36 -10.32 -3.80 -15.56
N ALA C 37 -10.50 -2.94 -14.56
CA ALA C 37 -9.96 -1.57 -14.63
C ALA C 37 -8.42 -1.59 -14.71
N MET C 38 -7.78 -2.49 -13.98
CA MET C 38 -6.30 -2.53 -14.02
C MET C 38 -5.80 -3.03 -15.36
N SER C 39 -6.59 -3.89 -16.03
CA SER C 39 -6.19 -4.40 -17.33
C SER C 39 -6.20 -3.29 -18.40
N ILE C 40 -7.25 -2.48 -18.47
CA ILE C 40 -7.23 -1.44 -19.49
C ILE C 40 -6.21 -0.35 -19.12
N THR C 41 -5.96 -0.18 -17.82
CA THR C 41 -4.94 0.81 -17.40
C THR C 41 -3.54 0.33 -17.80
N HIS C 42 -3.30 -0.98 -17.81
CA HIS C 42 -1.98 -1.48 -18.23
C HIS C 42 -1.77 -1.10 -19.69
N ARG C 43 -2.81 -1.26 -20.51
CA ARG C 43 -2.73 -0.92 -21.92
C ARG C 43 -2.56 0.58 -22.10
N GLY C 44 -3.30 1.36 -21.32
CA GLY C 44 -3.26 2.81 -21.42
C GLY C 44 -1.89 3.33 -21.04
N THR C 45 -1.32 2.81 -19.97
CA THR C 45 0.03 3.26 -19.59
C THR C 45 1.07 2.83 -20.63
N GLY C 46 0.95 1.60 -21.15
CA GLY C 46 1.88 1.14 -22.16
C GLY C 46 1.88 2.07 -23.38
N VAL C 47 0.68 2.40 -23.87
CA VAL C 47 0.59 3.29 -25.02
C VAL C 47 1.15 4.70 -24.70
N ALA C 48 0.84 5.23 -23.52
CA ALA C 48 1.34 6.56 -23.14
C ALA C 48 2.87 6.58 -23.07
N LEU C 49 3.44 5.52 -22.53
CA LEU C 49 4.88 5.40 -22.42
C LEU C 49 5.53 5.35 -23.80
N SER C 50 4.88 4.67 -24.75
CA SER C 50 5.44 4.57 -26.09
C SER C 50 5.39 5.88 -26.79
N LEU C 51 4.27 6.57 -26.65
CA LEU C 51 4.11 7.86 -27.31
C LEU C 51 5.15 8.80 -26.72
N GLY C 52 5.39 8.64 -25.42
CA GLY C 52 6.37 9.46 -24.73
C GLY C 52 7.76 9.25 -25.30
N VAL C 53 8.19 8.00 -25.41
CA VAL C 53 9.48 7.69 -25.96
C VAL C 53 9.59 8.18 -27.42
N SER C 54 8.51 8.05 -28.19
CA SER C 54 8.55 8.51 -29.59
C SER C 54 8.67 10.04 -29.69
N LEU C 55 8.00 10.78 -28.80
CA LEU C 55 8.10 12.23 -28.81
C LEU C 55 9.49 12.69 -28.41
N PHE C 56 10.06 12.02 -27.43
CA PHE C 56 11.40 12.35 -26.96
C PHE C 56 12.38 12.18 -28.12
N SER C 57 12.32 11.00 -28.73
CA SER C 57 13.17 10.63 -29.86
C SER C 57 13.05 11.65 -30.99
N LEU C 58 11.82 12.10 -31.24
CA LEU C 58 11.53 13.07 -32.28
C LEU C 58 12.06 14.47 -31.90
N ALA C 59 11.95 14.82 -30.61
CA ALA C 59 12.46 16.10 -30.12
C ALA C 59 13.99 16.11 -30.27
N ALA C 60 14.63 14.97 -30.02
CA ALA C 60 16.06 14.86 -30.14
C ALA C 60 16.50 15.19 -31.57
N LEU C 61 15.72 14.71 -32.54
CA LEU C 61 16.06 14.94 -33.94
C LEU C 61 15.65 16.32 -34.45
N LEU C 62 14.67 16.96 -33.83
CA LEU C 62 14.20 18.24 -34.35
C LEU C 62 14.48 19.50 -33.58
N LEU C 63 14.77 19.40 -32.29
CA LEU C 63 15.00 20.61 -31.53
C LEU C 63 16.39 21.19 -31.85
N PRO C 64 16.49 22.52 -31.85
CA PRO C 64 17.73 23.27 -32.14
C PRO C 64 18.85 22.99 -31.14
N GLU C 65 18.51 23.04 -29.86
CA GLU C 65 19.51 22.84 -28.82
C GLU C 65 19.58 21.41 -28.30
N GLN C 66 20.61 21.12 -27.52
CA GLN C 66 20.73 19.79 -26.93
C GLN C 66 20.09 19.73 -25.54
N PHE C 67 19.99 18.54 -24.98
CA PHE C 67 19.32 18.32 -23.69
C PHE C 67 19.69 19.24 -22.50
N PRO C 68 21.00 19.37 -22.20
CA PRO C 68 21.45 20.21 -21.08
C PRO C 68 20.94 21.65 -21.13
N HIS C 69 20.80 22.21 -22.33
CA HIS C 69 20.31 23.56 -22.46
C HIS C 69 18.89 23.73 -21.92
N TYR C 70 18.03 22.78 -22.27
CA TYR C 70 16.65 22.83 -21.81
C TYR C 70 16.56 22.55 -20.31
N VAL C 71 17.40 21.67 -19.79
CA VAL C 71 17.36 21.42 -18.35
C VAL C 71 17.76 22.72 -17.61
N ALA C 72 18.77 23.43 -18.12
CA ALA C 72 19.23 24.67 -17.48
C ALA C 72 18.13 25.72 -17.50
N VAL C 73 17.43 25.85 -18.62
CA VAL C 73 16.36 26.84 -18.71
C VAL C 73 15.26 26.59 -17.66
N VAL C 74 14.89 25.33 -17.46
CA VAL C 74 13.87 25.08 -16.45
C VAL C 74 14.41 25.42 -15.04
N LYS C 75 15.63 25.00 -14.73
CA LYS C 75 16.26 25.30 -13.45
C LYS C 75 16.33 26.80 -13.18
N SER C 76 16.52 27.57 -14.25
CA SER C 76 16.63 29.02 -14.13
C SER C 76 15.33 29.67 -13.67
N LEU C 77 14.20 28.99 -13.87
CA LEU C 77 12.93 29.56 -13.46
C LEU C 77 12.66 29.46 -11.95
N SER C 78 13.47 28.69 -11.23
CA SER C 78 13.25 28.52 -9.77
C SER C 78 11.79 28.20 -9.45
N LEU C 79 11.26 27.13 -10.05
CA LEU C 79 9.88 26.73 -9.81
C LEU C 79 9.74 26.18 -8.39
N SER C 80 8.52 26.23 -7.84
CA SER C 80 8.27 25.72 -6.49
C SER C 80 8.69 24.28 -6.39
N PRO C 81 9.48 23.92 -5.37
CA PRO C 81 9.88 22.51 -5.26
C PRO C 81 8.68 21.56 -5.08
N ALA C 82 7.59 22.07 -4.50
CA ALA C 82 6.40 21.22 -4.31
C ALA C 82 5.80 20.89 -5.69
N LEU C 83 5.81 21.87 -6.58
CA LEU C 83 5.31 21.71 -7.93
C LEU C 83 6.22 20.74 -8.70
N ILE C 84 7.54 20.86 -8.50
CA ILE C 84 8.47 19.96 -9.16
C ILE C 84 8.26 18.53 -8.65
N TYR C 85 8.02 18.41 -7.35
CA TYR C 85 7.81 17.10 -6.75
C TYR C 85 6.58 16.44 -7.37
N SER C 86 5.53 17.23 -7.54
CA SER C 86 4.29 16.74 -8.10
C SER C 86 4.45 16.32 -9.56
N ALA C 87 5.26 17.07 -10.29
CA ALA C 87 5.52 16.75 -11.69
C ALA C 87 6.32 15.45 -11.77
N LYS C 88 7.29 15.25 -10.87
CA LYS C 88 8.05 14.01 -10.90
C LYS C 88 7.14 12.82 -10.57
N PHE C 89 6.21 13.02 -9.66
CA PHE C 89 5.30 11.94 -9.28
C PHE C 89 4.47 11.50 -10.51
N ALA C 90 3.88 12.49 -11.17
CA ALA C 90 3.05 12.24 -12.34
C ALA C 90 3.82 11.59 -13.49
N LEU C 91 5.10 11.91 -13.62
CA LEU C 91 5.88 11.32 -14.69
C LEU C 91 6.21 9.88 -14.40
N VAL C 92 6.56 9.57 -13.15
CA VAL C 92 6.98 8.20 -12.85
C VAL C 92 5.80 7.23 -12.56
N PHE C 93 4.65 7.78 -12.18
CA PHE C 93 3.50 6.97 -11.86
C PHE C 93 3.12 5.95 -12.95
N PRO C 94 2.91 6.41 -14.19
CA PRO C 94 2.56 5.43 -15.23
C PRO C 94 3.64 4.38 -15.49
N LEU C 95 4.92 4.74 -15.35
CA LEU C 95 5.97 3.78 -15.58
C LEU C 95 6.03 2.75 -14.46
N SER C 96 5.85 3.23 -13.24
CA SER C 96 5.87 2.38 -12.05
C SER C 96 4.68 1.40 -12.18
N TYR C 97 3.52 1.95 -12.48
CA TYR C 97 2.32 1.09 -12.62
C TYR C 97 2.54 -0.02 -13.66
N HIS C 98 2.92 0.38 -14.88
CA HIS C 98 3.16 -0.58 -15.95
C HIS C 98 4.23 -1.64 -15.60
N THR C 99 5.30 -1.24 -14.93
CA THR C 99 6.34 -2.18 -14.55
C THR C 99 5.87 -3.22 -13.54
N TRP C 100 5.24 -2.75 -12.45
CA TRP C 100 4.77 -3.70 -11.45
C TRP C 100 3.64 -4.62 -12.02
N ASN C 101 2.72 -4.04 -12.76
CA ASN C 101 1.63 -4.87 -13.32
C ASN C 101 2.22 -5.75 -14.44
N GLY C 102 3.31 -5.30 -15.09
CA GLY C 102 3.95 -6.12 -16.13
C GLY C 102 4.51 -7.37 -15.47
N ILE C 103 5.11 -7.20 -14.30
CA ILE C 103 5.64 -8.34 -13.57
C ILE C 103 4.46 -9.31 -13.20
N ARG C 104 3.34 -8.74 -12.79
CA ARG C 104 2.15 -9.56 -12.46
C ARG C 104 1.74 -10.38 -13.74
N HIS C 105 1.81 -9.78 -14.91
CA HIS C 105 1.54 -10.48 -16.18
C HIS C 105 2.52 -11.61 -16.47
N LEU C 106 3.81 -11.38 -16.21
CA LEU C 106 4.78 -12.44 -16.47
C LEU C 106 4.60 -13.62 -15.53
N VAL C 107 4.12 -13.35 -14.30
CA VAL C 107 3.87 -14.43 -13.36
C VAL C 107 2.64 -15.26 -13.87
N TRP C 108 1.62 -14.58 -14.44
CA TRP C 108 0.48 -15.32 -15.03
C TRP C 108 1.01 -16.13 -16.22
N ASP C 109 1.89 -15.54 -17.03
CA ASP C 109 2.40 -16.33 -18.15
C ASP C 109 3.15 -17.59 -17.69
N MET C 110 3.66 -17.62 -16.45
CA MET C 110 4.31 -18.82 -15.97
C MET C 110 3.25 -19.76 -15.39
N GLY C 111 1.99 -19.31 -15.46
CA GLY C 111 0.89 -20.14 -14.99
C GLY C 111 0.53 -19.97 -13.53
N LYS C 112 0.96 -18.88 -12.88
CA LYS C 112 0.67 -18.73 -11.44
C LYS C 112 -0.23 -17.54 -11.06
N GLY C 113 -0.89 -17.66 -9.90
CA GLY C 113 -1.74 -16.58 -9.44
C GLY C 113 -3.12 -16.48 -10.10
N PHE C 114 -3.69 -17.59 -10.53
CA PHE C 114 -5.01 -17.58 -11.21
C PHE C 114 -6.32 -17.71 -10.42
N LYS C 115 -6.25 -18.08 -9.14
CA LYS C 115 -7.46 -18.15 -8.33
C LYS C 115 -8.01 -16.75 -8.24
N LEU C 116 -9.32 -16.61 -8.23
CA LEU C 116 -9.88 -15.26 -8.15
C LEU C 116 -9.37 -14.47 -6.96
N SER C 117 -9.24 -15.10 -5.80
CA SER C 117 -8.71 -14.38 -4.63
C SER C 117 -7.27 -13.89 -4.88
N GLN C 118 -6.48 -14.69 -5.59
CA GLN C 118 -5.09 -14.30 -5.91
C GLN C 118 -5.05 -13.18 -6.91
N VAL C 119 -5.96 -13.20 -7.89
CA VAL C 119 -6.03 -12.12 -8.85
C VAL C 119 -6.36 -10.80 -8.15
N GLU C 120 -7.28 -10.83 -7.19
CA GLU C 120 -7.66 -9.59 -6.49
C GLU C 120 -6.54 -9.13 -5.56
N GLN C 121 -5.92 -10.06 -4.86
CA GLN C 121 -4.85 -9.69 -3.95
C GLN C 121 -3.62 -9.17 -4.71
N SER C 122 -3.21 -9.83 -5.78
CA SER C 122 -2.03 -9.37 -6.52
C SER C 122 -2.31 -8.00 -7.10
N GLY C 123 -3.57 -7.74 -7.49
CA GLY C 123 -3.90 -6.43 -8.03
C GLY C 123 -3.74 -5.28 -7.00
N VAL C 124 -4.22 -5.52 -5.77
CA VAL C 124 -4.10 -4.50 -4.73
C VAL C 124 -2.62 -4.33 -4.35
N VAL C 125 -1.84 -5.41 -4.35
CA VAL C 125 -0.43 -5.33 -4.03
C VAL C 125 0.25 -4.44 -5.08
N VAL C 126 -0.13 -4.62 -6.36
CA VAL C 126 0.44 -3.79 -7.42
C VAL C 126 0.10 -2.30 -7.22
N LEU C 127 -1.12 -1.99 -6.78
CA LEU C 127 -1.46 -0.57 -6.57
C LEU C 127 -0.64 0.04 -5.40
N ILE C 128 -0.43 -0.75 -4.36
CA ILE C 128 0.32 -0.31 -3.19
C ILE C 128 1.78 -0.09 -3.59
N LEU C 129 2.37 -1.07 -4.28
CA LEU C 129 3.76 -0.92 -4.73
C LEU C 129 3.91 0.27 -5.65
N THR C 130 2.92 0.52 -6.49
CA THR C 130 2.99 1.64 -7.42
C THR C 130 3.02 2.97 -6.67
N LEU C 131 2.17 3.09 -5.68
CA LEU C 131 2.09 4.32 -4.90
C LEU C 131 3.36 4.52 -4.06
N LEU C 132 3.85 3.47 -3.40
CA LEU C 132 5.08 3.55 -2.58
C LEU C 132 6.31 3.91 -3.43
N SER C 133 6.52 3.21 -4.55
CA SER C 133 7.60 3.45 -5.52
C SER C 133 7.59 4.87 -6.01
N SER C 134 6.44 5.29 -6.52
CA SER C 134 6.31 6.63 -7.04
C SER C 134 6.59 7.69 -6.00
N ALA C 135 6.07 7.50 -4.78
CA ALA C 135 6.32 8.47 -3.72
C ALA C 135 7.83 8.53 -3.39
N ALA C 136 8.46 7.37 -3.25
CA ALA C 136 9.89 7.31 -2.92
C ALA C 136 10.76 7.91 -4.02
N ILE C 137 10.48 7.54 -5.27
CA ILE C 137 11.26 8.06 -6.40
C ILE C 137 11.06 9.55 -6.63
N ALA C 138 9.84 10.06 -6.43
CA ALA C 138 9.61 11.48 -6.67
C ALA C 138 10.35 12.37 -5.65
N SER C 139 10.67 11.80 -4.50
CA SER C 139 11.34 12.60 -3.47
C SER C 139 12.85 12.63 -3.63
N GLU C 140 13.38 11.80 -4.50
CA GLU C 140 14.82 11.80 -4.70
C GLU C 140 15.16 12.59 -5.96
N SER D 3 6.14 -22.76 -39.28
CA SER D 3 4.83 -23.29 -38.81
C SER D 3 4.57 -22.97 -37.30
N LYS D 4 5.58 -22.43 -36.62
CA LYS D 4 5.40 -22.08 -35.22
C LYS D 4 5.65 -20.59 -35.00
N ALA D 5 5.36 -19.81 -36.04
CA ALA D 5 5.58 -18.39 -35.95
C ALA D 5 4.80 -17.71 -34.83
N ALA D 6 3.57 -18.14 -34.54
CA ALA D 6 2.80 -17.45 -33.49
C ALA D 6 3.31 -17.68 -32.10
N SER D 7 3.64 -18.93 -31.76
CA SER D 7 4.11 -19.19 -30.41
C SER D 7 5.51 -18.60 -30.26
N LEU D 8 6.26 -18.59 -31.35
CA LEU D 8 7.62 -18.06 -31.31
C LEU D 8 7.55 -16.58 -31.02
N HIS D 9 6.61 -15.89 -31.68
CA HIS D 9 6.44 -14.48 -31.44
C HIS D 9 6.05 -14.21 -29.98
N TRP D 10 5.12 -15.00 -29.45
CA TRP D 10 4.66 -14.83 -28.06
C TRP D 10 5.86 -14.99 -27.10
N THR D 11 6.67 -16.01 -27.34
CA THR D 11 7.85 -16.25 -26.51
C THR D 11 8.85 -15.05 -26.61
N SER D 12 9.14 -14.58 -27.82
CA SER D 12 10.05 -13.43 -28.00
C SER D 12 9.55 -12.21 -27.25
N GLU D 13 8.24 -11.99 -27.29
CA GLU D 13 7.64 -10.84 -26.61
C GLU D 13 7.88 -10.92 -25.10
N ARG D 14 7.73 -12.10 -24.52
CA ARG D 14 7.96 -12.22 -23.08
C ARG D 14 9.46 -12.08 -22.76
N ALA D 15 10.31 -12.60 -23.65
CA ALA D 15 11.76 -12.54 -23.42
C ALA D 15 12.21 -11.08 -23.41
N VAL D 16 11.72 -10.28 -24.35
CA VAL D 16 12.08 -8.89 -24.40
C VAL D 16 11.54 -8.11 -23.19
N SER D 17 10.33 -8.45 -22.73
CA SER D 17 9.77 -7.79 -21.53
C SER D 17 10.68 -8.04 -20.36
N ALA D 18 11.14 -9.28 -20.23
CA ALA D 18 12.05 -9.67 -19.16
C ALA D 18 13.35 -8.81 -19.26
N LEU D 19 13.90 -8.73 -20.46
CA LEU D 19 15.11 -7.94 -20.69
C LEU D 19 14.91 -6.51 -20.17
N LEU D 20 13.85 -5.84 -20.61
CA LEU D 20 13.59 -4.49 -20.13
C LEU D 20 13.59 -4.44 -18.60
N LEU D 21 13.00 -5.45 -18.00
CA LEU D 21 12.95 -5.49 -16.55
C LEU D 21 14.38 -5.41 -16.00
N GLY D 22 15.29 -6.23 -16.54
CA GLY D 22 16.67 -6.24 -16.08
C GLY D 22 17.42 -4.95 -16.41
N LEU D 23 17.11 -4.31 -17.53
CA LEU D 23 17.79 -3.09 -17.90
C LEU D 23 17.51 -1.95 -16.93
N LEU D 24 16.35 -1.94 -16.27
CA LEU D 24 16.06 -0.87 -15.32
C LEU D 24 17.12 -0.80 -14.22
N PRO D 25 17.36 -1.92 -13.51
CA PRO D 25 18.36 -1.97 -12.45
C PRO D 25 19.75 -1.67 -13.01
N ALA D 26 20.04 -2.24 -14.18
CA ALA D 26 21.31 -2.06 -14.83
C ALA D 26 21.54 -0.60 -15.19
N ALA D 27 20.47 0.12 -15.49
CA ALA D 27 20.57 1.54 -15.83
C ALA D 27 20.99 2.31 -14.57
N TYR D 28 20.57 1.81 -13.42
CA TYR D 28 20.90 2.45 -12.16
C TYR D 28 22.28 2.03 -11.64
N LEU D 29 22.69 0.79 -11.91
CA LEU D 29 23.97 0.32 -11.42
C LEU D 29 25.13 0.47 -12.41
N TYR D 30 24.83 0.50 -13.71
CA TYR D 30 25.88 0.61 -14.71
C TYR D 30 25.57 1.56 -15.85
N PRO D 31 25.24 2.81 -15.54
CA PRO D 31 24.92 3.84 -16.55
C PRO D 31 26.04 3.85 -17.59
N GLY D 32 25.69 3.99 -18.86
CA GLY D 32 26.73 3.99 -19.87
C GLY D 32 26.21 3.62 -21.25
N PRO D 33 27.08 3.57 -22.27
CA PRO D 33 26.69 3.22 -23.63
C PRO D 33 26.08 1.83 -23.86
N ALA D 34 26.58 0.81 -23.17
CA ALA D 34 26.03 -0.54 -23.33
C ALA D 34 24.55 -0.57 -22.95
N VAL D 35 24.24 -0.04 -21.77
CA VAL D 35 22.87 0.02 -21.31
C VAL D 35 22.09 1.01 -22.17
N ASP D 36 22.70 2.14 -22.52
CA ASP D 36 22.01 3.13 -23.33
C ASP D 36 21.51 2.60 -24.67
N TYR D 37 22.36 1.87 -25.39
CA TYR D 37 21.95 1.34 -26.69
C TYR D 37 21.06 0.11 -26.52
N SER D 38 21.26 -0.62 -25.43
CA SER D 38 20.44 -1.79 -25.16
C SER D 38 19.02 -1.33 -24.91
N LEU D 39 18.86 -0.27 -24.13
CA LEU D 39 17.54 0.29 -23.85
C LEU D 39 16.91 0.82 -25.13
N ALA D 40 17.72 1.42 -25.98
CA ALA D 40 17.20 1.98 -27.21
C ALA D 40 16.52 0.88 -28.02
N ALA D 41 17.21 -0.24 -28.12
CA ALA D 41 16.70 -1.34 -28.91
C ALA D 41 15.49 -2.02 -28.24
N ALA D 42 15.59 -2.32 -26.94
CA ALA D 42 14.53 -2.97 -26.17
C ALA D 42 13.28 -2.11 -26.07
N LEU D 43 13.46 -0.82 -25.80
CA LEU D 43 12.31 0.06 -25.74
C LEU D 43 11.62 0.12 -27.10
N THR D 44 12.41 0.13 -28.17
CA THR D 44 11.84 0.20 -29.50
C THR D 44 11.11 -1.09 -29.86
N LEU D 45 11.73 -2.24 -29.58
CA LEU D 45 11.14 -3.53 -29.93
C LEU D 45 9.89 -3.87 -29.11
N HIS D 46 9.99 -3.72 -27.78
CA HIS D 46 8.84 -3.96 -26.86
C HIS D 46 7.70 -3.04 -27.25
N GLY D 47 8.00 -1.76 -27.50
CA GLY D 47 6.96 -0.82 -27.87
C GLY D 47 6.33 -1.14 -29.23
N HIS D 48 7.16 -1.55 -30.20
CA HIS D 48 6.70 -1.90 -31.55
C HIS D 48 5.67 -3.06 -31.47
N TRP D 49 6.09 -4.15 -30.84
CA TRP D 49 5.22 -5.33 -30.68
C TRP D 49 3.96 -4.99 -29.88
N GLY D 50 4.11 -4.17 -28.83
CA GLY D 50 2.97 -3.77 -27.99
C GLY D 50 1.90 -3.00 -28.76
N LEU D 51 2.30 -1.94 -29.44
CA LEU D 51 1.36 -1.17 -30.26
C LEU D 51 0.86 -2.09 -31.39
N GLY D 52 1.68 -3.08 -31.77
CA GLY D 52 1.29 -4.05 -32.79
C GLY D 52 0.06 -4.84 -32.31
N GLN D 53 0.04 -5.22 -31.02
CA GLN D 53 -1.09 -5.97 -30.44
C GLN D 53 -2.31 -5.04 -30.37
N VAL D 54 -2.08 -3.77 -30.12
CA VAL D 54 -3.19 -2.83 -30.03
C VAL D 54 -3.88 -2.70 -31.40
N ILE D 55 -3.07 -2.65 -32.44
CA ILE D 55 -3.58 -2.53 -33.80
C ILE D 55 -4.37 -3.80 -34.16
N THR D 56 -3.80 -4.96 -33.83
CA THR D 56 -4.48 -6.23 -34.13
C THR D 56 -5.83 -6.30 -33.46
N ASP D 57 -5.92 -5.80 -32.23
CA ASP D 57 -7.18 -5.81 -31.49
C ASP D 57 -8.21 -4.82 -31.98
N TYR D 58 -7.80 -3.61 -32.30
CA TYR D 58 -8.79 -2.60 -32.66
C TYR D 58 -8.96 -2.15 -34.11
N VAL D 59 -8.03 -2.47 -34.98
CA VAL D 59 -8.15 -2.06 -36.38
C VAL D 59 -8.66 -3.21 -37.26
N HIS D 60 -9.74 -2.98 -37.98
CA HIS D 60 -10.26 -4.03 -38.86
C HIS D 60 -10.44 -3.59 -40.30
N GLY D 61 -10.30 -4.56 -41.23
CA GLY D 61 -10.40 -4.26 -42.65
C GLY D 61 -9.01 -4.39 -43.24
N ASP D 62 -8.87 -5.18 -44.28
CA ASP D 62 -7.58 -5.43 -44.92
C ASP D 62 -6.74 -4.16 -45.18
N THR D 63 -7.34 -3.11 -45.75
CA THR D 63 -6.61 -1.87 -46.06
C THR D 63 -6.25 -1.10 -44.80
N PRO D 64 -7.23 -0.83 -43.93
CA PRO D 64 -6.88 -0.11 -42.71
C PRO D 64 -5.75 -0.82 -41.92
N ILE D 65 -5.79 -2.16 -41.83
CA ILE D 65 -4.75 -2.90 -41.10
C ILE D 65 -3.35 -2.71 -41.75
N LYS D 66 -3.29 -2.75 -43.07
CA LYS D 66 -2.01 -2.59 -43.74
C LYS D 66 -1.51 -1.15 -43.57
N VAL D 67 -2.41 -0.19 -43.69
CA VAL D 67 -1.99 1.20 -43.52
C VAL D 67 -1.44 1.37 -42.09
N ALA D 68 -2.20 0.88 -41.11
CA ALA D 68 -1.78 1.02 -39.70
C ALA D 68 -0.42 0.39 -39.43
N ASN D 69 -0.23 -0.84 -39.89
CA ASN D 69 1.04 -1.51 -39.66
C ASN D 69 2.23 -0.90 -40.41
N THR D 70 1.94 -0.19 -41.50
CA THR D 70 2.99 0.45 -42.28
C THR D 70 3.43 1.66 -41.51
N GLY D 71 2.46 2.43 -41.03
CA GLY D 71 2.76 3.61 -40.24
C GLY D 71 3.47 3.24 -38.96
N LEU D 72 3.12 2.11 -38.36
CA LEU D 72 3.78 1.70 -37.13
C LEU D 72 5.25 1.47 -37.42
N TYR D 73 5.57 0.80 -38.54
CA TYR D 73 6.98 0.56 -38.91
C TYR D 73 7.77 1.86 -39.05
N VAL D 74 7.15 2.87 -39.63
CA VAL D 74 7.75 4.18 -39.83
C VAL D 74 8.02 4.82 -38.47
N LEU D 75 7.02 4.80 -37.59
CA LEU D 75 7.18 5.37 -36.28
C LEU D 75 8.33 4.67 -35.52
N SER D 76 8.36 3.35 -35.54
CA SER D 76 9.43 2.63 -34.82
C SER D 76 10.81 2.93 -35.41
N ALA D 77 10.88 3.13 -36.72
CA ALA D 77 12.13 3.42 -37.41
C ALA D 77 12.65 4.76 -36.92
N ILE D 78 11.79 5.77 -36.98
CA ILE D 78 12.14 7.10 -36.55
C ILE D 78 12.51 7.09 -35.06
N THR D 79 11.82 6.28 -34.29
CA THR D 79 12.07 6.23 -32.86
C THR D 79 13.45 5.65 -32.52
N PHE D 80 13.80 4.54 -33.17
CA PHE D 80 15.09 3.92 -32.91
C PHE D 80 16.22 4.84 -33.38
N THR D 81 15.99 5.51 -34.50
CA THR D 81 16.97 6.42 -35.04
C THR D 81 17.24 7.57 -34.07
N GLY D 82 16.16 8.25 -33.65
CA GLY D 82 16.29 9.34 -32.72
C GLY D 82 16.99 8.94 -31.43
N LEU D 83 16.68 7.76 -30.88
CA LEU D 83 17.30 7.35 -29.64
C LEU D 83 18.77 7.06 -29.82
N CYS D 84 19.12 6.42 -30.94
CA CYS D 84 20.52 6.13 -31.22
C CYS D 84 21.27 7.45 -31.44
N TYR D 85 20.63 8.37 -32.16
CA TYR D 85 21.14 9.70 -32.45
C TYR D 85 21.43 10.44 -31.14
N PHE D 86 20.46 10.42 -30.22
CA PHE D 86 20.59 11.06 -28.92
C PHE D 86 21.72 10.41 -28.13
N ASN D 87 21.89 9.09 -28.26
CA ASN D 87 22.95 8.39 -27.52
C ASN D 87 24.35 8.67 -28.10
N TYR D 88 24.38 8.98 -29.40
CA TYR D 88 25.64 9.23 -30.06
C TYR D 88 26.15 10.67 -29.93
N TYR D 89 25.26 11.62 -30.18
CA TYR D 89 25.58 13.04 -30.16
C TYR D 89 25.20 13.84 -28.92
N ASP D 90 24.47 13.24 -27.98
CA ASP D 90 24.06 13.95 -26.78
C ASP D 90 24.47 13.13 -25.56
N VAL D 91 23.95 13.46 -24.39
CA VAL D 91 24.37 12.76 -23.18
C VAL D 91 23.97 11.29 -23.02
N GLY D 92 22.96 10.83 -23.76
CA GLY D 92 22.57 9.44 -23.62
C GLY D 92 21.41 9.27 -22.66
N ILE D 93 20.63 8.19 -22.85
CA ILE D 93 19.45 7.96 -22.00
C ILE D 93 19.65 8.01 -20.48
N CYS D 94 20.57 7.21 -19.94
CA CYS D 94 20.80 7.18 -18.50
C CYS D 94 21.08 8.57 -17.91
N LYS D 95 22.08 9.24 -18.46
CA LYS D 95 22.44 10.58 -17.99
C LYS D 95 21.27 11.58 -18.14
N ALA D 96 20.50 11.48 -19.24
CA ALA D 96 19.38 12.42 -19.39
C ALA D 96 18.37 12.25 -18.26
N VAL D 97 18.14 11.01 -17.85
CA VAL D 97 17.19 10.78 -16.80
C VAL D 97 17.72 11.35 -15.46
N ALA D 98 19.00 11.14 -15.20
CA ALA D 98 19.61 11.67 -13.98
C ALA D 98 19.52 13.20 -13.99
N MET D 99 19.80 13.84 -15.14
CA MET D 99 19.72 15.30 -15.27
C MET D 99 18.32 15.85 -15.09
N LEU D 100 17.34 15.16 -15.69
CA LEU D 100 15.98 15.62 -15.55
C LEU D 100 15.59 15.56 -14.06
N TRP D 101 16.04 14.52 -13.36
CA TRP D 101 15.67 14.36 -11.95
C TRP D 101 16.39 15.34 -11.02
N SER D 102 17.43 16.01 -11.54
CA SER D 102 18.17 16.98 -10.71
C SER D 102 17.47 18.33 -10.69
N ILE D 103 16.39 18.48 -11.45
CA ILE D 103 15.67 19.74 -11.42
C ILE D 103 15.01 19.87 -10.02
N THR E 10 29.52 65.57 20.86
CA THR E 10 28.02 65.65 20.80
C THR E 10 27.36 64.88 19.63
N GLN E 11 28.17 64.40 18.70
CA GLN E 11 27.62 63.65 17.57
C GLN E 11 27.13 62.30 18.09
N TYR E 12 27.74 61.81 19.17
CA TYR E 12 27.32 60.54 19.75
C TYR E 12 26.87 60.78 21.19
N PRO E 13 25.58 60.62 21.43
CA PRO E 13 25.05 60.82 22.79
C PRO E 13 25.59 59.69 23.68
N VAL E 14 26.09 60.02 24.86
CA VAL E 14 26.64 59.02 25.75
C VAL E 14 25.70 58.69 26.90
N VAL E 15 25.53 57.40 27.19
CA VAL E 15 24.67 56.94 28.31
C VAL E 15 25.61 56.44 29.42
N ASP E 16 25.47 56.98 30.64
CA ASP E 16 26.34 56.56 31.74
C ASP E 16 25.63 55.57 32.67
N HIS E 17 26.37 54.58 33.17
CA HIS E 17 25.83 53.57 34.10
C HIS E 17 26.77 53.51 35.31
N GLU E 18 26.24 53.25 36.50
CA GLU E 18 27.08 53.13 37.68
C GLU E 18 26.90 51.75 38.26
N PHE E 19 27.99 51.03 38.51
CA PHE E 19 27.91 49.68 39.06
C PHE E 19 28.99 49.46 40.10
N ASP E 20 28.86 48.43 40.92
CA ASP E 20 29.94 48.11 41.87
C ASP E 20 31.09 47.51 41.06
N ALA E 21 30.74 46.66 40.07
CA ALA E 21 31.76 45.98 39.27
C ALA E 21 31.30 45.74 37.83
N VAL E 22 32.23 45.76 36.88
CA VAL E 22 31.86 45.46 35.49
C VAL E 22 32.79 44.30 34.96
N VAL E 23 32.20 43.29 34.34
CA VAL E 23 33.00 42.17 33.78
C VAL E 23 32.85 42.27 32.24
N VAL E 24 33.95 42.25 31.51
CA VAL E 24 33.87 42.28 30.03
C VAL E 24 34.20 40.85 29.55
N GLY E 25 33.16 40.17 29.06
CA GLY E 25 33.32 38.80 28.58
C GLY E 25 32.29 37.90 29.24
N ALA E 26 31.69 37.04 28.43
CA ALA E 26 30.70 36.11 28.89
C ALA E 26 30.99 34.67 28.44
N GLY E 27 32.27 34.33 28.36
CA GLY E 27 32.70 32.95 28.14
C GLY E 27 32.73 32.24 29.50
N GLY E 28 33.43 31.09 29.62
CA GLY E 28 33.45 30.44 30.94
C GLY E 28 34.04 31.32 32.06
N ALA E 29 35.09 32.08 31.76
CA ALA E 29 35.74 32.88 32.82
C ALA E 29 34.83 34.05 33.23
N GLY E 30 34.36 34.78 32.21
CA GLY E 30 33.48 35.92 32.50
C GLY E 30 32.21 35.63 33.25
N LEU E 31 31.49 34.56 32.82
CA LEU E 31 30.29 34.22 33.54
C LEU E 31 30.60 33.83 34.96
N ARG E 32 31.65 33.01 35.19
CA ARG E 32 31.94 32.59 36.56
C ARG E 32 32.31 33.79 37.41
N ALA E 33 33.08 34.73 36.86
CA ALA E 33 33.40 35.94 37.63
C ALA E 33 32.12 36.81 37.89
N ALA E 34 31.27 36.97 36.88
CA ALA E 34 30.11 37.88 37.03
C ALA E 34 29.10 37.35 38.07
N PHE E 35 28.69 36.07 37.95
CA PHE E 35 27.73 35.65 38.97
C PHE E 35 28.43 35.43 40.29
N GLY E 36 29.74 35.23 40.28
CA GLY E 36 30.50 35.09 41.53
C GLY E 36 30.38 36.45 42.29
N LEU E 37 30.51 37.58 41.57
CA LEU E 37 30.38 38.91 42.19
C LEU E 37 28.93 39.16 42.69
N SER E 38 27.93 38.80 41.87
CA SER E 38 26.55 38.97 42.27
C SER E 38 26.22 38.08 43.48
N GLU E 39 26.77 36.86 43.55
CA GLU E 39 26.46 35.99 44.70
C GLU E 39 27.11 36.54 45.98
N ALA E 40 28.10 37.43 45.85
CA ALA E 40 28.74 38.05 46.98
C ALA E 40 28.05 39.41 47.33
N GLY E 41 26.95 39.73 46.67
CA GLY E 41 26.26 40.98 46.93
C GLY E 41 26.64 42.22 46.11
N PHE E 42 27.56 42.10 45.15
CA PHE E 42 27.95 43.25 44.34
C PHE E 42 26.99 43.45 43.18
N ASN E 43 26.59 44.71 42.96
CA ASN E 43 25.71 45.09 41.84
C ASN E 43 26.69 45.08 40.62
N THR E 44 26.52 44.07 39.77
CA THR E 44 27.48 43.81 38.68
C THR E 44 26.95 43.85 37.24
N ALA E 45 27.76 44.37 36.32
CA ALA E 45 27.36 44.39 34.92
C ALA E 45 28.28 43.43 34.14
N CYS E 46 27.71 42.72 33.18
CA CYS E 46 28.51 41.82 32.31
C CYS E 46 28.26 42.31 30.85
N VAL E 47 29.30 42.88 30.27
CA VAL E 47 29.29 43.43 28.91
C VAL E 47 29.91 42.42 27.93
N THR E 48 29.18 41.96 26.91
CA THR E 48 29.72 40.98 25.97
C THR E 48 29.30 41.27 24.51
N LYS E 49 30.23 41.09 23.56
CA LYS E 49 29.88 41.38 22.18
C LYS E 49 29.03 40.28 21.53
N LEU E 50 28.97 39.11 22.18
CA LEU E 50 28.14 37.97 21.70
C LEU E 50 27.13 37.55 22.77
N PHE E 51 26.03 36.92 22.34
CA PHE E 51 25.10 36.31 23.34
C PHE E 51 26.05 35.32 24.02
N PRO E 52 25.98 35.18 25.37
CA PRO E 52 26.94 34.30 26.04
C PRO E 52 27.29 32.91 25.53
N THR E 53 26.26 32.13 25.17
CA THR E 53 26.57 30.79 24.77
C THR E 53 27.20 30.65 23.37
N ARG E 54 27.45 31.77 22.69
CA ARG E 54 28.13 31.71 21.39
C ARG E 54 29.68 31.84 21.58
N SER E 55 30.14 32.07 22.82
CA SER E 55 31.58 32.32 23.10
C SER E 55 32.43 31.11 22.71
N HIS E 56 33.72 31.29 22.49
CA HIS E 56 34.57 30.16 22.03
C HIS E 56 34.57 28.94 23.01
N THR E 57 34.34 29.20 24.30
CA THR E 57 34.29 28.16 25.29
C THR E 57 33.28 27.05 24.84
N VAL E 58 32.22 27.43 24.16
CA VAL E 58 31.19 26.48 23.74
C VAL E 58 31.78 25.42 22.78
N ALA E 59 32.91 25.70 22.13
CA ALA E 59 33.54 24.74 21.18
C ALA E 59 34.52 23.78 21.88
N ALA E 60 34.78 23.96 23.17
CA ALA E 60 35.79 23.11 23.80
C ALA E 60 35.26 21.65 23.86
N GLN E 61 36.20 20.73 23.70
CA GLN E 61 35.87 19.32 23.60
C GLN E 61 36.33 18.33 24.64
N GLY E 62 37.63 18.13 24.73
CA GLY E 62 38.27 17.06 25.54
C GLY E 62 37.95 16.98 27.04
N GLY E 63 37.99 18.10 27.74
CA GLY E 63 37.63 18.09 29.16
C GLY E 63 38.28 19.11 30.05
N ILE E 64 38.15 18.86 31.36
CA ILE E 64 38.68 19.76 32.36
C ILE E 64 39.37 18.87 33.42
N ASN E 65 40.62 19.18 33.78
CA ASN E 65 41.40 18.35 34.70
C ASN E 65 41.13 18.62 36.18
N ALA E 66 41.07 17.55 36.99
CA ALA E 66 40.96 17.69 38.43
C ALA E 66 41.33 16.30 39.04
N ALA E 67 42.16 16.29 40.05
CA ALA E 67 42.54 15.02 40.72
C ALA E 67 41.45 14.50 41.63
N LEU E 68 40.32 14.10 41.04
CA LEU E 68 39.21 13.56 41.82
C LEU E 68 39.51 12.08 42.26
N GLY E 69 40.32 11.38 41.48
CA GLY E 69 40.66 10.00 41.81
C GLY E 69 39.52 9.05 41.53
N ASN E 70 38.71 9.32 40.49
CA ASN E 70 37.60 8.44 40.21
C ASN E 70 37.98 7.17 39.44
N MET E 71 39.11 7.22 38.74
CA MET E 71 39.55 6.07 37.91
C MET E 71 40.66 5.28 38.59
N GLU E 72 41.50 5.96 39.36
CA GLU E 72 42.59 5.37 40.11
C GLU E 72 42.96 6.36 41.20
N ASP E 73 43.79 5.98 42.17
CA ASP E 73 44.18 6.96 43.16
C ASP E 73 44.99 8.10 42.52
N ASP E 74 44.73 9.33 42.97
CA ASP E 74 45.42 10.51 42.40
C ASP E 74 45.83 11.44 43.51
N ASN E 75 46.50 12.53 43.17
CA ASN E 75 46.95 13.49 44.16
C ASN E 75 47.03 14.80 43.39
N TRP E 76 46.48 15.89 43.93
CA TRP E 76 46.54 17.15 43.19
C TRP E 76 47.98 17.62 43.02
N ARG E 77 48.89 17.20 43.90
CA ARG E 77 50.29 17.64 43.75
C ARG E 77 50.96 16.95 42.52
N TRP E 78 50.40 15.84 42.03
CA TRP E 78 50.95 15.20 40.84
C TRP E 78 50.52 16.06 39.58
N HIS E 79 49.32 16.64 39.68
CA HIS E 79 48.72 17.54 38.62
C HIS E 79 49.59 18.81 38.59
N PHE E 80 49.90 19.31 39.78
CA PHE E 80 50.80 20.46 39.97
C PHE E 80 52.13 20.18 39.26
N TYR E 81 52.73 19.03 39.54
CA TYR E 81 54.02 18.72 38.91
C TYR E 81 53.92 18.64 37.37
N ASP E 82 52.91 17.92 36.85
CA ASP E 82 52.70 17.82 35.39
C ASP E 82 52.59 19.21 34.75
N THR E 83 51.89 20.12 35.43
CA THR E 83 51.66 21.49 34.94
C THR E 83 52.93 22.33 34.93
N VAL E 84 53.75 22.24 35.98
CA VAL E 84 55.01 22.96 36.03
C VAL E 84 55.97 22.44 34.93
N LYS E 85 56.15 21.11 34.83
CA LYS E 85 57.02 20.57 33.79
C LYS E 85 56.47 20.89 32.39
N GLY E 86 55.13 20.80 32.23
CA GLY E 86 54.53 21.12 30.96
C GLY E 86 54.83 22.55 30.54
N SER E 87 54.87 23.48 31.49
CA SER E 87 55.12 24.92 31.20
C SER E 87 56.58 25.22 30.88
N ASP E 88 57.43 24.20 30.94
CA ASP E 88 58.89 24.33 30.68
C ASP E 88 59.52 25.37 31.58
N TRP E 89 59.03 25.40 32.83
CA TRP E 89 59.50 26.29 33.87
C TRP E 89 59.38 27.77 33.60
N LEU E 90 58.38 28.13 32.78
CA LEU E 90 58.10 29.54 32.61
C LEU E 90 56.78 29.79 33.39
N GLY E 91 56.15 28.73 33.93
CA GLY E 91 54.88 28.93 34.68
C GLY E 91 55.17 29.43 36.09
N ASP E 92 54.27 30.25 36.65
CA ASP E 92 54.47 30.77 38.01
C ASP E 92 53.90 29.74 39.00
N GLN E 93 54.78 29.18 39.83
CA GLN E 93 54.34 28.09 40.70
C GLN E 93 53.33 28.45 41.78
N ASP E 94 53.23 29.73 42.18
CA ASP E 94 52.19 30.06 43.17
C ASP E 94 50.79 29.95 42.51
N ALA E 95 50.68 30.40 41.25
CA ALA E 95 49.37 30.28 40.57
C ALA E 95 49.03 28.82 40.24
N ILE E 96 50.04 28.06 39.80
CA ILE E 96 49.80 26.66 39.45
C ILE E 96 49.37 25.87 40.70
N HIS E 97 50.02 26.18 41.82
CA HIS E 97 49.64 25.55 43.14
C HIS E 97 48.15 25.87 43.42
N TYR E 98 47.74 27.14 43.32
CA TYR E 98 46.34 27.50 43.58
C TYR E 98 45.39 26.79 42.64
N MET E 99 45.72 26.76 41.34
CA MET E 99 44.76 26.14 40.41
C MET E 99 44.58 24.61 40.58
N THR E 100 45.69 23.89 40.75
CA THR E 100 45.59 22.40 40.86
C THR E 100 45.01 21.98 42.21
N GLU E 101 45.35 22.70 43.27
CA GLU E 101 44.74 22.34 44.60
C GLU E 101 43.21 22.61 44.64
N GLN E 102 42.79 23.72 44.00
CA GLN E 102 41.38 24.09 43.93
C GLN E 102 40.60 23.28 42.87
N ALA E 103 41.29 22.52 42.04
CA ALA E 103 40.55 21.82 40.97
C ALA E 103 39.47 20.86 41.34
N PRO E 104 39.71 19.99 42.32
CA PRO E 104 38.62 19.06 42.65
C PRO E 104 37.34 19.82 43.06
N ALA E 105 37.49 20.84 43.90
CA ALA E 105 36.29 21.60 44.39
C ALA E 105 35.62 22.34 43.24
N ALA E 106 36.43 22.79 42.29
CA ALA E 106 35.87 23.53 41.17
C ALA E 106 35.06 22.62 40.27
N VAL E 107 35.54 21.40 39.98
CA VAL E 107 34.77 20.50 39.10
C VAL E 107 33.51 20.01 39.84
N ILE E 108 33.63 19.74 41.13
CA ILE E 108 32.44 19.34 41.93
C ILE E 108 31.35 20.44 41.92
N GLU E 109 31.78 21.70 42.04
CA GLU E 109 30.82 22.81 41.95
C GLU E 109 30.05 22.76 40.61
N LEU E 110 30.75 22.49 39.49
CA LEU E 110 30.10 22.47 38.17
C LEU E 110 29.15 21.29 38.07
N GLU E 111 29.58 20.14 38.60
CA GLU E 111 28.67 18.96 38.52
C GLU E 111 27.40 19.26 39.38
N ASN E 112 27.59 19.86 40.55
CA ASN E 112 26.42 20.16 41.42
C ASN E 112 25.54 21.28 40.78
N TYR E 113 26.04 22.00 39.74
CA TYR E 113 25.20 22.98 39.06
C TYR E 113 24.38 22.20 38.01
N GLY E 114 24.67 20.92 37.83
CA GLY E 114 23.95 20.14 36.83
C GLY E 114 24.72 19.83 35.51
N MET E 115 26.00 20.14 35.45
CA MET E 115 26.79 19.82 34.25
C MET E 115 26.66 18.31 34.04
N PRO E 116 26.23 17.86 32.83
CA PRO E 116 26.04 16.42 32.58
C PRO E 116 27.24 15.58 32.22
N PHE E 117 28.17 15.53 33.14
CA PHE E 117 29.37 14.72 32.97
C PHE E 117 29.04 13.25 32.65
N SER E 118 29.87 12.64 31.83
CA SER E 118 29.80 11.21 31.51
C SER E 118 30.08 10.50 32.86
N ARG E 119 29.65 9.24 32.97
CA ARG E 119 29.75 8.53 34.25
C ARG E 119 30.49 7.17 34.27
N THR E 120 30.99 6.82 35.43
CA THR E 120 31.68 5.54 35.65
C THR E 120 30.64 4.54 36.21
N GLU E 121 31.04 3.28 36.37
CA GLU E 121 30.13 2.24 36.89
C GLU E 121 29.69 2.54 38.32
N GLU E 122 30.43 3.37 39.06
CA GLU E 122 30.04 3.77 40.44
C GLU E 122 29.14 5.04 40.46
N GLY E 123 28.90 5.63 39.28
CA GLY E 123 28.03 6.79 39.21
C GLY E 123 28.81 8.10 39.41
N LYS E 124 30.13 8.03 39.41
CA LYS E 124 30.95 9.25 39.59
C LYS E 124 31.38 9.81 38.23
N ILE E 125 32.09 10.95 38.23
CA ILE E 125 32.50 11.57 36.96
C ILE E 125 33.60 10.77 36.21
N TYR E 126 33.33 10.41 34.96
CA TYR E 126 34.32 9.68 34.12
C TYR E 126 35.47 10.65 33.75
N GLN E 127 36.71 10.16 33.86
CA GLN E 127 37.91 10.92 33.52
C GLN E 127 38.74 10.11 32.50
N ARG E 128 39.25 10.78 31.45
CA ARG E 128 40.10 10.12 30.45
C ARG E 128 41.56 10.50 30.54
N ALA E 129 42.42 9.75 29.82
CA ALA E 129 43.84 10.11 29.74
C ALA E 129 43.94 11.33 28.81
N PHE E 130 45.00 12.13 28.96
CA PHE E 130 45.21 13.33 28.13
C PHE E 130 46.75 13.57 28.10
N GLY E 131 47.23 14.30 27.10
CA GLY E 131 48.67 14.49 26.97
C GLY E 131 49.45 15.18 28.05
N GLY E 132 50.56 14.56 28.42
CA GLY E 132 51.47 15.13 29.39
C GLY E 132 51.10 15.02 30.86
N GLN E 133 50.19 14.10 31.19
CA GLN E 133 49.80 13.96 32.58
C GLN E 133 50.22 12.58 33.12
N SER E 134 50.77 12.56 34.32
CA SER E 134 51.26 11.31 34.89
C SER E 134 50.93 11.16 36.38
N LEU E 135 51.21 9.95 36.88
CA LEU E 135 51.04 9.61 38.27
C LEU E 135 52.41 9.69 38.92
N GLN E 136 52.42 9.94 40.25
CA GLN E 136 53.66 9.91 41.04
C GLN E 136 54.79 10.82 40.58
N PHE E 137 54.50 12.11 40.41
CA PHE E 137 55.53 13.06 40.00
C PHE E 137 56.33 12.67 38.76
N GLY E 138 55.63 12.18 37.74
CA GLY E 138 56.25 11.78 36.48
C GLY E 138 56.85 10.37 36.40
N LYS E 139 56.82 9.66 37.52
CA LYS E 139 57.48 8.34 37.55
C LYS E 139 56.54 7.18 37.42
N GLY E 140 55.26 7.42 37.63
CA GLY E 140 54.30 6.33 37.64
C GLY E 140 53.30 5.96 36.56
N GLY E 141 53.51 6.38 35.32
CA GLY E 141 52.55 6.00 34.28
C GLY E 141 51.50 7.09 34.00
N GLN E 142 50.69 6.86 32.97
CA GLN E 142 49.62 7.77 32.50
C GLN E 142 48.53 8.06 33.53
N ALA E 143 48.20 9.34 33.77
CA ALA E 143 47.11 9.66 34.66
C ALA E 143 45.82 9.71 33.85
N HIS E 144 44.67 9.54 34.53
CA HIS E 144 43.34 9.63 33.88
C HIS E 144 42.55 10.64 34.73
N ARG E 145 42.83 11.94 34.55
CA ARG E 145 42.14 12.96 35.37
C ARG E 145 41.36 14.06 34.58
N CYS E 146 41.23 13.88 33.27
CA CYS E 146 40.47 14.82 32.43
C CYS E 146 38.97 14.48 32.48
N CYS E 147 38.21 15.24 33.30
CA CYS E 147 36.77 15.01 33.45
C CYS E 147 36.04 15.46 32.19
N CYS E 148 35.04 14.71 31.69
CA CYS E 148 34.42 15.15 30.46
C CYS E 148 32.98 14.83 30.27
N VAL E 149 32.40 15.47 29.27
CA VAL E 149 31.00 15.23 28.86
C VAL E 149 31.26 14.76 27.39
N ALA E 150 31.50 13.44 27.21
CA ALA E 150 31.85 12.87 25.90
C ALA E 150 32.93 13.78 25.28
N ASP E 151 32.74 14.28 24.06
CA ASP E 151 33.72 15.24 23.52
C ASP E 151 33.07 16.61 23.24
N ARG E 152 32.16 17.03 24.13
CA ARG E 152 31.45 18.31 24.04
C ARG E 152 31.56 18.96 25.42
N THR E 153 32.70 18.86 26.07
CA THR E 153 32.76 19.37 27.43
C THR E 153 32.55 20.90 27.55
N GLY E 154 33.08 21.65 26.61
CA GLY E 154 32.94 23.11 26.67
C GLY E 154 31.51 23.57 26.46
N HIS E 155 30.86 22.91 25.51
CA HIS E 155 29.48 23.23 25.22
C HIS E 155 28.68 23.08 26.54
N SER E 156 28.86 21.94 27.22
CA SER E 156 28.08 21.73 28.49
C SER E 156 28.51 22.65 29.61
N LEU E 157 29.81 22.92 29.71
CA LEU E 157 30.24 23.80 30.78
C LEU E 157 29.60 25.20 30.57
N LEU E 158 29.68 25.73 29.35
CA LEU E 158 29.15 27.09 29.11
C LEU E 158 27.62 27.15 29.25
N HIS E 159 26.91 26.16 28.75
CA HIS E 159 25.47 26.20 28.88
C HIS E 159 25.05 26.06 30.38
N THR E 160 25.82 25.31 31.16
CA THR E 160 25.51 25.14 32.59
C THR E 160 25.77 26.47 33.34
N LEU E 161 26.91 27.08 33.09
CA LEU E 161 27.23 28.36 33.75
C LEU E 161 26.19 29.42 33.30
N TYR E 162 25.81 29.44 32.03
CA TYR E 162 24.82 30.45 31.60
C TYR E 162 23.47 30.29 32.36
N GLY E 163 23.00 29.05 32.40
CA GLY E 163 21.78 28.76 33.12
C GLY E 163 21.91 29.15 34.59
N ARG E 164 23.01 28.84 35.23
CA ARG E 164 23.19 29.21 36.65
C ARG E 164 23.15 30.77 36.82
N SER E 165 23.75 31.48 35.86
CA SER E 165 23.79 32.96 35.91
C SER E 165 22.39 33.56 35.90
N LEU E 166 21.42 32.82 35.40
CA LEU E 166 20.06 33.35 35.36
C LEU E 166 19.40 33.42 36.76
N ARG E 167 20.04 32.83 37.78
CA ARG E 167 19.50 32.81 39.17
C ARG E 167 19.93 34.05 40.02
N TYR E 168 20.73 34.93 39.43
CA TYR E 168 21.25 36.08 40.15
C TYR E 168 20.81 37.38 39.47
N ASP E 169 21.10 38.50 40.12
CA ASP E 169 20.67 39.78 39.60
C ASP E 169 21.69 40.51 38.73
N THR E 170 22.65 39.77 38.20
CA THR E 170 23.64 40.39 37.32
C THR E 170 22.93 41.12 36.15
N SER E 171 23.40 42.32 35.79
CA SER E 171 22.85 43.02 34.64
C SER E 171 23.65 42.65 33.36
N TYR E 172 23.04 42.04 32.34
CA TYR E 172 23.80 41.71 31.11
C TYR E 172 23.59 42.75 30.00
N PHE E 173 24.68 43.16 29.33
CA PHE E 173 24.63 44.10 28.21
C PHE E 173 25.17 43.28 27.03
N VAL E 174 24.27 42.65 26.27
CA VAL E 174 24.63 41.71 25.21
C VAL E 174 24.73 42.42 23.86
N GLU E 175 25.76 42.05 23.09
CA GLU E 175 26.05 42.67 21.80
C GLU E 175 26.45 44.14 22.02
N TYR E 176 27.33 44.30 23.02
CA TYR E 176 27.96 45.62 23.35
C TYR E 176 29.44 45.34 23.12
N PHE E 177 30.13 46.20 22.37
CA PHE E 177 31.53 46.01 22.04
C PHE E 177 32.41 46.96 22.86
N ALA E 178 33.23 46.42 23.76
CA ALA E 178 34.08 47.24 24.58
C ALA E 178 35.21 47.82 23.74
N LEU E 179 35.40 49.14 23.84
CA LEU E 179 36.39 49.90 23.03
C LEU E 179 37.65 50.25 23.79
N ASP E 180 37.51 50.59 25.08
CA ASP E 180 38.66 50.98 25.90
C ASP E 180 38.37 51.02 27.40
N LEU E 181 39.43 51.00 28.20
CA LEU E 181 39.35 51.11 29.66
C LEU E 181 39.29 52.62 29.97
N LEU E 182 38.56 52.98 31.03
CA LEU E 182 38.50 54.39 31.49
C LEU E 182 39.53 54.44 32.63
N MET E 183 40.73 54.95 32.37
CA MET E 183 41.80 54.98 33.35
C MET E 183 41.97 56.39 33.92
N GLU E 184 42.30 56.46 35.21
CA GLU E 184 42.55 57.77 35.86
C GLU E 184 43.63 57.51 36.92
N ASN E 185 44.76 58.23 36.86
CA ASN E 185 45.83 58.08 37.88
C ASN E 185 46.39 56.66 37.96
N GLY E 186 46.42 55.95 36.83
CA GLY E 186 46.92 54.58 36.83
C GLY E 186 45.91 53.58 37.44
N GLU E 187 44.66 54.02 37.64
CA GLU E 187 43.62 53.16 38.19
C GLU E 187 42.53 52.98 37.15
N CYS E 188 41.97 51.77 37.05
CA CYS E 188 40.87 51.57 36.10
C CYS E 188 39.55 51.96 36.80
N ARG E 189 38.69 52.74 36.12
CA ARG E 189 37.42 53.10 36.75
C ARG E 189 36.22 52.71 35.87
N GLY E 190 36.42 51.81 34.90
CA GLY E 190 35.32 51.37 34.07
C GLY E 190 35.71 51.11 32.62
N VAL E 191 34.71 51.01 31.76
CA VAL E 191 34.97 50.77 30.35
C VAL E 191 33.93 51.54 29.51
N ILE E 192 34.32 51.87 28.27
CA ILE E 192 33.42 52.51 27.33
C ILE E 192 33.16 51.52 26.20
N ALA E 193 31.91 51.46 25.78
CA ALA E 193 31.49 50.50 24.79
C ALA E 193 30.49 51.03 23.77
N LEU E 194 30.42 50.35 22.63
CA LEU E 194 29.43 50.65 21.58
C LEU E 194 28.27 49.63 21.67
N CYS E 195 27.02 50.11 21.75
CA CYS E 195 25.84 49.18 21.71
C CYS E 195 25.61 48.91 20.21
N ILE E 196 25.86 47.68 19.76
CA ILE E 196 25.73 47.34 18.37
C ILE E 196 24.30 47.44 17.87
N GLU E 197 23.33 47.10 18.72
CA GLU E 197 21.93 47.13 18.31
C GLU E 197 21.37 48.51 17.98
N ASP E 198 21.85 49.54 18.65
CA ASP E 198 21.29 50.84 18.33
C ASP E 198 22.23 51.96 18.10
N GLY E 199 23.51 51.65 18.03
CA GLY E 199 24.51 52.65 17.76
C GLY E 199 24.94 53.62 18.85
N THR E 200 24.48 53.42 20.08
CA THR E 200 24.83 54.35 21.16
C THR E 200 26.13 53.99 21.89
N ILE E 201 26.73 55.01 22.50
CA ILE E 201 27.97 54.87 23.25
C ILE E 201 27.59 54.84 24.75
N HIS E 202 28.18 53.88 25.48
CA HIS E 202 27.92 53.69 26.92
C HIS E 202 29.17 53.69 27.75
N ARG E 203 29.13 54.34 28.91
CA ARG E 203 30.27 54.35 29.81
C ARG E 203 29.81 53.64 31.07
N PHE E 204 30.49 52.56 31.40
CA PHE E 204 30.19 51.77 32.59
C PHE E 204 31.19 52.15 33.63
N ARG E 205 30.78 52.94 34.64
CA ARG E 205 31.68 53.35 35.71
C ARG E 205 31.57 52.30 36.87
N ALA E 206 32.70 51.94 37.47
CA ALA E 206 32.71 50.94 38.54
C ALA E 206 34.00 50.98 39.29
N LYS E 207 33.95 50.54 40.54
CA LYS E 207 35.17 50.48 41.30
C LYS E 207 36.15 49.37 40.85
N ASN E 208 35.63 48.28 40.28
CA ASN E 208 36.49 47.14 39.84
C ASN E 208 36.01 46.63 38.49
N THR E 209 36.98 46.34 37.62
CA THR E 209 36.71 45.87 36.24
C THR E 209 37.48 44.56 35.99
N VAL E 210 36.80 43.56 35.41
CA VAL E 210 37.42 42.26 35.15
C VAL E 210 37.44 42.04 33.62
N ILE E 211 38.62 41.83 33.03
CA ILE E 211 38.75 41.57 31.58
C ILE E 211 38.79 40.05 31.37
N ALA E 212 37.77 39.54 30.64
CA ALA E 212 37.73 38.06 30.37
C ALA E 212 37.33 37.86 28.89
N THR E 213 38.07 38.50 28.01
CA THR E 213 37.75 38.56 26.59
C THR E 213 38.32 37.46 25.67
N GLY E 214 39.00 36.44 26.22
CA GLY E 214 39.50 35.38 25.32
C GLY E 214 40.83 35.63 24.63
N GLY E 215 41.16 34.76 23.66
CA GLY E 215 42.42 34.91 22.96
C GLY E 215 42.42 35.65 21.63
N TYR E 216 43.47 35.46 20.84
CA TYR E 216 43.64 36.14 19.56
C TYR E 216 44.16 35.26 18.43
N GLY E 217 43.67 34.00 18.39
CA GLY E 217 44.13 33.07 17.35
C GLY E 217 43.89 33.51 15.92
N ARG E 218 42.94 34.43 15.71
CA ARG E 218 42.62 34.96 14.35
C ARG E 218 43.71 35.86 13.74
N THR E 219 44.80 36.03 14.47
CA THR E 219 45.91 36.77 13.88
C THR E 219 46.58 35.87 12.81
N TYR E 220 46.27 34.56 12.80
CA TYR E 220 46.87 33.63 11.82
C TYR E 220 45.88 33.27 10.73
N PHE E 221 46.39 32.66 9.64
CA PHE E 221 45.59 32.30 8.48
C PHE E 221 44.78 31.02 8.71
N SER E 222 45.38 30.08 9.44
CA SER E 222 44.69 28.81 9.76
C SER E 222 44.66 28.66 11.31
N CYS E 223 43.49 28.50 11.88
CA CYS E 223 43.40 28.38 13.36
C CYS E 223 42.16 27.60 13.74
N THR E 224 42.10 27.12 14.98
CA THR E 224 40.88 26.40 15.40
C THR E 224 39.95 27.43 16.02
N SER E 225 40.48 28.63 16.28
CA SER E 225 39.73 29.71 16.93
C SER E 225 38.49 30.20 16.19
N ALA E 226 37.51 30.70 16.97
CA ALA E 226 36.30 31.35 16.37
C ALA E 226 36.72 32.64 15.60
N HIS E 227 35.87 33.08 14.65
CA HIS E 227 36.08 34.35 13.95
C HIS E 227 36.10 35.52 14.93
N THR E 228 35.52 35.30 16.12
CA THR E 228 35.41 36.34 17.14
C THR E 228 36.56 36.42 18.14
N SER E 229 37.59 35.57 17.98
CA SER E 229 38.73 35.57 18.96
C SER E 229 39.74 36.58 18.43
N THR E 230 39.53 37.85 18.80
CA THR E 230 40.34 38.90 18.16
C THR E 230 41.22 39.74 19.09
N GLY E 231 41.40 39.23 20.30
CA GLY E 231 42.29 39.91 21.28
C GLY E 231 41.80 41.26 21.72
N ASP E 232 40.49 41.47 21.77
CA ASP E 232 40.02 42.84 22.09
C ASP E 232 40.41 43.36 23.49
N GLY E 233 40.39 42.51 24.52
CA GLY E 233 40.75 42.97 25.88
C GLY E 233 42.24 43.19 26.06
N THR E 234 43.01 42.38 25.33
CA THR E 234 44.46 42.50 25.33
C THR E 234 44.85 43.85 24.69
N ALA E 235 44.14 44.21 23.61
CA ALA E 235 44.47 45.47 22.92
C ALA E 235 44.04 46.69 23.80
N MET E 236 42.95 46.56 24.59
CA MET E 236 42.53 47.65 25.46
C MET E 236 43.62 47.95 26.51
N VAL E 237 44.20 46.87 27.05
CA VAL E 237 45.31 47.00 28.00
C VAL E 237 46.53 47.66 27.32
N THR E 238 46.91 47.18 26.14
CA THR E 238 47.99 47.81 25.39
C THR E 238 47.66 49.33 25.14
N ARG E 239 46.45 49.64 24.72
CA ARG E 239 46.14 51.06 24.50
C ARG E 239 46.18 51.92 25.77
N ALA E 240 46.01 51.31 26.94
CA ALA E 240 46.07 52.04 28.20
C ALA E 240 47.52 52.20 28.64
N GLY E 241 48.46 51.71 27.82
CA GLY E 241 49.88 51.83 28.13
C GLY E 241 50.41 50.81 29.12
N LEU E 242 49.63 49.76 29.37
CA LEU E 242 50.02 48.70 30.32
C LEU E 242 50.72 47.58 29.51
N PRO E 243 51.56 46.77 30.18
CA PRO E 243 52.24 45.70 29.42
C PRO E 243 51.38 44.43 29.20
N CYS E 244 51.65 43.71 28.10
CA CYS E 244 51.08 42.35 27.90
C CYS E 244 52.29 41.43 28.18
N GLN E 245 52.05 40.13 28.34
CA GLN E 245 53.14 39.20 28.73
C GLN E 245 53.17 37.89 27.93
N ASP E 246 54.38 37.47 27.48
CA ASP E 246 54.62 36.19 26.80
C ASP E 246 53.77 35.94 25.54
N LEU E 247 53.48 37.00 24.79
CA LEU E 247 52.62 36.86 23.63
C LEU E 247 53.27 36.02 22.55
N GLU E 248 54.59 35.81 22.62
CA GLU E 248 55.24 34.98 21.57
C GLU E 248 54.95 33.46 21.72
N PHE E 249 54.42 33.05 22.87
CA PHE E 249 54.13 31.63 23.07
C PHE E 249 52.73 31.29 22.59
N VAL E 250 52.70 30.80 21.35
CA VAL E 250 51.46 30.41 20.68
C VAL E 250 51.38 28.90 20.57
N GLN E 251 50.31 28.35 21.11
CA GLN E 251 50.13 26.90 21.01
C GLN E 251 49.51 26.42 19.70
N PHE E 252 50.22 25.48 19.03
CA PHE E 252 49.74 24.80 17.84
C PHE E 252 49.24 23.46 18.36
N HIS E 253 47.94 23.22 18.17
CA HIS E 253 47.34 21.95 18.58
C HIS E 253 47.75 20.95 17.50
N PRO E 254 48.17 19.74 17.90
CA PRO E 254 48.61 18.73 16.95
C PRO E 254 47.59 18.35 15.89
N THR E 255 46.33 18.35 16.28
CA THR E 255 45.31 17.90 15.34
C THR E 255 44.13 18.75 14.91
N GLY E 256 44.40 19.72 14.07
CA GLY E 256 43.29 20.43 13.48
C GLY E 256 42.99 19.65 12.20
N ILE E 257 41.74 19.61 11.77
CA ILE E 257 41.43 18.86 10.57
C ILE E 257 42.03 19.54 9.31
N TYR E 258 42.59 18.75 8.40
CA TYR E 258 43.23 19.28 7.17
C TYR E 258 42.23 20.04 6.30
N GLY E 259 42.56 21.26 5.94
CA GLY E 259 41.63 22.03 5.14
C GLY E 259 40.88 23.04 6.01
N ALA E 260 39.79 22.60 6.64
CA ALA E 260 38.96 23.47 7.46
C ALA E 260 39.59 23.99 8.74
N GLY E 261 40.50 23.24 9.36
CA GLY E 261 41.12 23.74 10.56
C GLY E 261 40.37 23.41 11.86
N CYS E 262 39.16 22.86 11.77
CA CYS E 262 38.34 22.50 12.95
C CYS E 262 39.13 21.58 13.86
N LEU E 263 38.99 21.80 15.15
CA LEU E 263 39.71 20.97 16.10
C LEU E 263 39.19 19.52 16.15
N ILE E 264 40.10 18.57 16.30
CA ILE E 264 39.76 17.13 16.51
C ILE E 264 40.42 16.83 17.87
N THR E 265 39.60 16.57 18.89
CA THR E 265 40.17 16.40 20.24
C THR E 265 41.32 15.44 20.51
N GLU E 266 42.25 15.91 21.34
CA GLU E 266 43.36 15.12 21.85
C GLU E 266 42.72 13.91 22.66
N GLY E 267 41.44 14.04 23.02
CA GLY E 267 40.72 12.94 23.67
C GLY E 267 40.74 11.71 22.74
N CYS E 268 40.89 11.93 21.43
CA CYS E 268 40.98 10.79 20.47
C CYS E 268 42.22 9.92 20.80
N ARG E 269 43.34 10.56 21.07
CA ARG E 269 44.57 9.87 21.47
C ARG E 269 44.44 9.38 22.90
N GLY E 270 43.74 10.12 23.75
CA GLY E 270 43.59 9.66 25.13
C GLY E 270 42.78 8.33 25.16
N GLU E 271 41.83 8.17 24.25
CA GLU E 271 41.02 6.95 24.20
C GLU E 271 41.71 5.80 23.42
N GLY E 272 42.89 6.02 22.85
CA GLY E 272 43.57 4.96 22.13
C GLY E 272 43.91 5.23 20.67
N GLY E 273 43.49 6.38 20.13
CA GLY E 273 43.85 6.70 18.73
C GLY E 273 45.34 6.92 18.53
N ILE E 274 45.86 6.73 17.30
CA ILE E 274 47.27 6.92 17.11
C ILE E 274 47.56 7.74 15.81
N LEU E 275 48.70 8.43 15.77
CA LEU E 275 49.07 9.20 14.58
C LEU E 275 49.95 8.32 13.68
N ILE E 276 49.71 8.39 12.37
CA ILE E 276 50.56 7.61 11.44
C ILE E 276 50.95 8.45 10.22
N ASN E 277 52.07 8.08 9.60
CA ASN E 277 52.57 8.76 8.39
C ASN E 277 52.24 7.99 7.11
N SER E 278 52.82 8.41 6.00
CA SER E 278 52.43 7.80 4.72
C SER E 278 52.87 6.34 4.57
N GLN E 279 53.83 5.95 5.38
CA GLN E 279 54.33 4.59 5.40
C GLN E 279 53.58 3.74 6.43
N GLY E 280 52.56 4.30 7.08
CA GLY E 280 51.84 3.52 8.10
C GLY E 280 52.54 3.40 9.45
N GLU E 281 53.64 4.12 9.61
CA GLU E 281 54.38 4.05 10.87
C GLU E 281 53.78 4.93 12.01
N ARG E 282 53.70 4.36 13.21
CA ARG E 282 53.26 5.10 14.41
C ARG E 282 54.51 5.83 14.82
N PHE E 283 54.78 6.98 14.16
CA PHE E 283 56.03 7.71 14.39
C PHE E 283 56.33 8.28 15.76
N MET E 284 55.30 8.53 16.58
CA MET E 284 55.58 9.08 17.90
C MET E 284 56.35 8.06 18.76
N GLU E 285 56.34 6.78 18.39
CA GLU E 285 57.09 5.79 19.19
C GLU E 285 58.58 6.15 19.10
N ARG E 286 58.95 6.83 18.03
CA ARG E 286 60.33 7.22 17.80
C ARG E 286 60.70 8.57 18.42
N TYR E 287 59.79 9.55 18.38
CA TYR E 287 60.07 10.85 18.96
C TYR E 287 59.88 10.93 20.48
N ALA E 288 58.96 10.14 21.01
CA ALA E 288 58.66 10.16 22.47
C ALA E 288 58.39 8.69 22.86
N PRO E 289 59.47 7.89 22.98
CA PRO E 289 59.40 6.47 23.33
C PRO E 289 58.42 6.08 24.44
N VAL E 290 58.36 6.87 25.51
CA VAL E 290 57.43 6.57 26.60
C VAL E 290 56.00 7.10 26.42
N ALA E 291 55.85 8.42 26.34
CA ALA E 291 54.49 9.00 26.18
C ALA E 291 53.86 8.80 24.81
N LYS E 292 54.68 8.60 23.77
CA LYS E 292 54.18 8.40 22.39
C LYS E 292 53.17 9.50 21.95
N ASP E 293 51.98 9.13 21.52
CA ASP E 293 50.99 10.12 21.05
C ASP E 293 50.41 10.99 22.17
N LEU E 294 50.79 10.74 23.43
CA LEU E 294 50.28 11.54 24.56
C LEU E 294 51.41 12.36 25.18
N ALA E 295 52.40 12.67 24.35
CA ALA E 295 53.46 13.58 24.80
C ALA E 295 52.81 15.04 24.86
N SER E 296 53.55 16.04 25.31
CA SER E 296 53.01 17.41 25.33
C SER E 296 52.77 17.93 23.88
N ARG E 297 51.92 18.93 23.78
CA ARG E 297 51.57 19.50 22.49
C ARG E 297 52.68 20.10 21.69
N ASP E 298 53.61 20.75 22.36
CA ASP E 298 54.68 21.34 21.59
C ASP E 298 55.54 20.25 20.91
N VAL E 299 55.74 19.12 21.59
CA VAL E 299 56.55 18.00 21.09
C VAL E 299 55.83 17.25 20.01
N VAL E 300 54.55 16.94 20.21
CA VAL E 300 53.83 16.23 19.15
C VAL E 300 53.73 17.13 17.87
N SER E 301 53.39 18.42 18.06
CA SER E 301 53.31 19.31 16.83
C SER E 301 54.64 19.40 16.08
N ARG E 302 55.75 19.55 16.83
CA ARG E 302 57.03 19.58 16.12
C ARG E 302 57.34 18.23 15.37
N SER E 303 57.03 17.10 16.01
CA SER E 303 57.26 15.76 15.41
C SER E 303 56.48 15.60 14.12
N MET E 304 55.21 15.97 14.15
CA MET E 304 54.41 15.91 12.93
C MET E 304 54.98 16.79 11.83
N THR E 305 55.44 18.00 12.21
CA THR E 305 56.01 18.95 11.24
C THR E 305 57.30 18.37 10.55
N ILE E 306 58.15 17.71 11.34
CA ILE E 306 59.38 17.06 10.82
C ILE E 306 58.98 15.91 9.90
N GLU E 307 58.02 15.07 10.31
CA GLU E 307 57.57 14.02 9.41
C GLU E 307 57.17 14.56 8.08
N ILE E 308 56.44 15.69 8.06
CA ILE E 308 56.00 16.26 6.78
C ILE E 308 57.22 16.84 5.99
N ARG E 309 58.12 17.56 6.69
CA ARG E 309 59.34 18.17 6.06
C ARG E 309 60.24 17.11 5.40
N GLU E 310 60.28 15.93 6.03
CA GLU E 310 61.10 14.82 5.58
C GLU E 310 60.45 13.92 4.53
N GLY E 311 59.28 14.31 3.99
CA GLY E 311 58.69 13.55 2.92
C GLY E 311 57.74 12.43 3.24
N ARG E 312 57.33 12.30 4.50
CA ARG E 312 56.44 11.23 4.83
C ARG E 312 54.99 11.71 5.12
N GLY E 313 54.62 12.84 4.52
CA GLY E 313 53.28 13.39 4.68
C GLY E 313 52.33 12.64 3.78
N CYS E 314 51.04 12.70 4.13
CA CYS E 314 50.00 11.99 3.37
C CYS E 314 49.22 12.90 2.46
N GLY E 315 48.39 12.30 1.63
CA GLY E 315 47.57 13.03 0.68
C GLY E 315 48.30 13.37 -0.62
N PRO E 316 47.58 13.85 -1.63
CA PRO E 316 48.22 14.21 -2.92
C PRO E 316 49.29 15.29 -2.81
N GLU E 317 49.18 16.17 -1.81
CA GLU E 317 50.19 17.21 -1.63
C GLU E 317 51.21 16.86 -0.55
N LYS E 318 51.09 15.66 0.01
CA LYS E 318 52.01 15.20 1.06
C LYS E 318 52.22 16.23 2.17
N ASP E 319 51.12 16.87 2.57
CA ASP E 319 51.22 17.94 3.50
C ASP E 319 50.52 17.77 4.85
N HIS E 320 49.99 16.57 5.14
CA HIS E 320 49.36 16.38 6.47
C HIS E 320 49.66 14.91 6.92
N VAL E 321 49.22 14.52 8.11
CA VAL E 321 49.34 13.12 8.53
C VAL E 321 47.96 12.56 8.88
N TYR E 322 47.91 11.33 9.41
CA TYR E 322 46.64 10.69 9.72
C TYR E 322 46.45 10.39 11.20
N LEU E 323 45.22 10.58 11.65
CA LEU E 323 44.84 10.23 13.02
C LEU E 323 43.94 8.99 12.81
N GLN E 324 44.43 7.86 13.31
CA GLN E 324 43.68 6.57 13.15
C GLN E 324 42.85 6.16 14.39
N LEU E 325 41.55 5.99 14.21
CA LEU E 325 40.70 5.56 15.32
C LEU E 325 40.00 4.22 14.97
N HIS E 326 40.13 3.76 13.74
CA HIS E 326 39.34 2.59 13.33
C HIS E 326 39.64 1.25 13.94
N HIS E 327 40.74 1.16 14.69
CA HIS E 327 41.04 -0.08 15.38
C HIS E 327 40.24 -0.10 16.69
N LEU E 328 39.58 1.00 17.04
CA LEU E 328 38.82 1.01 18.29
C LEU E 328 37.41 0.46 18.09
N PRO E 329 36.80 -0.10 19.14
CA PRO E 329 35.43 -0.63 19.04
C PRO E 329 34.47 0.53 18.72
N PRO E 330 33.57 0.36 17.74
CA PRO E 330 32.62 1.41 17.38
C PRO E 330 31.75 1.93 18.52
N GLN E 331 31.48 1.08 19.52
CA GLN E 331 30.66 1.54 20.64
C GLN E 331 31.46 2.58 21.46
N GLN E 332 32.78 2.37 21.56
CA GLN E 332 33.62 3.31 22.28
C GLN E 332 33.66 4.69 21.53
N LEU E 333 33.73 4.65 20.19
CA LEU E 333 33.78 5.88 19.41
C LEU E 333 32.46 6.64 19.58
N ALA E 334 31.34 5.91 19.59
CA ALA E 334 30.05 6.53 19.74
C ALA E 334 29.78 7.11 21.15
N THR E 335 30.28 6.45 22.18
CA THR E 335 30.03 6.91 23.56
C THR E 335 31.02 8.00 24.01
N ARG E 336 32.27 7.87 23.62
CA ARG E 336 33.31 8.83 24.06
C ARG E 336 33.64 9.96 23.05
N LEU E 337 33.47 9.70 21.77
CA LEU E 337 33.82 10.66 20.66
C LEU E 337 32.74 10.92 19.63
N PRO E 338 31.50 11.10 20.08
CA PRO E 338 30.41 11.34 19.13
C PRO E 338 30.52 12.65 18.35
N GLY E 339 31.06 13.68 19.00
CA GLY E 339 31.16 14.97 18.31
C GLY E 339 32.15 14.98 17.15
N ILE E 340 33.35 14.48 17.39
CA ILE E 340 34.35 14.45 16.30
C ILE E 340 33.96 13.44 15.21
N SER E 341 33.20 12.42 15.59
CA SER E 341 32.75 11.47 14.57
C SER E 341 31.93 12.23 13.52
N GLU E 342 31.04 13.09 14.00
CA GLU E 342 30.18 13.88 13.12
C GLU E 342 30.97 14.94 12.30
N THR E 343 31.86 15.64 13.00
CA THR E 343 32.68 16.66 12.36
C THR E 343 33.59 16.08 11.28
N ALA E 344 34.18 14.92 11.54
CA ALA E 344 35.06 14.27 10.54
C ALA E 344 34.28 13.96 9.27
N MET E 345 33.01 13.56 9.43
CA MET E 345 32.20 13.25 8.25
C MET E 345 31.83 14.51 7.49
N ILE E 346 31.36 15.52 8.21
CA ILE E 346 30.97 16.77 7.55
C ILE E 346 32.12 17.49 6.85
N PHE E 347 33.25 17.59 7.53
CA PHE E 347 34.35 18.35 6.97
C PHE E 347 35.44 17.62 6.20
N ALA E 348 35.52 16.29 6.29
CA ALA E 348 36.58 15.57 5.54
C ALA E 348 36.00 14.35 4.84
N GLY E 349 34.69 14.15 4.98
CA GLY E 349 33.98 13.04 4.36
C GLY E 349 34.51 11.70 4.84
N VAL E 350 35.01 11.64 6.07
CA VAL E 350 35.57 10.44 6.66
C VAL E 350 34.64 9.74 7.67
N ASP E 351 34.50 8.41 7.54
CA ASP E 351 33.75 7.55 8.48
C ASP E 351 34.87 7.06 9.42
N VAL E 352 34.89 7.51 10.67
CA VAL E 352 36.00 7.16 11.57
C VAL E 352 36.08 5.65 11.95
N THR E 353 35.02 4.88 11.69
CA THR E 353 35.10 3.45 11.99
C THR E 353 35.83 2.73 10.87
N LYS E 354 36.06 3.41 9.74
CA LYS E 354 36.73 2.79 8.58
C LYS E 354 38.03 3.42 8.04
N GLU E 355 38.17 4.73 8.19
CA GLU E 355 39.33 5.42 7.63
C GLU E 355 39.88 6.46 8.59
N PRO E 356 41.15 6.81 8.43
CA PRO E 356 41.77 7.82 9.31
C PRO E 356 41.34 9.26 8.93
N ILE E 357 41.53 10.17 9.89
CA ILE E 357 41.20 11.58 9.72
C ILE E 357 42.49 12.32 9.32
N PRO E 358 42.43 13.15 8.25
CA PRO E 358 43.63 13.90 7.85
C PRO E 358 43.79 15.08 8.82
N VAL E 359 44.96 15.25 9.42
CA VAL E 359 45.16 16.31 10.40
C VAL E 359 46.54 16.95 10.27
N LEU E 360 46.71 18.12 10.87
CA LEU E 360 48.03 18.77 10.94
C LEU E 360 48.00 19.84 12.04
N PRO E 361 49.18 20.24 12.54
CA PRO E 361 49.29 21.24 13.61
C PRO E 361 48.62 22.52 13.19
N THR E 362 47.84 23.08 14.12
CA THR E 362 47.04 24.28 13.84
C THR E 362 47.01 25.21 15.04
N VAL E 363 47.24 26.51 14.82
CA VAL E 363 47.16 27.51 15.89
C VAL E 363 45.87 27.33 16.66
N HIS E 364 45.96 27.34 17.98
CA HIS E 364 44.83 26.98 18.85
C HIS E 364 44.63 27.80 20.14
N TYR E 365 45.72 28.23 20.79
CA TYR E 365 45.53 28.87 22.09
C TYR E 365 46.71 29.77 22.40
N ASN E 366 46.42 30.88 23.09
CA ASN E 366 47.51 31.83 23.44
C ASN E 366 47.95 31.71 24.90
N MET E 367 49.17 31.26 25.13
CA MET E 367 49.68 31.17 26.52
C MET E 367 49.87 32.58 27.11
N GLY E 368 50.28 33.52 26.28
CA GLY E 368 50.46 34.94 26.69
C GLY E 368 49.15 35.70 26.93
N GLY E 369 49.23 36.88 27.51
CA GLY E 369 48.02 37.66 27.71
C GLY E 369 48.30 38.82 28.67
N ILE E 370 47.29 39.26 29.43
CA ILE E 370 47.42 40.39 30.40
C ILE E 370 48.06 39.80 31.67
N PRO E 371 49.21 40.33 32.13
CA PRO E 371 49.83 39.73 33.32
C PRO E 371 49.06 39.95 34.61
N THR E 372 48.97 38.90 35.42
CA THR E 372 48.26 39.01 36.69
C THR E 372 49.04 38.29 37.79
N ASN E 373 48.60 38.48 39.04
CA ASN E 373 49.21 37.74 40.15
C ASN E 373 48.25 36.58 40.35
N TYR E 374 48.50 35.68 41.32
CA TYR E 374 47.60 34.53 41.47
C TYR E 374 46.20 34.82 41.98
N LYS E 375 45.94 36.08 42.35
CA LYS E 375 44.61 36.45 42.83
C LYS E 375 43.76 37.06 41.73
N GLY E 376 44.35 37.17 40.52
CA GLY E 376 43.64 37.71 39.37
C GLY E 376 43.83 39.21 39.11
N GLN E 377 44.60 39.90 39.99
CA GLN E 377 44.78 41.36 39.79
C GLN E 377 45.83 41.62 38.73
N VAL E 378 45.57 42.57 37.85
CA VAL E 378 46.49 42.90 36.78
C VAL E 378 47.68 43.64 37.40
N ILE E 379 48.88 43.32 36.92
CA ILE E 379 50.09 43.94 37.44
C ILE E 379 50.91 44.58 36.36
N THR E 380 51.73 45.55 36.78
CA THR E 380 52.69 46.11 35.88
C THR E 380 54.02 45.86 36.58
N HIS E 381 55.13 46.24 35.94
CA HIS E 381 56.44 45.97 36.53
C HIS E 381 57.28 47.26 36.36
N VAL E 382 57.63 47.88 37.49
CA VAL E 382 58.36 49.15 37.49
C VAL E 382 59.59 49.09 38.38
N ASN E 383 60.76 49.37 37.80
CA ASN E 383 62.01 49.34 38.56
C ASN E 383 62.18 48.00 39.24
N GLY E 384 62.00 46.94 38.47
CA GLY E 384 62.17 45.60 39.01
C GLY E 384 61.17 45.11 40.04
N GLU E 385 60.04 45.79 40.17
CA GLU E 385 59.06 45.31 41.12
C GLU E 385 57.67 45.20 40.46
N ASP E 386 56.93 44.15 40.78
CA ASP E 386 55.57 43.99 40.26
C ASP E 386 54.70 44.90 41.10
N LYS E 387 53.72 45.54 40.49
CA LYS E 387 52.83 46.43 41.21
C LYS E 387 51.43 46.22 40.69
N VAL E 388 50.46 46.09 41.59
CA VAL E 388 49.06 45.87 41.21
C VAL E 388 48.48 47.13 40.57
N VAL E 389 47.65 46.97 39.51
CA VAL E 389 46.96 48.08 38.88
C VAL E 389 45.62 48.17 39.62
N PRO E 390 45.43 49.23 40.41
CA PRO E 390 44.17 49.36 41.16
C PRO E 390 42.87 49.27 40.34
N GLY E 391 41.93 48.45 40.81
CA GLY E 391 40.62 48.28 40.18
C GLY E 391 40.58 47.49 38.85
N LEU E 392 41.66 46.81 38.49
CA LEU E 392 41.70 46.02 37.23
C LEU E 392 42.10 44.52 37.48
N TYR E 393 41.28 43.62 36.94
CA TYR E 393 41.47 42.14 37.07
C TYR E 393 41.39 41.51 35.64
N ALA E 394 41.96 40.31 35.47
CA ALA E 394 41.86 39.61 34.17
C ALA E 394 41.85 38.12 34.46
N CYS E 395 41.05 37.35 33.72
CA CYS E 395 41.03 35.89 33.90
C CYS E 395 40.72 35.18 32.59
N GLY E 396 41.03 33.88 32.52
CA GLY E 396 40.76 33.12 31.30
C GLY E 396 41.87 33.25 30.28
N GLU E 397 41.58 32.94 29.01
CA GLU E 397 42.60 32.96 28.01
C GLU E 397 43.22 34.37 27.82
N ALA E 398 42.45 35.44 28.14
CA ALA E 398 43.01 36.81 27.99
C ALA E 398 44.14 37.08 28.99
N ALA E 399 44.19 36.30 30.08
CA ALA E 399 45.21 36.50 31.13
C ALA E 399 46.45 35.66 31.06
N SER E 400 47.51 36.17 31.70
CA SER E 400 48.76 35.38 31.83
C SER E 400 49.02 35.38 33.35
N ALA E 401 48.54 34.35 34.05
CA ALA E 401 48.67 34.27 35.52
C ALA E 401 50.03 34.00 36.21
N SER E 402 50.98 33.25 35.62
CA SER E 402 50.86 32.53 34.35
C SER E 402 50.79 31.07 34.76
N VAL E 403 49.65 30.42 34.59
CA VAL E 403 49.66 29.00 35.01
C VAL E 403 50.18 28.13 33.88
N HIS E 404 50.30 28.66 32.66
CA HIS E 404 50.69 27.76 31.56
C HIS E 404 52.11 27.94 31.01
N GLY E 405 52.76 29.06 31.36
CA GLY E 405 54.12 29.22 30.93
C GLY E 405 54.32 29.16 29.43
N ALA E 406 55.25 28.30 28.96
CA ALA E 406 55.56 28.19 27.55
C ALA E 406 54.82 27.08 26.81
N ASN E 407 53.94 26.38 27.51
CA ASN E 407 53.15 25.32 26.86
C ASN E 407 52.04 24.87 27.79
N ARG E 408 50.80 25.02 27.35
CA ARG E 408 49.68 24.62 28.18
C ARG E 408 49.36 23.12 28.01
N LEU E 409 48.98 22.46 29.10
CA LEU E 409 48.54 21.05 29.03
C LEU E 409 47.09 21.00 28.62
N GLY E 410 46.72 20.04 27.75
CA GLY E 410 45.31 19.90 27.39
C GLY E 410 44.47 19.72 28.67
N ALA E 411 43.26 20.26 28.64
CA ALA E 411 42.25 20.31 29.72
C ALA E 411 42.54 21.17 30.91
N ASN E 412 43.63 21.97 30.83
CA ASN E 412 43.94 22.89 31.91
C ASN E 412 43.35 24.30 31.67
N SER E 413 42.88 24.61 30.46
CA SER E 413 42.28 25.95 30.27
C SER E 413 40.90 26.08 30.87
N LEU E 414 39.99 25.12 30.62
CA LEU E 414 38.64 25.20 31.17
C LEU E 414 38.75 25.27 32.72
N LEU E 415 39.77 24.62 33.25
CA LEU E 415 39.99 24.65 34.73
C LEU E 415 40.39 26.10 35.16
N ASP E 416 41.32 26.68 34.41
CA ASP E 416 41.82 28.06 34.62
C ASP E 416 40.59 29.03 34.61
N LEU E 417 39.65 28.83 33.69
CA LEU E 417 38.49 29.74 33.58
C LEU E 417 37.66 29.78 34.87
N VAL E 418 37.31 28.62 35.41
CA VAL E 418 36.43 28.63 36.55
C VAL E 418 37.15 28.91 37.83
N VAL E 419 38.41 28.51 37.92
CA VAL E 419 39.19 28.76 39.12
C VAL E 419 39.57 30.23 39.25
N PHE E 420 40.05 30.84 38.16
CA PHE E 420 40.42 32.23 38.26
C PHE E 420 39.25 33.22 38.11
N GLY E 421 38.16 32.79 37.43
CA GLY E 421 36.97 33.63 37.35
C GLY E 421 36.48 33.77 38.80
N ARG E 422 36.47 32.65 39.52
CA ARG E 422 36.00 32.70 40.93
C ARG E 422 36.99 33.49 41.79
N ALA E 423 38.28 33.33 41.56
CA ALA E 423 39.27 34.07 42.33
C ALA E 423 39.17 35.62 42.17
N CYS E 424 38.90 36.12 40.96
CA CYS E 424 38.72 37.57 40.79
C CYS E 424 37.55 38.04 41.69
N ALA E 425 36.45 37.29 41.69
CA ALA E 425 35.32 37.68 42.55
C ALA E 425 35.64 37.63 44.05
N LEU E 426 36.31 36.56 44.50
CA LEU E 426 36.72 36.41 45.91
C LEU E 426 37.66 37.53 46.33
N THR E 427 38.61 37.91 45.48
CA THR E 427 39.55 38.95 45.82
C THR E 427 38.89 40.34 45.94
N ILE E 428 37.97 40.64 45.03
CA ILE E 428 37.26 41.90 45.09
C ILE E 428 36.42 41.92 46.42
N ALA E 429 35.73 40.81 46.74
CA ALA E 429 34.91 40.72 47.95
C ALA E 429 35.73 40.88 49.22
N GLU E 430 37.01 40.57 49.18
CA GLU E 430 37.81 40.72 50.40
C GLU E 430 38.50 42.09 50.44
N THR E 431 38.39 42.83 49.35
CA THR E 431 39.04 44.13 49.22
C THR E 431 38.08 45.33 49.30
N CYS E 432 36.83 45.11 48.87
CA CYS E 432 35.84 46.15 48.77
C CYS E 432 34.51 45.69 49.34
N LYS E 433 33.58 46.62 49.49
CA LYS E 433 32.28 46.26 49.99
C LYS E 433 31.29 46.76 49.00
N PRO E 434 30.16 46.06 48.87
CA PRO E 434 29.20 46.57 47.90
C PRO E 434 28.67 47.95 48.35
N GLY E 435 28.36 48.79 47.36
CA GLY E 435 27.82 50.10 47.63
C GLY E 435 28.80 51.20 47.96
N GLU E 436 30.09 50.90 48.07
CA GLU E 436 31.02 51.97 48.37
C GLU E 436 30.92 52.94 47.21
N PRO E 437 31.31 54.20 47.40
CA PRO E 437 31.20 55.15 46.29
C PRO E 437 31.90 54.81 44.96
N VAL E 438 31.24 55.18 43.87
CA VAL E 438 31.78 54.92 42.53
C VAL E 438 32.82 56.00 42.17
N PRO E 439 34.01 55.59 41.72
CA PRO E 439 35.04 56.59 41.35
C PRO E 439 34.61 57.54 40.25
N SER E 440 35.07 58.77 40.33
CA SER E 440 34.70 59.73 39.29
C SER E 440 35.66 59.68 38.09
N ILE E 441 35.16 60.16 36.96
CA ILE E 441 35.95 60.22 35.72
C ILE E 441 35.68 61.61 35.10
N LYS E 442 36.64 62.13 34.35
CA LYS E 442 36.43 63.40 33.67
C LYS E 442 35.21 63.33 32.75
N PRO E 443 34.50 64.45 32.57
CA PRO E 443 33.30 64.52 31.73
C PRO E 443 33.50 64.03 30.29
N ASN E 444 34.70 64.19 29.77
CA ASN E 444 34.99 63.77 28.40
C ASN E 444 35.80 62.46 28.37
N ALA E 445 35.85 61.73 29.47
CA ALA E 445 36.61 60.45 29.50
C ALA E 445 36.06 59.55 28.40
N GLY E 446 36.98 58.98 27.61
CA GLY E 446 36.61 58.07 26.55
C GLY E 446 36.45 58.72 25.20
N GLU E 447 36.62 60.06 25.10
CA GLU E 447 36.42 60.73 23.81
C GLU E 447 37.34 60.22 22.69
N GLU E 448 38.58 59.85 23.00
CA GLU E 448 39.49 59.33 21.99
C GLU E 448 38.96 58.01 21.38
N SER E 449 38.22 57.23 22.16
CA SER E 449 37.69 55.92 21.63
C SER E 449 36.62 56.25 20.65
N VAL E 450 35.80 57.24 20.99
CA VAL E 450 34.72 57.63 20.08
C VAL E 450 35.25 58.26 18.80
N ALA E 451 36.28 59.09 18.93
CA ALA E 451 36.90 59.68 17.77
C ALA E 451 37.49 58.62 16.85
N ASN E 452 38.14 57.58 17.41
CA ASN E 452 38.73 56.51 16.59
C ASN E 452 37.56 55.76 15.90
N LEU E 453 36.50 55.50 16.62
CA LEU E 453 35.36 54.79 16.01
C LEU E 453 34.82 55.57 14.79
N ASP E 454 34.64 56.88 14.96
CA ASP E 454 34.13 57.72 13.88
C ASP E 454 35.06 57.77 12.67
N LYS E 455 36.35 57.83 12.92
CA LYS E 455 37.35 57.81 11.86
C LYS E 455 37.21 56.52 11.03
N LEU E 456 37.01 55.38 11.70
CA LEU E 456 36.90 54.13 10.96
C LEU E 456 35.55 54.02 10.22
N ARG E 457 34.50 54.54 10.82
CA ARG E 457 33.16 54.48 10.23
C ARG E 457 33.10 55.15 8.84
N PHE E 458 33.88 56.24 8.73
CA PHE E 458 33.91 57.02 7.52
C PHE E 458 35.15 56.88 6.64
N ALA E 459 35.99 55.90 6.95
CA ALA E 459 37.26 55.68 6.23
C ALA E 459 37.10 55.51 4.72
N ASP E 460 37.89 56.26 3.98
CA ASP E 460 37.76 56.22 2.53
C ASP E 460 39.10 56.14 1.80
N GLY E 461 40.01 55.31 2.31
CA GLY E 461 41.30 55.14 1.67
C GLY E 461 41.33 54.14 0.53
N THR E 462 42.44 53.43 0.47
CA THR E 462 42.74 52.51 -0.60
C THR E 462 42.86 51.01 -0.30
N ILE E 463 42.99 50.68 0.98
CA ILE E 463 43.16 49.29 1.35
C ILE E 463 41.97 48.84 2.22
N ARG E 464 41.12 47.99 1.71
CA ARG E 464 39.97 47.59 2.51
C ARG E 464 40.40 46.67 3.67
N THR E 465 39.59 46.72 4.71
CA THR E 465 39.84 45.94 5.92
C THR E 465 40.19 44.49 5.64
N SER E 466 39.40 43.82 4.81
CA SER E 466 39.67 42.38 4.54
C SER E 466 41.03 42.11 3.89
N GLU E 467 41.53 43.08 3.13
CA GLU E 467 42.81 42.93 2.46
C GLU E 467 43.92 43.06 3.46
N ALA E 468 43.82 44.07 4.31
CA ALA E 468 44.85 44.26 5.34
C ALA E 468 44.85 43.05 6.31
N ARG E 469 43.64 42.54 6.63
CA ARG E 469 43.57 41.39 7.59
C ARG E 469 44.23 40.15 6.97
N LEU E 470 43.92 39.85 5.73
CA LEU E 470 44.51 38.69 5.06
C LEU E 470 46.01 38.84 5.00
N ASN E 471 46.49 40.06 4.76
CA ASN E 471 47.94 40.30 4.71
C ASN E 471 48.62 39.96 6.05
N MET E 472 48.04 40.44 7.13
CA MET E 472 48.55 40.17 8.47
C MET E 472 48.54 38.65 8.72
N GLN E 473 47.41 38.00 8.43
CA GLN E 473 47.30 36.52 8.71
C GLN E 473 48.31 35.69 7.93
N LYS E 474 48.51 36.00 6.66
CA LYS E 474 49.51 35.25 5.86
C LYS E 474 50.91 35.52 6.33
N THR E 475 51.18 36.74 6.79
CA THR E 475 52.55 37.02 7.34
C THR E 475 52.84 36.21 8.62
N MET E 476 51.90 36.19 9.53
CA MET E 476 52.08 35.40 10.76
C MET E 476 52.24 33.93 10.43
N GLN E 477 51.39 33.43 9.54
CA GLN E 477 51.46 32.01 9.21
C GLN E 477 52.80 31.61 8.59
N SER E 478 53.37 32.45 7.75
CA SER E 478 54.62 32.03 7.16
C SER E 478 55.86 32.50 7.90
N HIS E 479 55.75 33.44 8.83
CA HIS E 479 56.97 33.89 9.55
C HIS E 479 57.03 33.58 11.03
N ALA E 480 55.95 33.07 11.63
CA ALA E 480 55.97 32.78 13.07
C ALA E 480 55.23 31.45 13.37
N ALA E 481 55.64 30.42 12.64
CA ALA E 481 54.98 29.09 12.71
C ALA E 481 55.66 28.13 13.71
N VAL E 482 55.46 26.81 13.53
CA VAL E 482 55.97 25.83 14.50
C VAL E 482 57.49 25.92 14.70
N PHE E 483 58.27 26.06 13.60
CA PHE E 483 59.74 26.25 13.72
C PHE E 483 60.05 27.66 13.24
N ARG E 484 60.91 28.37 13.95
CA ARG E 484 61.18 29.75 13.59
C ARG E 484 62.68 29.98 13.44
N THR E 485 63.04 31.07 12.79
CA THR E 485 64.48 31.40 12.74
C THR E 485 64.63 32.91 12.64
N GLY E 486 65.76 33.42 13.13
CA GLY E 486 66.01 34.85 13.11
C GLY E 486 65.74 35.63 11.83
N SER E 487 66.23 35.16 10.70
CA SER E 487 66.04 35.95 9.50
C SER E 487 64.58 35.96 9.02
N ILE E 488 63.89 34.84 9.20
CA ILE E 488 62.50 34.79 8.82
C ILE E 488 61.62 35.62 9.78
N LEU E 489 61.91 35.59 11.09
CA LEU E 489 61.18 36.40 12.05
C LEU E 489 61.39 37.89 11.74
N GLN E 490 62.63 38.24 11.38
CA GLN E 490 62.94 39.63 11.06
C GLN E 490 62.19 40.12 9.85
N GLU E 491 62.09 39.31 8.81
CA GLU E 491 61.34 39.75 7.65
C GLU E 491 59.83 39.87 8.02
N GLY E 492 59.34 38.98 8.89
CA GLY E 492 57.95 39.10 9.31
C GLY E 492 57.71 40.36 10.10
N CYS E 493 58.65 40.73 10.96
CA CYS E 493 58.51 41.94 11.76
C CYS E 493 58.39 43.12 10.84
N GLU E 494 59.25 43.20 9.84
CA GLU E 494 59.19 44.36 8.92
C GLU E 494 57.92 44.40 8.10
N LYS E 495 57.49 43.25 7.59
CA LYS E 495 56.22 43.20 6.86
C LYS E 495 55.03 43.65 7.76
N LEU E 496 54.94 43.17 9.01
CA LEU E 496 53.82 43.57 9.89
C LEU E 496 53.85 45.03 10.24
N SER E 497 55.05 45.57 10.52
CA SER E 497 55.16 47.00 10.81
C SER E 497 54.66 47.87 9.60
N GLN E 498 54.92 47.43 8.38
CA GLN E 498 54.46 48.17 7.18
C GLN E 498 52.92 48.06 7.09
N ILE E 499 52.37 46.88 7.39
CA ILE E 499 50.90 46.71 7.36
C ILE E 499 50.30 47.62 8.43
N TYR E 500 50.96 47.75 9.57
CA TYR E 500 50.42 48.65 10.62
C TYR E 500 50.40 50.13 10.15
N ARG E 501 51.51 50.59 9.59
CA ARG E 501 51.52 51.97 9.09
C ARG E 501 50.42 52.12 8.00
N ASP E 502 50.22 51.10 7.17
CA ASP E 502 49.20 51.19 6.11
C ASP E 502 47.73 51.16 6.61
N LEU E 503 47.50 50.99 7.90
CA LEU E 503 46.13 51.06 8.38
C LEU E 503 45.66 52.52 8.13
N ALA E 504 46.60 53.47 8.01
CA ALA E 504 46.20 54.85 7.74
C ALA E 504 45.43 54.92 6.40
N HIS E 505 45.63 53.94 5.52
CA HIS E 505 44.94 53.91 4.22
C HIS E 505 43.67 53.02 4.19
N LEU E 506 43.13 52.69 5.37
CA LEU E 506 41.95 51.84 5.37
C LEU E 506 40.76 52.40 4.61
N LYS E 507 39.94 51.50 4.09
CA LYS E 507 38.71 51.83 3.36
C LYS E 507 37.55 50.98 3.90
N THR E 508 36.47 51.62 4.34
CA THR E 508 35.27 50.89 4.76
C THR E 508 34.14 51.35 3.88
N PHE E 509 33.01 50.64 3.90
CA PHE E 509 31.91 51.02 3.03
C PHE E 509 30.59 51.27 3.75
N ASP E 510 30.29 50.54 4.83
CA ASP E 510 29.00 50.71 5.51
C ASP E 510 29.09 51.98 6.34
N ARG E 511 28.21 52.95 6.08
CA ARG E 511 28.26 54.21 6.83
C ARG E 511 27.17 54.27 7.92
N GLY E 512 26.47 53.16 8.14
CA GLY E 512 25.45 53.15 9.17
C GLY E 512 26.04 52.96 10.56
N ILE E 513 25.19 52.85 11.58
CA ILE E 513 25.71 52.65 12.94
C ILE E 513 25.03 51.48 13.62
N VAL E 514 23.83 51.09 13.19
CA VAL E 514 23.17 49.89 13.75
C VAL E 514 23.74 48.66 13.07
N TRP E 515 24.31 47.74 13.85
CA TRP E 515 24.85 46.52 13.29
C TRP E 515 25.77 46.73 12.11
N ASN E 516 26.70 47.66 12.31
CA ASN E 516 27.68 47.89 11.28
C ASN E 516 28.85 46.96 11.55
N THR E 517 28.81 45.74 10.98
CA THR E 517 29.87 44.74 11.16
C THR E 517 31.13 45.05 10.36
N ASP E 518 30.99 45.86 9.31
CA ASP E 518 32.17 46.34 8.53
C ASP E 518 33.02 47.14 9.56
N LEU E 519 32.36 48.04 10.30
CA LEU E 519 33.04 48.88 11.30
C LEU E 519 33.54 47.98 12.48
N VAL E 520 32.68 47.11 13.03
CA VAL E 520 33.17 46.25 14.12
C VAL E 520 34.36 45.40 13.71
N GLU E 521 34.37 44.85 12.48
CA GLU E 521 35.52 44.05 12.06
C GLU E 521 36.77 44.89 11.84
N THR E 522 36.61 46.17 11.52
CA THR E 522 37.78 47.04 11.39
C THR E 522 38.35 47.34 12.79
N LEU E 523 37.49 47.58 13.78
CA LEU E 523 37.99 47.74 15.16
C LEU E 523 38.74 46.42 15.59
N GLU E 524 38.15 45.27 15.28
CA GLU E 524 38.83 44.00 15.64
C GLU E 524 40.16 43.89 14.92
N LEU E 525 40.26 44.37 13.67
CA LEU E 525 41.58 44.33 12.98
C LEU E 525 42.66 45.18 13.70
N GLN E 526 42.28 46.36 14.20
CA GLN E 526 43.25 47.16 14.96
C GLN E 526 43.70 46.40 16.19
N ASN E 527 42.78 45.70 16.84
CA ASN E 527 43.11 44.93 18.10
C ASN E 527 44.04 43.74 17.74
N LEU E 528 43.69 43.00 16.68
CA LEU E 528 44.52 41.87 16.20
C LEU E 528 45.94 42.32 15.84
N MET E 529 46.08 43.47 15.14
CA MET E 529 47.41 43.94 14.77
C MET E 529 48.26 44.28 15.97
N LEU E 530 47.67 44.84 17.04
CA LEU E 530 48.48 45.13 18.25
C LEU E 530 48.96 43.82 18.88
N CYS E 531 48.11 42.80 18.84
CA CYS E 531 48.50 41.49 19.40
C CYS E 531 49.57 40.84 18.51
N ALA E 532 49.38 40.86 17.19
CA ALA E 532 50.35 40.28 16.23
C ALA E 532 51.77 40.93 16.36
N LEU E 533 51.82 42.27 16.40
CA LEU E 533 53.12 42.96 16.53
C LEU E 533 53.87 42.48 17.78
N GLN E 534 53.21 42.44 18.93
CA GLN E 534 53.87 42.01 20.14
C GLN E 534 54.35 40.57 20.06
N THR E 535 53.53 39.72 19.45
CA THR E 535 53.89 38.32 19.31
C THR E 535 55.17 38.13 18.48
N ILE E 536 55.21 38.72 17.27
CA ILE E 536 56.35 38.48 16.42
C ILE E 536 57.62 39.21 16.88
N TYR E 537 57.50 40.41 17.45
CA TYR E 537 58.70 41.11 17.95
C TYR E 537 59.25 40.38 19.17
N GLY E 538 58.35 39.91 20.05
CA GLY E 538 58.82 39.14 21.22
C GLY E 538 59.51 37.85 20.78
N ALA E 539 58.99 37.19 19.73
CA ALA E 539 59.58 35.94 19.19
C ALA E 539 60.97 36.19 18.61
N GLU E 540 61.08 37.28 17.85
CA GLU E 540 62.38 37.62 17.26
C GLU E 540 63.44 37.88 18.37
N ALA E 541 63.04 38.50 19.47
CA ALA E 541 64.01 38.81 20.55
C ALA E 541 64.41 37.60 21.38
N ARG E 542 63.50 36.65 21.54
CA ARG E 542 63.77 35.47 22.37
C ARG E 542 64.68 34.45 21.68
N LYS E 543 65.98 34.51 22.00
CA LYS E 543 66.95 33.62 21.33
C LYS E 543 67.27 32.33 22.11
N GLU E 544 66.29 31.42 22.14
CA GLU E 544 66.38 30.13 22.81
C GLU E 544 65.14 29.37 22.32
N SER E 545 65.03 28.11 22.73
CA SER E 545 63.87 27.28 22.42
C SER E 545 63.32 26.86 23.79
N ARG E 546 62.04 27.09 24.02
CA ARG E 546 61.37 26.73 25.30
C ARG E 546 59.89 26.46 24.97
N GLY E 547 59.37 25.30 25.36
CA GLY E 547 57.97 25.00 25.08
C GLY E 547 57.60 25.20 23.63
N ALA E 548 56.49 25.91 23.37
CA ALA E 548 55.99 26.15 22.01
C ALA E 548 56.86 27.04 21.09
N HIS E 549 57.84 27.75 21.65
CA HIS E 549 58.72 28.63 20.88
C HIS E 549 59.98 27.81 20.54
N ALA E 550 60.16 27.46 19.26
CA ALA E 550 61.28 26.66 18.79
C ALA E 550 62.09 27.42 17.74
N ARG E 551 63.34 27.74 18.08
CA ARG E 551 64.25 28.47 17.17
C ARG E 551 65.28 27.48 16.57
N GLU E 552 65.34 27.37 15.24
CA GLU E 552 66.28 26.45 14.63
C GLU E 552 67.71 27.01 14.70
N ASP E 553 67.83 28.29 15.04
CA ASP E 553 69.13 28.94 15.18
C ASP E 553 69.61 29.02 16.64
N TYR E 554 68.72 28.73 17.58
CA TYR E 554 69.00 28.72 19.02
C TYR E 554 68.18 27.57 19.57
N LYS E 555 68.69 26.36 19.36
CA LYS E 555 68.00 25.12 19.72
C LYS E 555 67.89 24.75 21.19
N LEU E 556 68.67 25.37 22.06
CA LEU E 556 68.63 25.00 23.47
C LEU E 556 67.82 25.94 24.33
N ARG E 557 67.30 25.41 25.42
CA ARG E 557 66.58 26.21 26.40
C ARG E 557 67.71 26.85 27.26
N ILE E 558 67.65 28.15 27.54
CA ILE E 558 68.72 28.82 28.32
C ILE E 558 68.23 29.37 29.65
N ASP E 559 68.58 28.66 30.71
CA ASP E 559 68.16 29.00 32.07
C ASP E 559 69.32 29.71 32.83
N GLU E 560 69.07 30.03 34.11
CA GLU E 560 70.08 30.70 34.93
C GLU E 560 71.24 29.75 35.31
N PHE E 561 71.03 28.44 35.15
CA PHE E 561 72.05 27.43 35.38
C PHE E 561 71.90 26.44 34.23
N ASP E 562 72.92 25.62 34.02
CA ASP E 562 72.80 24.60 32.99
C ASP E 562 72.24 23.44 33.83
N TYR E 563 70.92 23.21 33.77
CA TYR E 563 70.36 22.15 34.58
C TYR E 563 70.57 20.72 34.08
N SER E 564 71.34 20.53 33.03
CA SER E 564 71.60 19.17 32.58
C SER E 564 72.87 18.64 33.27
N LYS E 565 73.51 19.49 34.08
CA LYS E 565 74.74 19.15 34.80
C LYS E 565 74.54 19.42 36.30
N PRO E 566 75.47 18.95 37.16
CA PRO E 566 75.30 19.20 38.59
C PRO E 566 75.47 20.68 38.88
N LEU E 567 74.72 21.20 39.85
CA LEU E 567 74.80 22.62 40.14
C LEU E 567 76.04 23.06 40.91
N GLN E 568 76.63 22.11 41.65
CA GLN E 568 77.83 22.35 42.46
C GLN E 568 78.92 23.04 41.66
N GLY E 569 79.32 24.23 42.11
CA GLY E 569 80.38 24.96 41.43
C GLY E 569 79.99 25.72 40.15
N GLN E 570 78.71 25.69 39.79
CA GLN E 570 78.29 26.39 38.60
C GLN E 570 78.16 27.87 38.87
N GLN E 571 78.49 28.67 37.86
CA GLN E 571 78.38 30.11 37.95
C GLN E 571 76.98 30.56 37.43
N LYS E 572 76.12 31.06 38.31
CA LYS E 572 74.79 31.51 37.94
C LYS E 572 74.78 32.66 36.92
N ARG E 573 74.03 32.50 35.81
CA ARG E 573 73.96 33.55 34.81
C ARG E 573 73.12 34.72 35.33
N PRO E 574 73.58 35.96 35.08
CA PRO E 574 72.87 37.16 35.50
C PRO E 574 71.54 37.21 34.70
N PHE E 575 70.52 37.85 35.28
CA PHE E 575 69.19 37.97 34.67
C PHE E 575 69.23 38.35 33.18
N GLU E 576 70.08 39.32 32.84
CA GLU E 576 70.22 39.77 31.48
C GLU E 576 70.90 38.79 30.53
N GLU E 577 71.46 37.71 31.08
CA GLU E 577 72.16 36.75 30.22
C GLU E 577 71.46 35.40 30.07
N HIS E 578 70.25 35.26 30.61
CA HIS E 578 69.54 34.02 30.38
C HIS E 578 68.09 34.33 29.95
N TRP E 579 67.34 33.29 29.64
CA TRP E 579 65.98 33.46 29.14
C TRP E 579 64.85 32.92 29.99
N ARG E 580 65.14 32.44 31.19
CA ARG E 580 64.05 31.93 31.98
C ARG E 580 63.43 33.14 32.70
N LYS E 581 62.62 33.87 31.92
CA LYS E 581 61.99 35.08 32.41
C LYS E 581 60.85 35.40 31.41
N HIS E 582 59.82 36.09 31.92
CA HIS E 582 58.63 36.47 31.11
C HIS E 582 58.92 37.69 30.26
N THR E 583 58.43 37.65 29.01
CA THR E 583 58.58 38.81 28.12
C THR E 583 57.43 39.79 28.43
N LEU E 584 57.74 41.08 28.60
CA LEU E 584 56.70 42.13 28.80
C LEU E 584 56.77 43.03 27.57
N SER E 585 55.66 43.26 26.88
CA SER E 585 55.66 44.03 25.66
C SER E 585 54.73 45.24 25.78
N TYR E 586 55.10 46.32 25.10
CA TYR E 586 54.40 47.61 25.07
C TYR E 586 54.35 48.09 23.61
N VAL E 587 53.33 48.83 23.24
CA VAL E 587 53.28 49.36 21.88
C VAL E 587 52.89 50.83 21.95
N ASP E 588 53.58 51.63 21.12
CA ASP E 588 53.24 53.06 20.96
C ASP E 588 52.22 52.98 19.85
N VAL E 589 50.97 53.22 20.18
CA VAL E 589 49.86 53.02 19.25
C VAL E 589 49.88 53.90 18.00
N LYS E 590 50.49 55.08 18.09
CA LYS E 590 50.54 55.94 16.91
C LYS E 590 51.52 55.40 15.90
N SER E 591 52.69 54.97 16.35
CA SER E 591 53.71 54.46 15.41
C SER E 591 53.73 52.98 15.21
N GLY E 592 53.31 52.24 16.22
CA GLY E 592 53.37 50.79 16.10
C GLY E 592 54.68 50.27 16.63
N LYS E 593 55.49 51.13 17.24
CA LYS E 593 56.79 50.69 17.75
C LYS E 593 56.63 49.82 19.00
N VAL E 594 57.29 48.66 18.99
CA VAL E 594 57.21 47.73 20.12
C VAL E 594 58.43 47.88 21.04
N THR E 595 58.20 47.92 22.35
CA THR E 595 59.27 47.96 23.34
C THR E 595 59.15 46.70 24.21
N LEU E 596 60.27 46.03 24.49
CA LEU E 596 60.25 44.82 25.34
C LEU E 596 61.04 45.00 26.65
N LYS E 597 60.53 44.45 27.76
CA LYS E 597 61.22 44.43 29.08
C LYS E 597 61.01 43.00 29.59
N TYR E 598 61.62 42.66 30.74
CA TYR E 598 61.48 41.29 31.25
C TYR E 598 61.25 41.25 32.75
N ARG E 599 60.55 40.23 33.24
CA ARG E 599 60.32 40.11 34.69
C ARG E 599 60.54 38.65 35.07
N PRO E 600 60.96 38.41 36.33
CA PRO E 600 61.21 37.04 36.78
C PRO E 600 59.99 36.11 36.87
N VAL E 601 60.27 34.83 36.72
CA VAL E 601 59.27 33.76 36.87
C VAL E 601 59.14 33.52 38.40
N ILE E 602 57.96 33.27 38.93
CA ILE E 602 57.83 33.01 40.37
C ILE E 602 57.95 31.48 40.63
N ASP E 603 59.02 31.05 41.31
CA ASP E 603 59.21 29.62 41.61
C ASP E 603 58.61 29.15 42.92
N ARG E 604 58.38 30.06 43.85
CA ARG E 604 57.79 29.68 45.14
C ARG E 604 56.33 29.23 45.01
N THR E 605 55.87 28.32 45.87
CA THR E 605 54.49 27.86 45.84
C THR E 605 53.77 28.66 46.94
N LEU E 606 52.54 28.30 47.27
CA LEU E 606 51.82 28.99 48.33
C LEU E 606 52.17 28.41 49.70
N ASN E 607 52.89 27.29 49.74
CA ASN E 607 53.23 26.66 51.01
C ASN E 607 54.24 25.54 50.72
N GLU E 608 55.53 25.84 50.89
CA GLU E 608 56.60 24.88 50.60
C GLU E 608 56.44 23.53 51.28
N GLU E 609 55.93 23.57 52.50
CA GLU E 609 55.74 22.38 53.32
C GLU E 609 54.69 21.44 52.73
N ASP E 610 53.58 21.98 52.22
CA ASP E 610 52.52 21.14 51.65
C ASP E 610 52.72 20.80 50.15
N CYS E 611 53.45 21.66 49.46
CA CYS E 611 53.69 21.48 48.01
C CYS E 611 55.02 22.11 47.71
N SER E 612 56.06 21.31 47.47
CA SER E 612 57.35 21.96 47.27
C SER E 612 57.58 22.41 45.82
N SER E 613 58.32 23.50 45.69
CA SER E 613 58.68 24.07 44.42
C SER E 613 59.46 23.03 43.60
N VAL E 614 59.26 23.05 42.29
CA VAL E 614 59.90 22.08 41.40
C VAL E 614 60.98 22.79 40.61
N PRO E 615 62.25 22.47 40.88
CA PRO E 615 63.33 23.12 40.15
C PRO E 615 63.39 22.71 38.66
N PRO E 616 63.94 23.58 37.80
CA PRO E 616 64.06 23.28 36.36
C PRO E 616 64.84 21.98 36.11
N ALA E 617 64.41 21.18 35.14
CA ALA E 617 65.13 19.94 34.81
C ALA E 617 65.05 19.72 33.31
N ILE E 618 65.74 18.70 32.82
CA ILE E 618 65.67 18.43 31.39
C ILE E 618 64.23 17.94 31.17
N ARG E 619 63.62 18.36 30.07
CA ARG E 619 62.22 18.03 29.78
C ARG E 619 62.04 17.13 28.57
N SER E 620 61.66 15.88 28.85
CA SER E 620 61.43 14.92 27.77
C SER E 620 60.20 14.06 28.09
N TYR E 621 59.58 13.57 27.03
CA TYR E 621 58.37 12.74 27.16
C TYR E 621 58.57 11.33 26.52
N THR F 8 39.45 27.32 -15.51
CA THR F 8 38.21 28.12 -15.77
C THR F 8 37.21 28.09 -14.59
N SER F 9 36.66 29.26 -14.27
CA SER F 9 35.77 29.45 -13.12
C SER F 9 34.42 28.74 -13.14
N ARG F 10 33.78 28.69 -11.98
CA ARG F 10 32.46 28.06 -11.83
C ARG F 10 31.63 29.05 -11.01
N ILE F 11 30.94 29.94 -11.70
CA ILE F 11 30.15 31.02 -11.08
C ILE F 11 28.79 30.61 -10.58
N LYS F 12 28.60 30.74 -9.27
CA LYS F 12 27.35 30.39 -8.61
C LYS F 12 26.64 31.66 -8.14
N LYS F 13 25.33 31.71 -8.31
CA LYS F 13 24.60 32.89 -7.89
C LYS F 13 23.87 32.67 -6.55
N PHE F 14 23.85 33.70 -5.71
CA PHE F 14 23.15 33.70 -4.42
C PHE F 14 22.24 34.93 -4.42
N SER F 15 20.97 34.79 -4.02
CA SER F 15 20.06 35.91 -3.93
C SER F 15 19.81 36.02 -2.44
N ILE F 16 20.17 37.19 -1.86
CA ILE F 16 20.09 37.41 -0.43
C ILE F 16 19.24 38.61 0.08
N TYR F 17 18.43 38.35 1.11
CA TYR F 17 17.55 39.35 1.74
C TYR F 17 18.35 40.52 2.34
N ARG F 18 17.96 41.76 1.98
CA ARG F 18 18.62 42.98 2.47
C ARG F 18 17.62 43.96 3.06
N TRP F 19 17.94 44.54 4.21
CA TRP F 19 17.14 45.62 4.82
C TRP F 19 18.07 46.39 5.76
N ASP F 20 18.09 47.71 5.63
CA ASP F 20 18.99 48.56 6.43
C ASP F 20 18.17 49.49 7.33
N PRO F 21 18.25 49.28 8.67
CA PRO F 21 17.51 50.11 9.61
C PRO F 21 17.94 51.59 9.55
N ASP F 22 19.13 51.87 9.05
CA ASP F 22 19.50 53.29 8.92
C ASP F 22 18.89 53.99 7.67
N LYS F 23 18.19 53.23 6.82
CA LYS F 23 17.47 53.74 5.63
C LYS F 23 16.15 52.96 5.69
N PRO F 24 15.43 53.08 6.81
CA PRO F 24 14.17 52.39 7.11
C PRO F 24 13.10 52.32 6.05
N GLY F 25 12.94 53.42 5.33
CA GLY F 25 11.93 53.52 4.29
C GLY F 25 12.18 52.71 3.05
N ASP F 26 13.43 52.30 2.81
CA ASP F 26 13.70 51.46 1.67
C ASP F 26 13.23 50.07 2.07
N LYS F 27 12.23 49.58 1.36
CA LYS F 27 11.65 48.28 1.65
C LYS F 27 12.64 47.11 1.48
N PRO F 28 12.41 46.01 2.21
CA PRO F 28 13.28 44.82 2.12
C PRO F 28 13.35 44.41 0.66
N ARG F 29 14.53 44.00 0.18
CA ARG F 29 14.68 43.58 -1.23
C ARG F 29 15.64 42.37 -1.30
N MET F 30 15.80 41.76 -2.48
CA MET F 30 16.77 40.65 -2.63
C MET F 30 17.90 41.15 -3.51
N GLN F 31 19.14 40.83 -3.16
CA GLN F 31 20.29 41.23 -3.98
C GLN F 31 21.05 39.99 -4.45
N THR F 32 21.46 39.98 -5.71
CA THR F 32 22.16 38.85 -6.29
C THR F 32 23.66 39.06 -6.34
N TYR F 33 24.38 38.01 -5.93
CA TYR F 33 25.85 38.03 -5.95
C TYR F 33 26.40 36.82 -6.71
N GLU F 34 27.48 37.03 -7.46
CA GLU F 34 28.13 35.97 -8.23
C GLU F 34 29.45 35.56 -7.57
N VAL F 35 29.60 34.27 -7.27
CA VAL F 35 30.80 33.76 -6.58
C VAL F 35 31.47 32.61 -7.33
N ASP F 36 32.78 32.69 -7.51
CA ASP F 36 33.53 31.62 -8.17
C ASP F 36 33.80 30.49 -7.13
N LEU F 37 33.12 29.35 -7.27
CA LEU F 37 33.27 28.25 -6.33
C LEU F 37 34.69 27.64 -6.30
N ASN F 38 35.51 27.88 -7.33
CA ASN F 38 36.85 27.32 -7.31
C ASN F 38 37.72 28.12 -6.37
N LYS F 39 37.26 29.29 -5.96
CA LYS F 39 38.04 30.13 -5.05
C LYS F 39 37.24 30.39 -3.76
N CYS F 40 36.47 29.40 -3.34
CA CYS F 40 35.64 29.57 -2.14
C CYS F 40 35.60 28.26 -1.39
N GLY F 41 35.48 28.31 -0.06
CA GLY F 41 35.35 27.07 0.73
C GLY F 41 34.02 26.38 0.33
N PRO F 42 33.77 25.16 0.82
CA PRO F 42 32.58 24.40 0.46
C PRO F 42 31.20 24.75 1.11
N MET F 43 31.21 25.50 2.21
CA MET F 43 29.96 25.84 2.93
C MET F 43 29.36 27.20 2.61
N VAL F 44 28.05 27.34 2.82
CA VAL F 44 27.40 28.61 2.52
C VAL F 44 28.02 29.78 3.32
N LEU F 45 28.37 29.56 4.59
CA LEU F 45 29.00 30.65 5.34
C LEU F 45 30.33 31.12 4.63
N ASP F 46 31.09 30.19 4.03
CA ASP F 46 32.31 30.56 3.29
C ASP F 46 31.95 31.56 2.15
N ALA F 47 30.87 31.30 1.43
CA ALA F 47 30.40 32.23 0.39
C ALA F 47 29.95 33.55 0.96
N LEU F 48 29.26 33.54 2.12
CA LEU F 48 28.81 34.79 2.73
C LEU F 48 30.02 35.65 3.14
N ILE F 49 31.02 35.01 3.78
CA ILE F 49 32.23 35.74 4.18
C ILE F 49 33.00 36.24 2.93
N LYS F 50 33.08 35.42 1.89
CA LYS F 50 33.76 35.83 0.63
C LYS F 50 33.01 37.04 0.02
N ILE F 51 31.67 37.00 -0.04
CA ILE F 51 30.95 38.18 -0.54
C ILE F 51 31.26 39.44 0.31
N LYS F 52 31.16 39.33 1.65
CA LYS F 52 31.39 40.49 2.46
C LYS F 52 32.85 40.99 2.33
N ASN F 53 33.79 40.08 2.17
CA ASN F 53 35.19 40.53 2.09
C ASN F 53 35.60 41.05 0.73
N GLU F 54 34.95 40.59 -0.32
CA GLU F 54 35.37 40.98 -1.69
C GLU F 54 34.39 41.76 -2.54
N LEU F 55 33.09 41.59 -2.29
CA LEU F 55 32.06 42.24 -3.08
C LEU F 55 31.21 43.30 -2.38
N ASP F 56 30.82 43.08 -1.12
CA ASP F 56 29.95 44.04 -0.46
C ASP F 56 30.12 43.93 1.04
N SER F 57 30.94 44.79 1.61
CA SER F 57 31.17 44.71 3.03
C SER F 57 30.00 45.25 3.88
N THR F 58 28.89 45.68 3.25
CA THR F 58 27.75 46.10 4.04
C THR F 58 26.84 44.90 4.34
N LEU F 59 27.05 43.78 3.68
CA LEU F 59 26.24 42.53 3.89
C LEU F 59 26.46 42.09 5.37
N THR F 60 25.38 41.99 6.13
CA THR F 60 25.46 41.73 7.57
C THR F 60 24.81 40.40 8.07
N PHE F 61 25.55 39.62 8.89
CA PHE F 61 25.02 38.35 9.42
C PHE F 61 25.80 37.98 10.71
N ARG F 62 25.22 37.12 11.55
CA ARG F 62 25.95 36.67 12.76
C ARG F 62 26.74 35.38 12.44
N ARG F 63 27.93 35.22 13.07
CA ARG F 63 28.72 34.01 12.89
C ARG F 63 29.81 34.04 13.91
N SER F 64 30.29 32.87 14.35
CA SER F 64 31.44 32.85 15.26
C SER F 64 32.26 31.57 15.06
N CYS F 65 31.74 30.41 15.45
CA CYS F 65 32.58 29.21 15.36
C CYS F 65 32.91 28.57 14.03
N ARG F 66 32.21 28.90 12.96
CA ARG F 66 32.35 28.11 11.69
C ARG F 66 32.40 26.48 11.75
N GLU F 67 32.05 25.82 12.88
CA GLU F 67 31.98 24.33 12.92
C GLU F 67 30.63 23.72 13.39
N GLY F 68 29.61 24.55 13.38
CA GLY F 68 28.27 24.08 13.74
C GLY F 68 28.03 23.84 15.23
N ILE F 69 28.81 24.47 16.11
CA ILE F 69 28.61 24.25 17.57
C ILE F 69 28.06 25.49 18.35
N CYS F 70 28.31 26.72 17.87
CA CYS F 70 27.87 27.89 18.67
C CYS F 70 26.40 28.29 18.48
N GLY F 71 25.88 27.97 17.30
CA GLY F 71 24.50 28.30 17.00
C GLY F 71 24.25 29.69 16.39
N SER F 72 25.31 30.48 16.17
CA SER F 72 25.14 31.87 15.71
C SER F 72 24.58 32.09 14.31
N CYS F 73 25.04 31.29 13.36
CA CYS F 73 24.71 31.56 11.94
C CYS F 73 23.41 30.96 11.37
N ALA F 74 22.43 30.67 12.23
CA ALA F 74 21.14 30.08 11.78
C ALA F 74 20.41 31.08 10.82
N MET F 75 19.90 30.54 9.71
CA MET F 75 19.20 31.34 8.71
C MET F 75 18.43 30.40 7.82
N ASN F 76 17.67 30.97 6.88
CA ASN F 76 16.88 30.08 5.99
C ASN F 76 17.57 29.96 4.60
N ILE F 77 18.04 28.77 4.29
CA ILE F 77 18.77 28.56 3.00
C ILE F 77 18.02 27.57 2.13
N ALA F 78 17.74 27.98 0.89
CA ALA F 78 16.99 27.12 -0.07
C ALA F 78 15.70 26.61 0.60
N GLY F 79 15.04 27.51 1.31
CA GLY F 79 13.77 27.21 1.94
C GLY F 79 13.78 26.53 3.29
N GLY F 80 14.95 26.05 3.76
CA GLY F 80 14.95 25.38 5.08
C GLY F 80 15.84 26.06 6.14
N ASN F 81 15.45 26.03 7.43
CA ASN F 81 16.33 26.64 8.45
C ASN F 81 17.55 25.74 8.72
N THR F 82 18.77 26.31 8.78
CA THR F 82 19.92 25.48 9.04
C THR F 82 21.08 26.38 9.42
N LEU F 83 22.25 25.82 9.71
CA LEU F 83 23.43 26.62 10.03
C LEU F 83 24.22 26.87 8.72
N ALA F 84 24.50 28.13 8.39
CA ALA F 84 25.28 28.39 7.15
C ALA F 84 26.65 27.69 7.16
N CYS F 85 27.28 27.54 8.33
CA CYS F 85 28.63 26.98 8.39
C CYS F 85 28.74 25.46 8.17
N THR F 86 27.62 24.75 8.15
CA THR F 86 27.71 23.30 7.88
C THR F 86 26.82 22.90 6.67
N LYS F 87 26.20 23.90 6.01
CA LYS F 87 25.34 23.67 4.85
C LYS F 87 26.23 23.76 3.58
N LYS F 88 26.35 22.65 2.87
CA LYS F 88 27.17 22.65 1.64
C LYS F 88 26.54 23.49 0.53
N ILE F 89 27.36 24.28 -0.15
CA ILE F 89 26.89 25.06 -1.29
C ILE F 89 26.44 24.03 -2.36
N ASP F 90 25.31 24.27 -3.03
CA ASP F 90 24.84 23.36 -4.08
C ASP F 90 25.66 23.75 -5.34
N PRO F 91 26.54 22.87 -5.83
CA PRO F 91 27.32 23.26 -7.00
C PRO F 91 26.62 23.30 -8.35
N ASP F 92 25.29 23.10 -8.38
CA ASP F 92 24.54 23.20 -9.65
C ASP F 92 24.52 24.70 -10.05
N LEU F 93 25.32 25.09 -11.05
CA LEU F 93 25.40 26.48 -11.47
C LEU F 93 24.17 27.03 -12.16
N SER F 94 23.21 26.19 -12.52
CA SER F 94 21.96 26.71 -13.12
C SER F 94 20.91 27.11 -12.07
N LYS F 95 21.19 26.85 -10.79
CA LYS F 95 20.21 27.24 -9.76
C LYS F 95 20.74 28.37 -8.88
N THR F 96 19.89 29.34 -8.55
CA THR F 96 20.26 30.44 -7.68
C THR F 96 19.77 30.05 -6.28
N THR F 97 20.69 30.09 -5.33
CA THR F 97 20.34 29.75 -3.94
C THR F 97 19.81 31.00 -3.23
N LYS F 98 18.62 30.90 -2.66
CA LYS F 98 17.99 31.99 -1.90
C LYS F 98 18.27 31.91 -0.41
N ILE F 99 18.65 33.05 0.17
CA ILE F 99 18.95 33.13 1.61
C ILE F 99 18.13 34.22 2.29
N TYR F 100 17.44 33.85 3.35
CA TYR F 100 16.60 34.74 4.10
C TYR F 100 16.89 34.62 5.58
N PRO F 101 16.40 35.60 6.37
CA PRO F 101 16.62 35.50 7.84
C PRO F 101 15.73 34.36 8.39
N LEU F 102 15.94 33.98 9.64
CA LEU F 102 15.02 32.96 10.25
C LEU F 102 13.60 33.59 10.09
N PRO F 103 12.62 32.78 9.68
CA PRO F 103 11.23 33.18 9.43
C PRO F 103 10.41 33.74 10.60
N HIS F 104 9.54 34.70 10.23
CA HIS F 104 8.58 35.33 11.14
C HIS F 104 9.24 35.93 12.37
N MET F 105 10.37 36.60 12.13
CA MET F 105 11.09 37.28 13.17
C MET F 105 11.29 38.76 12.77
N TYR F 106 11.39 39.62 13.77
CA TYR F 106 11.70 41.05 13.51
C TYR F 106 13.16 41.17 13.06
N VAL F 107 13.38 41.80 11.91
CA VAL F 107 14.71 41.91 11.37
C VAL F 107 15.43 43.12 11.94
N VAL F 108 16.55 42.89 12.61
CA VAL F 108 17.33 44.03 13.10
C VAL F 108 18.06 44.71 11.88
N LYS F 109 18.66 43.90 11.01
CA LYS F 109 19.33 44.34 9.78
C LYS F 109 19.64 43.12 8.94
N ASP F 110 19.44 43.19 7.60
CA ASP F 110 19.76 42.06 6.69
C ASP F 110 19.41 40.64 7.22
N LEU F 111 20.41 39.79 7.54
CA LEU F 111 20.11 38.42 7.96
C LEU F 111 20.10 38.22 9.49
N VAL F 112 20.00 39.30 10.24
CA VAL F 112 20.05 39.26 11.71
C VAL F 112 18.69 39.45 12.36
N PRO F 113 18.17 38.41 13.02
CA PRO F 113 16.85 38.52 13.69
C PRO F 113 16.92 38.90 15.15
N ASP F 114 15.84 39.44 15.71
CA ASP F 114 15.84 39.75 17.15
C ASP F 114 15.41 38.46 17.87
N LEU F 115 16.34 37.90 18.65
CA LEU F 115 16.06 36.65 19.38
C LEU F 115 15.75 36.92 20.87
N SER F 116 15.50 38.17 21.26
CA SER F 116 15.29 38.40 22.71
C SER F 116 14.08 37.74 23.33
N ASN F 117 12.99 37.57 22.60
CA ASN F 117 11.84 36.86 23.15
C ASN F 117 12.20 35.36 23.33
N PHE F 118 12.91 34.78 22.34
CA PHE F 118 13.35 33.36 22.36
C PHE F 118 14.20 33.14 23.60
N TYR F 119 15.15 34.05 23.89
CA TYR F 119 15.96 33.89 25.08
C TYR F 119 15.13 34.10 26.40
N ALA F 120 14.14 35.02 26.41
CA ALA F 120 13.37 35.24 27.64
C ALA F 120 12.51 34.01 27.93
N GLN F 121 12.01 33.37 26.89
CA GLN F 121 11.22 32.12 27.05
C GLN F 121 12.09 31.05 27.66
N TYR F 122 13.33 30.96 27.18
CA TYR F 122 14.27 30.00 27.74
C TYR F 122 14.50 30.27 29.25
N LYS F 123 14.70 31.53 29.63
CA LYS F 123 14.90 31.84 31.04
C LYS F 123 13.66 31.49 31.90
N SER F 124 12.47 31.61 31.31
CA SER F 124 11.27 31.37 32.08
C SER F 124 11.10 29.94 32.53
N ILE F 125 11.76 28.96 31.89
CA ILE F 125 11.59 27.57 32.36
C ILE F 125 12.62 27.12 33.40
N GLU F 126 13.44 28.04 33.90
CA GLU F 126 14.47 27.83 34.93
C GLU F 126 15.40 26.69 34.51
N PRO F 127 16.26 26.95 33.52
CA PRO F 127 17.13 25.88 33.03
C PRO F 127 18.37 25.67 33.83
N TYR F 128 18.22 25.17 35.06
CA TYR F 128 19.35 24.96 35.94
C TYR F 128 18.89 23.91 36.98
N LEU F 129 19.84 23.26 37.64
CA LEU F 129 19.54 22.22 38.60
C LEU F 129 18.95 22.78 39.90
N LYS F 130 17.83 22.22 40.31
CA LYS F 130 17.17 22.62 41.57
C LYS F 130 17.02 21.38 42.47
N LYS F 131 17.52 21.47 43.69
CA LYS F 131 17.36 20.35 44.64
C LYS F 131 16.54 20.87 45.82
N LYS F 132 15.85 19.97 46.53
CA LYS F 132 15.02 20.37 47.66
C LYS F 132 15.90 20.98 48.76
N ASP F 133 17.13 20.49 48.92
CA ASP F 133 18.06 21.09 49.89
C ASP F 133 19.38 21.33 49.15
N GLU F 134 19.68 22.59 48.87
CA GLU F 134 20.89 22.98 48.16
C GLU F 134 22.02 23.40 49.09
N SER F 135 21.82 23.33 50.41
CA SER F 135 22.88 23.78 51.31
C SER F 135 24.16 22.97 51.24
N LYS F 136 24.09 21.72 50.75
CA LYS F 136 25.32 20.90 50.65
C LYS F 136 26.07 21.08 49.29
N GLN F 137 25.61 22.01 48.46
CA GLN F 137 26.23 22.23 47.16
C GLN F 137 27.74 22.45 47.24
N GLY F 138 28.50 21.88 46.30
CA GLY F 138 29.94 22.05 46.31
C GLY F 138 30.82 21.11 47.14
N LYS F 139 30.24 20.28 48.01
CA LYS F 139 30.98 19.37 48.88
C LYS F 139 31.40 18.05 48.20
N GLU F 140 30.46 17.39 47.51
CA GLU F 140 30.77 16.12 46.84
C GLU F 140 30.01 15.94 45.54
N GLN F 141 30.54 15.13 44.61
CA GLN F 141 29.83 14.88 43.36
C GLN F 141 28.51 14.22 43.67
N TYR F 142 27.48 14.61 42.93
CA TYR F 142 26.18 13.94 43.04
C TYR F 142 26.34 12.66 42.20
N LEU F 143 25.74 11.57 42.63
CA LEU F 143 25.88 10.33 41.86
C LEU F 143 24.80 10.22 40.82
N GLN F 144 25.18 9.68 39.67
CA GLN F 144 24.20 9.46 38.61
C GLN F 144 24.69 8.20 37.87
N SER F 145 23.82 7.22 37.70
CA SER F 145 24.21 5.99 37.02
C SER F 145 24.35 6.19 35.51
N ILE F 146 25.10 5.29 34.88
CA ILE F 146 25.28 5.35 33.44
C ILE F 146 23.92 5.32 32.80
N GLU F 147 23.02 4.43 33.26
CA GLU F 147 21.68 4.39 32.70
C GLU F 147 20.89 5.72 32.84
N ASP F 148 20.94 6.37 34.00
CA ASP F 148 20.22 7.66 34.10
C ASP F 148 20.87 8.78 33.26
N ARG F 149 22.19 8.78 33.18
CA ARG F 149 22.90 9.76 32.34
C ARG F 149 22.54 9.57 30.83
N GLN F 150 22.32 8.33 30.42
CA GLN F 150 22.02 8.06 29.04
C GLN F 150 20.69 8.66 28.65
N LYS F 151 19.80 8.91 29.62
CA LYS F 151 18.51 9.55 29.32
C LYS F 151 18.66 10.97 28.80
N LEU F 152 19.79 11.60 29.11
CA LEU F 152 20.00 12.99 28.61
C LEU F 152 20.53 13.05 27.17
N ASP F 153 21.00 11.93 26.62
CA ASP F 153 21.51 11.94 25.24
C ASP F 153 20.41 12.33 24.27
N GLY F 154 20.74 13.17 23.28
CA GLY F 154 19.72 13.64 22.37
C GLY F 154 19.01 14.90 22.90
N LEU F 155 19.25 15.27 24.16
CA LEU F 155 18.62 16.45 24.78
C LEU F 155 19.65 17.58 25.13
N TYR F 156 20.71 17.22 25.82
CA TYR F 156 21.69 18.26 26.22
C TYR F 156 22.54 18.87 25.10
N GLU F 157 22.56 18.27 23.92
CA GLU F 157 23.35 18.74 22.77
C GLU F 157 22.82 19.96 22.06
N CYS F 158 21.59 20.40 22.41
CA CYS F 158 20.96 21.54 21.74
C CYS F 158 21.90 22.76 21.83
N ILE F 159 22.09 23.45 20.70
CA ILE F 159 22.95 24.66 20.68
C ILE F 159 22.14 26.00 20.72
N LEU F 160 20.83 25.91 20.98
CA LEU F 160 19.95 27.12 21.04
C LEU F 160 20.07 28.05 19.80
N CYS F 161 20.10 27.43 18.61
CA CYS F 161 20.19 28.18 17.35
C CYS F 161 18.82 28.76 16.88
N ALA F 162 17.70 28.19 17.40
CA ALA F 162 16.33 28.58 17.07
C ALA F 162 15.85 28.16 15.70
N CYS F 163 16.62 27.30 15.01
CA CYS F 163 16.16 26.81 13.68
C CYS F 163 14.81 26.09 13.79
N CYS F 164 14.63 25.30 14.85
CA CYS F 164 13.39 24.53 15.00
C CYS F 164 12.20 25.41 15.36
N SER F 165 12.34 26.27 16.38
CA SER F 165 11.18 27.10 16.75
C SER F 165 10.75 28.01 15.62
N THR F 166 11.72 28.59 14.89
CA THR F 166 11.31 29.48 13.79
C THR F 166 10.89 28.72 12.50
N SER F 167 10.83 27.38 12.54
CA SER F 167 10.32 26.61 11.39
C SER F 167 8.89 26.12 11.74
N CYS F 168 8.45 26.38 12.97
CA CYS F 168 7.16 25.90 13.47
C CYS F 168 6.01 26.88 13.25
N PRO F 169 5.00 26.50 12.45
CA PRO F 169 3.87 27.42 12.22
C PRO F 169 3.17 27.80 13.50
N SER F 170 3.09 26.90 14.49
CA SER F 170 2.43 27.32 15.75
C SER F 170 3.19 28.45 16.40
N TYR F 171 4.51 28.41 16.31
CA TYR F 171 5.33 29.45 16.89
C TYR F 171 5.19 30.74 16.05
N TRP F 172 5.01 30.59 14.74
CA TRP F 172 4.81 31.78 13.89
C TRP F 172 3.52 32.55 14.33
N TRP F 173 2.43 31.81 14.54
CA TRP F 173 1.16 32.45 14.89
C TRP F 173 1.04 32.84 16.36
N ASN F 174 1.70 32.10 17.25
CA ASN F 174 1.55 32.37 18.67
C ASN F 174 2.84 32.38 19.48
N GLY F 175 3.93 32.84 18.89
CA GLY F 175 5.22 32.90 19.57
C GLY F 175 5.25 33.80 20.80
N ASP F 176 4.22 34.62 21.00
CA ASP F 176 4.19 35.45 22.21
C ASP F 176 3.88 34.62 23.47
N LYS F 177 3.15 33.51 23.28
CA LYS F 177 2.74 32.64 24.41
C LYS F 177 3.11 31.16 24.29
N TYR F 178 3.32 30.65 23.08
CA TYR F 178 3.74 29.25 22.89
C TYR F 178 5.27 29.26 23.10
N LEU F 179 5.79 28.39 23.95
CA LEU F 179 7.23 28.42 24.21
C LEU F 179 8.12 27.93 23.04
N GLY F 180 7.58 27.07 22.17
CA GLY F 180 8.35 26.60 21.02
C GLY F 180 9.13 25.31 21.30
N PRO F 181 9.51 24.58 20.24
CA PRO F 181 10.24 23.31 20.41
C PRO F 181 11.58 23.39 21.15
N ALA F 182 12.39 24.42 20.87
CA ALA F 182 13.69 24.48 21.56
C ALA F 182 13.59 24.58 23.08
N VAL F 183 12.76 25.51 23.51
CA VAL F 183 12.59 25.74 24.93
C VAL F 183 11.89 24.55 25.60
N LEU F 184 10.84 24.01 24.96
CA LEU F 184 10.18 22.85 25.56
C LEU F 184 11.12 21.66 25.66
N MET F 185 11.96 21.42 24.64
CA MET F 185 12.86 20.30 24.82
C MET F 185 13.84 20.49 25.98
N GLN F 186 14.29 21.72 26.23
CA GLN F 186 15.17 21.96 27.38
C GLN F 186 14.34 21.78 28.69
N ALA F 187 13.06 22.15 28.67
CA ALA F 187 12.25 21.92 29.94
C ALA F 187 12.29 20.38 30.19
N TYR F 188 12.11 19.58 29.14
CA TYR F 188 12.14 18.12 29.27
C TYR F 188 13.51 17.59 29.79
N ARG F 189 14.61 18.19 29.31
CA ARG F 189 15.99 17.83 29.71
C ARG F 189 16.13 18.03 31.22
N TRP F 190 15.49 19.05 31.79
CA TRP F 190 15.58 19.23 33.25
C TRP F 190 14.58 18.30 34.00
N MET F 191 13.42 18.05 33.41
CA MET F 191 12.45 17.12 34.00
C MET F 191 13.01 15.72 34.16
N ILE F 192 13.77 15.24 33.17
CA ILE F 192 14.24 13.87 33.32
C ILE F 192 15.62 13.69 33.89
N ASP F 193 16.28 14.79 34.29
CA ASP F 193 17.56 14.64 34.91
C ASP F 193 17.28 14.09 36.33
N SER F 194 17.88 12.96 36.67
CA SER F 194 17.69 12.30 37.96
C SER F 194 18.18 13.10 39.18
N ARG F 195 19.06 14.08 38.97
CA ARG F 195 19.55 14.87 40.07
C ARG F 195 18.60 16.04 40.40
N ASP F 196 17.61 16.32 39.55
CA ASP F 196 16.71 17.50 39.77
C ASP F 196 15.46 17.06 40.56
N ASP F 197 15.06 17.84 41.56
CA ASP F 197 13.92 17.46 42.40
C ASP F 197 12.64 18.22 42.14
N TYR F 198 12.56 19.00 41.05
CA TYR F 198 11.38 19.81 40.83
C TYR F 198 10.52 19.42 39.65
N THR F 199 10.50 18.14 39.31
CA THR F 199 9.75 17.70 38.16
C THR F 199 8.28 18.14 38.18
N GLU F 200 7.61 17.94 39.31
CA GLU F 200 6.18 18.28 39.42
C GLU F 200 5.94 19.77 39.19
N GLU F 201 6.79 20.63 39.74
CA GLU F 201 6.63 22.07 39.53
C GLU F 201 6.94 22.47 38.06
N ARG F 202 7.88 21.77 37.42
CA ARG F 202 8.20 22.08 36.02
C ARG F 202 7.00 21.78 35.15
N LEU F 203 6.34 20.67 35.43
CA LEU F 203 5.14 20.32 34.69
C LEU F 203 3.99 21.28 34.98
N ALA F 204 3.81 21.66 36.25
CA ALA F 204 2.73 22.57 36.61
C ALA F 204 2.83 23.88 35.85
N GLN F 205 4.05 24.31 35.59
CA GLN F 205 4.20 25.55 34.84
C GLN F 205 3.52 25.54 33.47
N LEU F 206 3.32 24.35 32.88
CA LEU F 206 2.76 24.26 31.52
C LEU F 206 1.24 24.03 31.49
N GLN F 207 0.59 24.18 32.66
CA GLN F 207 -0.86 24.00 32.73
C GLN F 207 -1.62 25.27 32.32
N ASP F 208 -1.61 25.58 31.03
CA ASP F 208 -2.35 26.73 30.46
C ASP F 208 -2.56 26.34 28.99
N PRO F 209 -3.39 27.09 28.26
CA PRO F 209 -3.61 26.68 26.87
C PRO F 209 -2.52 26.88 25.84
N PHE F 210 -1.50 27.66 26.18
CA PHE F 210 -0.48 28.02 25.17
C PHE F 210 0.94 27.49 25.30
N SER F 211 1.47 27.54 26.51
CA SER F 211 2.88 27.23 26.72
C SER F 211 3.42 26.02 25.97
N LEU F 212 2.69 24.92 26.14
CA LEU F 212 2.99 23.62 25.54
C LEU F 212 1.92 23.21 24.55
N TYR F 213 0.66 23.46 24.91
CA TYR F 213 -0.42 22.93 24.06
C TYR F 213 -0.71 23.54 22.68
N ARG F 214 0.07 24.51 22.19
CA ARG F 214 -0.13 24.96 20.83
C ARG F 214 0.58 23.97 19.87
N CYS F 215 1.40 23.06 20.37
CA CYS F 215 2.08 22.08 19.47
C CYS F 215 1.04 21.07 18.89
N HIS F 216 0.95 20.95 17.57
CA HIS F 216 0.02 20.00 16.92
C HIS F 216 0.75 18.91 16.15
N THR F 217 1.99 18.61 16.54
CA THR F 217 2.79 17.58 15.91
C THR F 217 3.04 17.78 14.43
N ILE F 218 3.36 19.02 14.02
CA ILE F 218 3.62 19.30 12.59
C ILE F 218 4.95 18.65 12.15
N MET F 219 5.88 18.63 13.08
CA MET F 219 7.21 18.04 12.92
C MET F 219 8.23 18.72 11.99
N ASN F 220 8.04 20.00 11.72
CA ASN F 220 9.02 20.74 10.93
C ASN F 220 10.28 20.85 11.81
N CYS F 221 10.08 20.93 13.13
CA CYS F 221 11.21 21.10 14.05
C CYS F 221 12.23 20.00 13.95
N THR F 222 11.80 18.75 14.01
CA THR F 222 12.75 17.68 13.92
C THR F 222 13.37 17.60 12.50
N ARG F 223 12.59 17.88 11.46
CA ARG F 223 13.16 17.82 10.12
C ARG F 223 14.30 18.85 9.91
N THR F 224 14.18 20.01 10.51
CA THR F 224 15.17 21.07 10.25
C THR F 224 16.37 21.13 11.20
N CYS F 225 16.30 20.45 12.33
CA CYS F 225 17.41 20.56 13.30
C CYS F 225 18.78 20.20 12.75
N PRO F 226 19.73 21.16 12.75
CA PRO F 226 21.09 20.86 12.24
C PRO F 226 21.92 19.90 13.09
N LYS F 227 21.50 19.65 14.33
CA LYS F 227 22.18 18.74 15.20
C LYS F 227 21.52 17.34 15.17
N GLY F 228 20.48 17.18 14.36
CA GLY F 228 19.83 15.87 14.28
C GLY F 228 19.05 15.43 15.54
N LEU F 229 18.55 16.39 16.32
CA LEU F 229 17.84 16.07 17.56
C LEU F 229 16.39 15.94 17.22
N ASN F 230 15.58 15.59 18.23
CA ASN F 230 14.14 15.40 17.93
C ASN F 230 13.25 16.12 18.96
N PRO F 231 13.15 17.46 18.85
CA PRO F 231 12.30 18.19 19.80
C PRO F 231 10.83 17.75 19.75
N GLY F 232 10.35 17.34 18.59
CA GLY F 232 8.96 16.90 18.52
C GLY F 232 8.70 15.70 19.43
N LYS F 233 9.62 14.74 19.45
CA LYS F 233 9.46 13.57 20.30
C LYS F 233 9.51 14.01 21.78
N ALA F 234 10.41 14.94 22.10
CA ALA F 234 10.49 15.43 23.48
C ALA F 234 9.17 16.09 23.92
N ILE F 235 8.53 16.85 23.05
CA ILE F 235 7.25 17.48 23.38
C ILE F 235 6.18 16.37 23.67
N ALA F 236 6.20 15.33 22.85
CA ALA F 236 5.25 14.23 23.08
C ALA F 236 5.49 13.57 24.45
N GLU F 237 6.75 13.41 24.87
CA GLU F 237 7.05 12.83 26.18
C GLU F 237 6.53 13.76 27.29
N ILE F 238 6.65 15.07 27.12
CA ILE F 238 6.13 15.95 28.16
C ILE F 238 4.59 15.80 28.26
N LYS F 239 3.91 15.76 27.10
CA LYS F 239 2.45 15.65 27.10
C LYS F 239 2.04 14.36 27.83
N LYS F 240 2.80 13.28 27.67
CA LYS F 240 2.46 12.04 28.42
C LYS F 240 2.62 12.23 29.93
N MET F 241 3.70 12.88 30.34
CA MET F 241 3.89 13.15 31.76
C MET F 241 2.81 14.10 32.32
N MET F 242 2.42 15.11 31.54
CA MET F 242 1.40 16.03 32.01
C MET F 242 0.10 15.26 32.29
N ALA F 243 -0.17 14.26 31.45
CA ALA F 243 -1.40 13.48 31.54
C ALA F 243 -1.41 12.51 32.70
N THR F 244 -0.24 12.11 33.18
CA THR F 244 -0.21 11.13 34.24
C THR F 244 0.31 11.53 35.60
N TYR F 245 1.04 12.64 35.73
CA TYR F 245 1.60 12.99 37.03
C TYR F 245 0.59 13.25 38.14
N LYS F 246 1.00 12.97 39.36
CA LYS F 246 0.19 13.18 40.57
C LYS F 246 0.65 14.43 41.32
N ALA G 2 19.18 42.80 37.05
CA ALA G 2 18.53 41.80 36.17
C ALA G 2 17.07 42.19 35.91
N THR G 3 16.47 41.51 34.94
CA THR G 3 15.07 41.71 34.55
C THR G 3 14.47 40.30 34.52
N THR G 4 13.24 40.16 35.01
CA THR G 4 12.58 38.87 35.01
C THR G 4 12.25 38.51 33.55
N ALA G 5 12.03 37.22 33.30
CA ALA G 5 11.70 36.78 31.96
C ALA G 5 10.41 37.49 31.51
N LYS G 6 9.45 37.65 32.43
CA LYS G 6 8.21 38.33 32.04
C LYS G 6 8.41 39.79 31.63
N GLU G 7 9.32 40.50 32.31
CA GLU G 7 9.58 41.91 31.96
C GLU G 7 10.32 41.94 30.61
N GLU G 8 11.23 41.00 30.36
CA GLU G 8 11.93 40.98 29.06
C GLU G 8 10.94 40.76 27.91
N MET G 9 9.95 39.89 28.09
CA MET G 9 9.01 39.65 27.01
C MET G 9 8.17 40.91 26.76
N ALA G 10 7.72 41.58 27.82
CA ALA G 10 6.94 42.80 27.63
C ALA G 10 7.79 43.83 26.91
N ARG G 11 9.05 43.98 27.29
CA ARG G 11 9.88 44.97 26.63
C ARG G 11 10.09 44.64 25.14
N PHE G 12 10.25 43.36 24.84
CA PHE G 12 10.42 42.94 23.45
C PHE G 12 9.21 43.36 22.61
N TRP G 13 7.99 43.14 23.11
CA TRP G 13 6.84 43.53 22.31
C TRP G 13 6.65 45.05 22.23
N GLU G 14 6.93 45.73 23.33
CA GLU G 14 6.78 47.18 23.32
C GLU G 14 7.71 47.79 22.29
N LYS G 15 8.97 47.38 22.31
CA LYS G 15 10.00 47.89 21.39
C LYS G 15 9.72 47.58 19.91
N ASN G 16 9.49 46.31 19.59
CA ASN G 16 9.28 45.92 18.21
C ASN G 16 7.97 46.37 17.56
N THR G 17 6.86 46.42 18.31
CA THR G 17 5.61 46.84 17.68
C THR G 17 5.61 48.37 17.35
N LYS G 18 6.43 49.16 18.04
CA LYS G 18 6.46 50.57 17.72
C LYS G 18 7.69 50.92 16.85
N SER G 19 8.44 49.91 16.41
CA SER G 19 9.64 50.17 15.60
C SER G 19 9.35 50.12 14.11
N SER G 20 10.39 50.41 13.34
CA SER G 20 10.29 50.32 11.89
C SER G 20 10.75 48.96 11.37
N ARG G 21 11.05 47.99 12.25
CA ARG G 21 11.53 46.71 11.73
C ARG G 21 10.49 45.87 10.99
N PRO G 22 10.87 45.29 9.85
CA PRO G 22 9.93 44.44 9.10
C PRO G 22 9.94 43.04 9.74
N LEU G 23 8.90 42.28 9.43
CA LEU G 23 8.77 40.91 9.90
C LEU G 23 9.31 40.08 8.72
N SER G 24 10.28 39.20 8.97
CA SER G 24 10.90 38.39 7.91
C SER G 24 9.84 37.43 7.33
N PRO G 25 9.91 37.12 6.02
CA PRO G 25 8.91 36.23 5.43
C PRO G 25 8.89 34.81 6.00
N HIS G 26 7.77 34.16 5.84
CA HIS G 26 7.64 32.84 6.40
C HIS G 26 6.91 31.90 5.50
N ILE G 27 5.57 31.88 5.60
CA ILE G 27 4.82 30.92 4.78
C ILE G 27 5.10 31.08 3.29
N SER G 28 5.42 32.28 2.84
CA SER G 28 5.71 32.48 1.41
C SER G 28 7.08 31.99 0.91
N ILE G 29 8.01 31.69 1.83
CA ILE G 29 9.33 31.25 1.38
C ILE G 29 9.74 29.91 1.99
N TYR G 30 8.99 29.37 2.93
CA TYR G 30 9.38 28.09 3.55
C TYR G 30 9.17 26.90 2.65
N LYS G 31 10.13 25.97 2.62
CA LYS G 31 9.99 24.83 1.79
C LYS G 31 8.98 23.81 2.38
N TRP G 32 8.01 23.42 1.57
CA TRP G 32 7.02 22.44 2.01
C TRP G 32 7.57 21.02 2.00
N SER G 33 7.00 20.15 2.84
CA SER G 33 7.37 18.73 2.85
C SER G 33 6.03 17.96 2.87
N LEU G 34 6.07 16.65 2.62
CA LEU G 34 4.81 15.89 2.69
C LEU G 34 4.18 15.97 4.11
N PRO G 35 4.97 15.76 5.19
CA PRO G 35 4.34 15.86 6.52
C PRO G 35 3.73 17.23 6.78
N MET G 36 4.38 18.30 6.31
CA MET G 36 3.82 19.62 6.53
C MET G 36 2.47 19.80 5.77
N ALA G 37 2.43 19.37 4.52
CA ALA G 37 1.21 19.43 3.72
C ALA G 37 0.12 18.54 4.35
N MET G 38 0.49 17.38 4.87
CA MET G 38 -0.54 16.50 5.44
C MET G 38 -1.10 17.06 6.74
N SER G 39 -0.30 17.88 7.42
CA SER G 39 -0.73 18.48 8.67
C SER G 39 -1.79 19.55 8.43
N ILE G 40 -1.59 20.44 7.46
CA ILE G 40 -2.60 21.45 7.23
C ILE G 40 -3.84 20.80 6.57
N THR G 41 -3.64 19.70 5.85
CA THR G 41 -4.79 19.01 5.23
C THR G 41 -5.65 18.34 6.34
N HIS G 42 -5.02 17.88 7.43
CA HIS G 42 -5.78 17.27 8.50
C HIS G 42 -6.71 18.33 9.09
N ARG G 43 -6.17 19.54 9.29
CA ARG G 43 -6.97 20.65 9.82
C ARG G 43 -8.08 21.05 8.84
N GLY G 44 -7.75 21.12 7.55
CA GLY G 44 -8.69 21.50 6.54
C GLY G 44 -9.84 20.49 6.44
N THR G 45 -9.51 19.21 6.47
CA THR G 45 -10.58 18.22 6.40
C THR G 45 -11.44 18.24 7.68
N GLY G 46 -10.80 18.42 8.84
CA GLY G 46 -11.56 18.50 10.09
C GLY G 46 -12.58 19.64 10.05
N VAL G 47 -12.14 20.82 9.63
CA VAL G 47 -13.04 21.95 9.52
C VAL G 47 -14.15 21.71 8.49
N ALA G 48 -13.82 21.12 7.33
CA ALA G 48 -14.83 20.87 6.30
C ALA G 48 -15.89 19.89 6.83
N LEU G 49 -15.44 18.88 7.55
CA LEU G 49 -16.34 17.88 8.10
C LEU G 49 -17.29 18.50 9.11
N SER G 50 -16.79 19.45 9.90
CA SER G 50 -17.60 20.10 10.91
C SER G 50 -18.63 20.98 10.27
N LEU G 51 -18.21 21.73 9.25
CA LEU G 51 -19.13 22.62 8.58
C LEU G 51 -20.21 21.78 7.93
N GLY G 52 -19.80 20.61 7.46
CA GLY G 52 -20.71 19.68 6.81
C GLY G 52 -21.79 19.21 7.77
N VAL G 53 -21.35 18.73 8.94
CA VAL G 53 -22.28 18.28 9.96
C VAL G 53 -23.21 19.43 10.41
N SER G 54 -22.66 20.64 10.55
CA SER G 54 -23.49 21.79 10.96
C SER G 54 -24.55 22.16 9.90
N LEU G 55 -24.19 22.08 8.61
CA LEU G 55 -25.14 22.38 7.55
C LEU G 55 -26.25 21.34 7.50
N PHE G 56 -25.88 20.08 7.68
CA PHE G 56 -26.83 18.99 7.68
C PHE G 56 -27.85 19.21 8.79
N SER G 57 -27.33 19.43 9.99
CA SER G 57 -28.12 19.66 11.18
C SER G 57 -29.07 20.84 10.98
N LEU G 58 -28.56 21.88 10.32
CA LEU G 58 -29.35 23.08 10.04
C LEU G 58 -30.43 22.80 8.99
N ALA G 59 -30.10 21.98 7.99
CA ALA G 59 -31.04 21.63 6.95
C ALA G 59 -32.17 20.80 7.57
N ALA G 60 -31.82 19.96 8.53
CA ALA G 60 -32.82 19.13 9.20
C ALA G 60 -33.85 20.02 9.89
N LEU G 61 -33.39 21.11 10.49
CA LEU G 61 -34.29 22.01 11.19
C LEU G 61 -35.02 22.98 10.27
N LEU G 62 -34.49 23.27 9.09
CA LEU G 62 -35.14 24.26 8.24
C LEU G 62 -35.80 23.82 6.96
N LEU G 63 -35.47 22.64 6.45
CA LEU G 63 -36.09 22.22 5.22
C LEU G 63 -37.53 21.75 5.45
N PRO G 64 -38.41 22.01 4.49
CA PRO G 64 -39.84 21.65 4.52
C PRO G 64 -40.08 20.15 4.61
N GLU G 65 -39.41 19.40 3.75
CA GLU G 65 -39.59 17.95 3.71
C GLU G 65 -38.57 17.18 4.54
N GLN G 66 -38.81 15.88 4.71
CA GLN G 66 -37.88 15.05 5.45
C GLN G 66 -36.89 14.38 4.50
N PHE G 67 -35.87 13.73 5.07
CA PHE G 67 -34.79 13.12 4.29
C PHE G 67 -35.17 12.22 3.09
N PRO G 68 -36.04 11.22 3.31
CA PRO G 68 -36.44 10.31 2.23
C PRO G 68 -36.98 11.01 0.98
N HIS G 69 -37.68 12.13 1.16
CA HIS G 69 -38.21 12.86 0.01
C HIS G 69 -37.11 13.36 -0.91
N TYR G 70 -36.05 13.92 -0.32
CA TYR G 70 -34.95 14.43 -1.12
C TYR G 70 -34.15 13.29 -1.75
N VAL G 71 -34.03 12.16 -1.08
CA VAL G 71 -33.31 11.06 -1.67
C VAL G 71 -34.09 10.58 -2.92
N ALA G 72 -35.41 10.50 -2.80
CA ALA G 72 -36.25 10.05 -3.91
C ALA G 72 -36.12 10.98 -5.10
N VAL G 73 -36.14 12.29 -4.85
CA VAL G 73 -36.02 13.24 -5.94
C VAL G 73 -34.71 13.06 -6.72
N VAL G 74 -33.60 12.82 -6.03
CA VAL G 74 -32.36 12.62 -6.74
C VAL G 74 -32.42 11.32 -7.56
N LYS G 75 -32.92 10.25 -6.95
CA LYS G 75 -33.04 8.97 -7.65
C LYS G 75 -33.90 9.08 -8.91
N SER G 76 -34.90 9.97 -8.85
CA SER G 76 -35.82 10.16 -9.97
C SER G 76 -35.13 10.76 -11.18
N LEU G 77 -33.99 11.43 -10.98
CA LEU G 77 -33.29 12.05 -12.10
C LEU G 77 -32.48 11.06 -12.94
N SER G 78 -32.30 9.83 -12.45
CA SER G 78 -31.53 8.83 -13.18
C SER G 78 -30.18 9.40 -13.65
N LEU G 79 -29.39 9.91 -12.72
CA LEU G 79 -28.08 10.48 -13.04
C LEU G 79 -27.11 9.37 -13.45
N SER G 80 -26.09 9.71 -14.24
CA SER G 80 -25.10 8.73 -14.68
C SER G 80 -24.46 8.03 -13.49
N PRO G 81 -24.29 6.69 -13.57
CA PRO G 81 -23.70 5.79 -12.55
C PRO G 81 -22.25 6.13 -12.26
N ALA G 82 -21.62 6.76 -13.24
CA ALA G 82 -20.22 7.14 -13.13
C ALA G 82 -20.13 8.47 -12.36
N LEU G 83 -21.08 9.35 -12.62
CA LEU G 83 -21.12 10.65 -11.95
C LEU G 83 -21.47 10.44 -10.47
N ILE G 84 -22.36 9.50 -10.19
CA ILE G 84 -22.74 9.20 -8.81
C ILE G 84 -21.54 8.61 -8.07
N TYR G 85 -20.80 7.75 -8.76
CA TYR G 85 -19.62 7.12 -8.19
C TYR G 85 -18.60 8.17 -7.79
N SER G 86 -18.42 9.14 -8.67
CA SER G 86 -17.46 10.21 -8.46
C SER G 86 -17.87 11.10 -7.31
N ALA G 87 -19.17 11.31 -7.17
CA ALA G 87 -19.69 12.14 -6.09
C ALA G 87 -19.49 11.41 -4.76
N LYS G 88 -19.69 10.09 -4.74
CA LYS G 88 -19.49 9.35 -3.50
C LYS G 88 -18.01 9.36 -3.11
N PHE G 89 -17.13 9.31 -4.11
CA PHE G 89 -15.69 9.32 -3.83
C PHE G 89 -15.34 10.64 -3.12
N ALA G 90 -15.89 11.74 -3.64
CA ALA G 90 -15.66 13.08 -3.10
C ALA G 90 -16.18 13.30 -1.69
N LEU G 91 -17.32 12.73 -1.34
CA LEU G 91 -17.86 12.90 0.00
C LEU G 91 -17.10 12.06 1.02
N VAL G 92 -16.63 10.89 0.59
CA VAL G 92 -15.94 10.01 1.53
C VAL G 92 -14.44 10.33 1.70
N PHE G 93 -13.83 10.88 0.66
CA PHE G 93 -12.40 11.16 0.68
C PHE G 93 -11.92 11.97 1.90
N PRO G 94 -12.51 13.14 2.16
CA PRO G 94 -12.04 13.89 3.32
C PRO G 94 -12.26 13.17 4.65
N LEU G 95 -13.31 12.37 4.75
CA LEU G 95 -13.57 11.67 6.00
C LEU G 95 -12.58 10.54 6.19
N SER G 96 -12.28 9.85 5.11
CA SER G 96 -11.33 8.74 5.11
C SER G 96 -9.94 9.32 5.49
N TYR G 97 -9.57 10.40 4.83
CA TYR G 97 -8.25 11.04 5.10
C TYR G 97 -8.12 11.42 6.58
N HIS G 98 -9.11 12.18 7.08
CA HIS G 98 -9.11 12.62 8.49
C HIS G 98 -9.07 11.46 9.48
N THR G 99 -9.79 10.39 9.20
CA THR G 99 -9.82 9.21 10.07
C THR G 99 -8.48 8.49 10.13
N TRP G 100 -7.92 8.18 8.98
CA TRP G 100 -6.63 7.49 9.00
C TRP G 100 -5.51 8.38 9.58
N ASN G 101 -5.50 9.65 9.20
CA ASN G 101 -4.43 10.54 9.73
C ASN G 101 -4.71 10.80 11.22
N GLY G 102 -6.00 10.72 11.64
CA GLY G 102 -6.34 10.92 13.04
C GLY G 102 -5.73 9.79 13.84
N ILE G 103 -5.80 8.58 13.29
CA ILE G 103 -5.21 7.42 13.95
C ILE G 103 -3.67 7.63 14.05
N ARG G 104 -3.05 8.15 12.99
CA ARG G 104 -1.60 8.43 13.00
C ARG G 104 -1.30 9.44 14.17
N HIS G 105 -2.17 10.45 14.35
CA HIS G 105 -2.01 11.40 15.47
C HIS G 105 -2.12 10.74 16.84
N LEU G 106 -3.07 9.80 17.01
CA LEU G 106 -3.19 9.16 18.33
C LEU G 106 -1.99 8.28 18.63
N VAL G 107 -1.38 7.70 17.59
CA VAL G 107 -0.19 6.88 17.81
C VAL G 107 0.98 7.81 18.23
N TRP G 108 1.07 9.01 17.67
CA TRP G 108 2.09 10.00 18.12
C TRP G 108 1.78 10.38 19.59
N ASP G 109 0.50 10.59 19.90
CA ASP G 109 0.19 10.93 21.28
C ASP G 109 0.61 9.82 22.28
N MET G 110 0.72 8.58 21.81
CA MET G 110 1.18 7.51 22.69
C MET G 110 2.71 7.50 22.70
N GLY G 111 3.31 8.42 21.93
CA GLY G 111 4.76 8.55 21.91
C GLY G 111 5.45 7.71 20.85
N LYS G 112 4.74 7.22 19.83
CA LYS G 112 5.38 6.35 18.82
C LYS G 112 5.42 6.89 17.40
N GLY G 113 6.41 6.42 16.63
CA GLY G 113 6.53 6.84 15.25
C GLY G 113 7.19 8.21 15.03
N PHE G 114 8.08 8.61 15.92
CA PHE G 114 8.74 9.94 15.78
C PHE G 114 10.05 10.10 14.96
N LYS G 115 10.68 9.01 14.56
CA LYS G 115 11.88 9.12 13.72
C LYS G 115 11.46 9.72 12.42
N LEU G 116 12.31 10.56 11.82
CA LEU G 116 11.91 11.17 10.55
C LEU G 116 11.51 10.16 9.49
N SER G 117 12.21 9.04 9.41
CA SER G 117 11.86 8.02 8.40
C SER G 117 10.47 7.45 8.71
N GLN G 118 10.12 7.32 10.00
CA GLN G 118 8.80 6.79 10.38
C GLN G 118 7.72 7.78 10.06
N VAL G 119 8.00 9.07 10.30
CA VAL G 119 7.03 10.10 9.97
C VAL G 119 6.72 10.10 8.47
N GLU G 120 7.75 9.95 7.65
CA GLU G 120 7.52 9.94 6.20
C GLU G 120 6.81 8.67 5.76
N GLN G 121 7.21 7.53 6.30
CA GLN G 121 6.57 6.29 5.92
C GLN G 121 5.11 6.22 6.38
N SER G 122 4.81 6.62 7.61
CA SER G 122 3.43 6.56 8.09
C SER G 122 2.59 7.50 7.27
N GLY G 123 3.16 8.62 6.83
CA GLY G 123 2.39 9.55 6.01
C GLY G 123 1.97 8.97 4.65
N VAL G 124 2.91 8.30 3.97
CA VAL G 124 2.60 7.67 2.69
C VAL G 124 1.59 6.51 2.90
N VAL G 125 1.73 5.76 4.00
CA VAL G 125 0.79 4.67 4.29
C VAL G 125 -0.63 5.28 4.42
N VAL G 126 -0.74 6.41 5.13
CA VAL G 126 -2.03 7.08 5.28
C VAL G 126 -2.62 7.50 3.93
N LEU G 127 -1.80 8.00 3.00
CA LEU G 127 -2.34 8.38 1.69
C LEU G 127 -2.85 7.17 0.90
N ILE G 128 -2.12 6.07 0.99
CA ILE G 128 -2.48 4.84 0.31
C ILE G 128 -3.79 4.29 0.91
N LEU G 129 -3.86 4.20 2.24
CA LEU G 129 -5.10 3.72 2.88
C LEU G 129 -6.26 4.60 2.51
N THR G 130 -6.04 5.91 2.42
CA THR G 130 -7.11 6.85 2.11
C THR G 130 -7.65 6.59 0.71
N LEU G 131 -6.75 6.39 -0.25
CA LEU G 131 -7.17 6.13 -1.60
C LEU G 131 -7.87 4.77 -1.77
N LEU G 132 -7.32 3.71 -1.16
CA LEU G 132 -7.92 2.38 -1.23
C LEU G 132 -9.31 2.37 -0.61
N SER G 133 -9.39 3.05 0.50
CA SER G 133 -10.63 3.13 1.25
C SER G 133 -11.69 3.84 0.45
N SER G 134 -11.37 5.06 0.06
CA SER G 134 -12.33 5.88 -0.66
C SER G 134 -12.79 5.23 -1.95
N ALA G 135 -11.87 4.65 -2.70
CA ALA G 135 -12.24 3.99 -3.94
C ALA G 135 -13.15 2.79 -3.67
N ALA G 136 -12.79 1.98 -2.69
CA ALA G 136 -13.59 0.81 -2.34
C ALA G 136 -14.99 1.18 -1.83
N ILE G 137 -15.05 2.14 -0.92
CA ILE G 137 -16.33 2.58 -0.35
C ILE G 137 -17.23 3.29 -1.37
N ALA G 138 -16.65 4.05 -2.29
CA ALA G 138 -17.47 4.75 -3.27
C ALA G 138 -18.13 3.79 -4.26
N SER G 139 -17.56 2.60 -4.41
CA SER G 139 -18.12 1.65 -5.36
C SER G 139 -19.22 0.78 -4.78
N GLU G 140 -19.40 0.83 -3.46
CA GLU G 140 -20.45 0.04 -2.85
C GLU G 140 -21.65 0.93 -2.56
N SER H 3 -6.66 23.37 38.37
CA SER H 3 -5.17 23.27 38.60
C SER H 3 -4.54 22.43 37.47
N LYS H 4 -5.27 21.43 37.02
CA LYS H 4 -4.81 20.57 35.95
C LYS H 4 -5.80 20.62 34.80
N ALA H 5 -6.50 21.73 34.70
CA ALA H 5 -7.48 21.86 33.65
C ALA H 5 -6.93 21.66 32.25
N ALA H 6 -5.70 22.12 31.97
CA ALA H 6 -5.19 21.96 30.60
C ALA H 6 -4.87 20.54 30.18
N SER H 7 -4.21 19.78 31.05
CA SER H 7 -3.89 18.41 30.70
C SER H 7 -5.17 17.58 30.69
N LEU H 8 -6.11 17.92 31.58
CA LEU H 8 -7.38 17.20 31.62
C LEU H 8 -8.10 17.38 30.32
N HIS H 9 -8.11 18.62 29.82
CA HIS H 9 -8.77 18.89 28.56
C HIS H 9 -8.10 18.11 27.42
N TRP H 10 -6.76 18.11 27.38
CA TRP H 10 -6.04 17.37 26.33
C TRP H 10 -6.42 15.89 26.36
N THR H 11 -6.45 15.31 27.56
CA THR H 11 -6.83 13.91 27.71
C THR H 11 -8.28 13.65 27.23
N SER H 12 -9.22 14.50 27.64
CA SER H 12 -10.64 14.34 27.21
C SER H 12 -10.75 14.38 25.70
N GLU H 13 -9.99 15.29 25.08
CA GLU H 13 -10.01 15.42 23.62
C GLU H 13 -9.57 14.14 22.95
N ARG H 14 -8.53 13.51 23.48
CA ARG H 14 -8.07 12.26 22.85
C ARG H 14 -9.07 11.12 23.12
N ALA H 15 -9.67 11.11 24.32
CA ALA H 15 -10.65 10.08 24.67
C ALA H 15 -11.86 10.15 23.72
N VAL H 16 -12.35 11.34 23.45
CA VAL H 16 -13.48 11.51 22.56
C VAL H 16 -13.11 11.13 21.11
N SER H 17 -11.89 11.43 20.68
CA SER H 17 -11.45 11.05 19.32
C SER H 17 -11.49 9.54 19.20
N ALA H 18 -11.01 8.87 20.23
CA ALA H 18 -10.99 7.41 20.27
C ALA H 18 -12.45 6.89 20.14
N LEU H 19 -13.35 7.46 20.95
CA LEU H 19 -14.76 7.10 20.93
C LEU H 19 -15.30 7.17 19.49
N LEU H 20 -15.14 8.32 18.84
CA LEU H 20 -15.60 8.45 17.46
C LEU H 20 -15.06 7.32 16.60
N LEU H 21 -13.79 6.98 16.82
CA LEU H 21 -13.20 5.93 16.04
C LEU H 21 -14.03 4.64 16.19
N GLY H 22 -14.36 4.29 17.43
CA GLY H 22 -15.15 3.09 17.69
C GLY H 22 -16.58 3.18 17.18
N LEU H 23 -17.18 4.37 17.20
CA LEU H 23 -18.54 4.52 16.72
C LEU H 23 -18.69 4.25 15.23
N LEU H 24 -17.63 4.48 14.44
CA LEU H 24 -17.72 4.21 13.01
C LEU H 24 -18.09 2.75 12.74
N PRO H 25 -17.31 1.79 13.30
CA PRO H 25 -17.58 0.36 13.12
C PRO H 25 -18.93 0.00 13.71
N ALA H 26 -19.22 0.56 14.88
CA ALA H 26 -20.48 0.30 15.56
C ALA H 26 -21.66 0.78 14.73
N ALA H 27 -21.46 1.85 13.95
CA ALA H 27 -22.51 2.38 13.11
C ALA H 27 -22.81 1.38 12.01
N TYR H 28 -21.78 0.65 11.59
CA TYR H 28 -21.92 -0.34 10.56
C TYR H 28 -22.43 -1.69 11.08
N LEU H 29 -22.07 -2.04 12.31
CA LEU H 29 -22.49 -3.31 12.87
C LEU H 29 -23.76 -3.25 13.71
N TYR H 30 -24.05 -2.09 14.29
CA TYR H 30 -25.23 -1.94 15.13
C TYR H 30 -26.03 -0.68 14.93
N PRO H 31 -26.45 -0.41 13.69
CA PRO H 31 -27.24 0.80 13.35
C PRO H 31 -28.40 0.89 14.32
N GLY H 32 -28.73 2.08 14.79
CA GLY H 32 -29.83 2.21 15.72
C GLY H 32 -29.76 3.46 16.56
N PRO H 33 -30.72 3.69 17.47
CA PRO H 33 -30.75 4.87 18.34
C PRO H 33 -29.56 5.07 19.29
N ALA H 34 -29.03 3.99 19.86
CA ALA H 34 -27.90 4.14 20.77
C ALA H 34 -26.70 4.75 20.03
N VAL H 35 -26.36 4.19 18.88
CA VAL H 35 -25.26 4.71 18.09
C VAL H 35 -25.64 6.08 17.52
N ASP H 36 -26.90 6.24 17.09
CA ASP H 36 -27.32 7.51 16.53
C ASP H 36 -27.15 8.69 17.48
N TYR H 37 -27.58 8.52 18.73
CA TYR H 37 -27.46 9.62 19.69
C TYR H 37 -26.03 9.74 20.20
N SER H 38 -25.32 8.62 20.22
CA SER H 38 -23.92 8.65 20.67
C SER H 38 -23.11 9.46 19.66
N LEU H 39 -23.36 9.22 18.38
CA LEU H 39 -22.66 9.96 17.33
C LEU H 39 -23.02 11.43 17.39
N ALA H 40 -24.28 11.72 17.71
CA ALA H 40 -24.72 13.09 17.76
C ALA H 40 -23.90 13.86 18.79
N ALA H 41 -23.73 13.25 19.95
CA ALA H 41 -22.99 13.88 21.02
C ALA H 41 -21.49 13.94 20.71
N ALA H 42 -20.89 12.83 20.29
CA ALA H 42 -19.46 12.75 19.96
C ALA H 42 -19.09 13.67 18.81
N LEU H 43 -19.87 13.66 17.74
CA LEU H 43 -19.59 14.55 16.62
C LEU H 43 -19.65 16.00 17.06
N THR H 44 -20.61 16.31 17.94
CA THR H 44 -20.75 17.68 18.41
C THR H 44 -19.60 18.09 19.31
N LEU H 45 -19.23 17.23 20.26
CA LEU H 45 -18.17 17.54 21.20
C LEU H 45 -16.78 17.60 20.54
N HIS H 46 -16.44 16.59 19.72
CA HIS H 46 -15.15 16.53 18.99
C HIS H 46 -15.05 17.77 18.09
N GLY H 47 -16.11 18.07 17.36
CA GLY H 47 -16.12 19.24 16.50
C GLY H 47 -16.00 20.56 17.25
N HIS H 48 -16.68 20.68 18.41
CA HIS H 48 -16.66 21.88 19.22
C HIS H 48 -15.21 22.18 19.67
N TRP H 49 -14.60 21.17 20.30
CA TRP H 49 -13.22 21.30 20.79
C TRP H 49 -12.24 21.56 19.65
N GLY H 50 -12.44 20.87 18.51
CA GLY H 50 -11.60 21.05 17.33
C GLY H 50 -11.60 22.48 16.80
N LEU H 51 -12.79 23.00 16.50
CA LEU H 51 -12.92 24.40 16.04
C LEU H 51 -12.44 25.33 17.17
N GLY H 52 -12.54 24.86 18.41
CA GLY H 52 -12.06 25.61 19.56
C GLY H 52 -10.52 25.82 19.44
N GLN H 53 -9.79 24.78 19.02
CA GLN H 53 -8.33 24.87 18.85
C GLN H 53 -8.02 25.79 17.66
N VAL H 54 -8.85 25.75 16.63
CA VAL H 54 -8.62 26.60 15.47
C VAL H 54 -8.74 28.09 15.88
N ILE H 55 -9.73 28.40 16.71
CA ILE H 55 -9.96 29.76 17.19
C ILE H 55 -8.76 30.19 18.04
N THR H 56 -8.34 29.30 18.94
CA THR H 56 -7.20 29.63 19.82
C THR H 56 -5.95 29.95 19.01
N ASP H 57 -5.73 29.20 17.94
CA ASP H 57 -4.57 29.43 17.08
C ASP H 57 -4.64 30.68 16.23
N TYR H 58 -5.81 30.96 15.63
CA TYR H 58 -5.86 32.08 14.70
C TYR H 58 -6.56 33.37 15.09
N VAL H 59 -7.32 33.39 16.18
CA VAL H 59 -8.02 34.61 16.57
C VAL H 59 -7.31 35.29 17.73
N HIS H 60 -6.99 36.57 17.57
CA HIS H 60 -6.30 37.29 18.64
C HIS H 60 -6.99 38.59 19.04
N GLY H 61 -6.83 38.96 20.30
CA GLY H 61 -7.48 40.16 20.82
C GLY H 61 -8.60 39.71 21.75
N ASP H 62 -8.59 40.22 22.97
CA ASP H 62 -9.59 39.85 23.97
C ASP H 62 -11.05 39.83 23.47
N THR H 63 -11.49 40.88 22.77
CA THR H 63 -12.87 40.95 22.26
C THR H 63 -13.12 39.97 21.13
N PRO H 64 -12.27 40.00 20.09
CA PRO H 64 -12.49 39.04 19.01
C PRO H 64 -12.54 37.58 19.53
N ILE H 65 -11.69 37.21 20.48
CA ILE H 65 -11.69 35.84 21.01
C ILE H 65 -13.00 35.51 21.73
N LYS H 66 -13.52 36.45 22.51
CA LYS H 66 -14.78 36.21 23.22
C LYS H 66 -15.92 36.12 22.22
N VAL H 67 -15.93 37.00 21.24
CA VAL H 67 -17.00 36.94 20.24
C VAL H 67 -16.95 35.59 19.53
N ALA H 68 -15.76 35.19 19.08
CA ALA H 68 -15.60 33.92 18.37
C ALA H 68 -16.07 32.73 19.21
N ASN H 69 -15.63 32.65 20.45
CA ASN H 69 -16.02 31.53 21.29
C ASN H 69 -17.49 31.51 21.68
N THR H 70 -18.15 32.67 21.63
CA THR H 70 -19.56 32.76 21.97
C THR H 70 -20.31 32.21 20.78
N GLY H 71 -19.92 32.65 19.58
CA GLY H 71 -20.57 32.15 18.38
C GLY H 71 -20.35 30.67 18.22
N LEU H 72 -19.19 30.16 18.63
CA LEU H 72 -18.94 28.73 18.48
C LEU H 72 -19.94 27.99 19.36
N TYR H 73 -20.17 28.45 20.60
CA TYR H 73 -21.13 27.82 21.50
C TYR H 73 -22.54 27.74 20.87
N VAL H 74 -22.94 28.82 20.20
CA VAL H 74 -24.22 28.92 19.53
C VAL H 74 -24.29 27.90 18.42
N LEU H 75 -23.24 27.83 17.59
CA LEU H 75 -23.21 26.88 16.50
C LEU H 75 -23.30 25.43 17.02
N SER H 76 -22.53 25.11 18.06
CA SER H 76 -22.57 23.75 18.58
C SER H 76 -23.93 23.39 19.19
N ALA H 77 -24.60 24.40 19.77
CA ALA H 77 -25.91 24.21 20.38
C ALA H 77 -26.90 23.84 19.29
N ILE H 78 -26.93 24.67 18.26
CA ILE H 78 -27.83 24.44 17.14
C ILE H 78 -27.52 23.11 16.48
N THR H 79 -26.25 22.76 16.42
CA THR H 79 -25.86 21.51 15.77
C THR H 79 -26.35 20.28 16.53
N PHE H 80 -26.16 20.27 17.83
CA PHE H 80 -26.58 19.13 18.63
C PHE H 80 -28.11 19.01 18.61
N THR H 81 -28.77 20.15 18.64
CA THR H 81 -30.23 20.17 18.60
C THR H 81 -30.74 19.57 17.29
N GLY H 82 -30.25 20.09 16.17
CA GLY H 82 -30.65 19.57 14.88
C GLY H 82 -30.40 18.08 14.73
N LEU H 83 -29.27 17.59 15.21
CA LEU H 83 -28.98 16.16 15.06
C LEU H 83 -29.91 15.31 15.92
N CYS H 84 -30.18 15.77 17.14
CA CYS H 84 -31.09 15.05 18.03
C CYS H 84 -32.50 15.08 17.43
N TYR H 85 -32.86 16.24 16.90
CA TYR H 85 -34.15 16.46 16.23
C TYR H 85 -34.31 15.48 15.07
N PHE H 86 -33.28 15.39 14.24
CA PHE H 86 -33.26 14.49 13.08
C PHE H 86 -33.36 13.04 13.55
N ASN H 87 -32.72 12.71 14.67
CA ASN H 87 -32.76 11.34 15.19
C ASN H 87 -34.13 10.98 15.80
N TYR H 88 -34.84 12.00 16.29
CA TYR H 88 -36.11 11.78 16.93
C TYR H 88 -37.28 11.72 15.95
N TYR H 89 -37.34 12.69 15.04
CA TYR H 89 -38.42 12.83 14.08
C TYR H 89 -38.18 12.32 12.66
N ASP H 90 -36.95 11.94 12.34
CA ASP H 90 -36.65 11.45 10.99
C ASP H 90 -35.98 10.09 11.10
N VAL H 91 -35.39 9.60 10.02
CA VAL H 91 -34.78 8.28 10.05
C VAL H 91 -33.54 8.04 10.92
N GLY H 92 -32.84 9.10 11.31
CA GLY H 92 -31.66 8.90 12.13
C GLY H 92 -30.39 8.86 11.31
N ILE H 93 -29.27 9.22 11.94
CA ILE H 93 -27.98 9.25 11.23
C ILE H 93 -27.59 8.00 10.43
N CYS H 94 -27.54 6.84 11.08
CA CYS H 94 -27.13 5.62 10.39
C CYS H 94 -27.95 5.34 9.13
N LYS H 95 -29.26 5.31 9.28
CA LYS H 95 -30.15 5.05 8.15
C LYS H 95 -29.99 6.11 7.05
N ALA H 96 -29.82 7.38 7.42
CA ALA H 96 -29.68 8.42 6.40
C ALA H 96 -28.44 8.16 5.54
N VAL H 97 -27.37 7.70 6.17
CA VAL H 97 -26.16 7.44 5.43
C VAL H 97 -26.38 6.25 4.47
N ALA H 98 -27.05 5.22 4.96
CA ALA H 98 -27.34 4.05 4.12
C ALA H 98 -28.22 4.44 2.94
N MET H 99 -29.32 5.15 3.20
CA MET H 99 -30.19 5.54 2.10
C MET H 99 -29.45 6.38 1.08
N LEU H 100 -28.62 7.29 1.59
CA LEU H 100 -27.86 8.17 0.72
C LEU H 100 -26.98 7.33 -0.19
N TRP H 101 -26.36 6.30 0.39
CA TRP H 101 -25.45 5.43 -0.36
C TRP H 101 -26.14 4.45 -1.30
N SER H 102 -27.45 4.28 -1.15
CA SER H 102 -28.18 3.37 -2.01
C SER H 102 -28.74 4.16 -3.17
N ILE H 103 -27.85 4.78 -3.93
CA ILE H 103 -28.20 5.57 -5.10
C ILE H 103 -27.32 5.11 -6.26
#